data_1WHI
# 
_entry.id   1WHI 
# 
_audit_conform.dict_name       mmcif_pdbx.dic 
_audit_conform.dict_version    5.386 
_audit_conform.dict_location   http://mmcif.pdb.org/dictionaries/ascii/mmcif_pdbx.dic 
# 
loop_
_database_2.database_id 
_database_2.database_code 
_database_2.pdbx_database_accession 
_database_2.pdbx_DOI 
PDB   1WHI         pdb_00001whi 10.2210/pdb1whi/pdb 
WWPDB D_1000177196 ?            ?                   
# 
loop_
_pdbx_audit_revision_history.ordinal 
_pdbx_audit_revision_history.data_content_type 
_pdbx_audit_revision_history.major_revision 
_pdbx_audit_revision_history.minor_revision 
_pdbx_audit_revision_history.revision_date 
1 'Structure model' 1 0 1996-08-17 
2 'Structure model' 1 1 2008-03-24 
3 'Structure model' 1 2 2011-07-13 
4 'Structure model' 1 3 2024-02-14 
# 
_pdbx_audit_revision_details.ordinal             1 
_pdbx_audit_revision_details.revision_ordinal    1 
_pdbx_audit_revision_details.data_content_type   'Structure model' 
_pdbx_audit_revision_details.provider            repository 
_pdbx_audit_revision_details.type                'Initial release' 
_pdbx_audit_revision_details.description         ? 
_pdbx_audit_revision_details.details             ? 
# 
loop_
_pdbx_audit_revision_group.ordinal 
_pdbx_audit_revision_group.revision_ordinal 
_pdbx_audit_revision_group.data_content_type 
_pdbx_audit_revision_group.group 
1 2 'Structure model' 'Version format compliance' 
2 3 'Structure model' 'Version format compliance' 
3 4 'Structure model' 'Data collection'           
4 4 'Structure model' 'Database references'       
5 4 'Structure model' Other                       
# 
loop_
_pdbx_audit_revision_category.ordinal 
_pdbx_audit_revision_category.revision_ordinal 
_pdbx_audit_revision_category.data_content_type 
_pdbx_audit_revision_category.category 
1 4 'Structure model' chem_comp_atom       
2 4 'Structure model' chem_comp_bond       
3 4 'Structure model' database_2           
4 4 'Structure model' pdbx_database_status 
# 
loop_
_pdbx_audit_revision_item.ordinal 
_pdbx_audit_revision_item.revision_ordinal 
_pdbx_audit_revision_item.data_content_type 
_pdbx_audit_revision_item.item 
1 4 'Structure model' '_database_2.pdbx_DOI'                
2 4 'Structure model' '_database_2.pdbx_database_accession' 
3 4 'Structure model' '_pdbx_database_status.process_site'  
# 
_pdbx_database_status.status_code                     REL 
_pdbx_database_status.entry_id                        1WHI 
_pdbx_database_status.recvd_initial_deposition_date   1996-01-10 
_pdbx_database_status.deposit_site                    ? 
_pdbx_database_status.process_site                    BNL 
_pdbx_database_status.SG_entry                        . 
_pdbx_database_status.pdb_format_compatible           Y 
_pdbx_database_status.status_code_mr                  ? 
_pdbx_database_status.status_code_sf                  ? 
_pdbx_database_status.status_code_cs                  ? 
_pdbx_database_status.status_code_nmr_data            ? 
_pdbx_database_status.methods_development_category    ? 
# 
loop_
_audit_author.name 
_audit_author.pdbx_ordinal 
'Davies, C.'       1 
'White, S.W.'      2 
'Ramakrishnan, V.' 3 
# 
loop_
_citation.id 
_citation.title 
_citation.journal_abbrev 
_citation.journal_volume 
_citation.page_first 
_citation.page_last 
_citation.year 
_citation.journal_id_ASTM 
_citation.country 
_citation.journal_id_ISSN 
_citation.journal_id_CSD 
_citation.book_publisher 
_citation.pdbx_database_id_PubMed 
_citation.pdbx_database_id_DOI 
primary 
'The crystal structure of ribosomal protein L14 reveals an important organizational component of the translational apparatus.' 
Structure                  4  55  66 1996 STRUE6 UK 0969-2126 2005 ? 8805509 '10.1016/S0969-2126(96)00009-3' 
1       'Crystallization and Preliminary X-Ray Diffraction of Bacterial Ribosomal Protein L14' 'Acta Crystallogr.,Sect.D' 50 790 ? 
1994 ABCRE6 DK 0907-4449 0766 ? ?       ?                               
# 
loop_
_citation_author.citation_id 
_citation_author.name 
_citation_author.ordinal 
_citation_author.identifier_ORCID 
primary 'Davies, C.'       1 ? 
primary 'White, S.W.'      2 ? 
primary 'Ramakrishnan, V.' 3 ? 
1       'Davies, C.'       4 ? 
1       'Gerchman, S.E.'   5 ? 
1       'Kycia, J.H.'      6 ? 
1       'Mcgee, K.'        7 ? 
1       'Ramakrishnan, V.' 8 ? 
1       'White, S.W.'      9 ? 
# 
loop_
_entity.id 
_entity.type 
_entity.src_method 
_entity.pdbx_description 
_entity.formula_weight 
_entity.pdbx_number_of_molecules 
_entity.pdbx_ec 
_entity.pdbx_mutation 
_entity.pdbx_fragment 
_entity.details 
1 polymer man 'RIBOSOMAL PROTEIN L14' 13369.613 1   ? ? ? ? 
2 water   nat water                   18.015    104 ? ? ? ? 
# 
_entity_poly.entity_id                      1 
_entity_poly.type                           'polypeptide(L)' 
_entity_poly.nstd_linkage                   no 
_entity_poly.nstd_monomer                   no 
_entity_poly.pdbx_seq_one_letter_code       
;MIQQESRLKVADNSGAREVLVIKVLGGSGRRYANIGDVVVATVKDATPGGVVKKGQVVKAVVVRTKRGVRRPDGSYIRFD
ENACVIIRDDKSPRGTRIFGPVARELRDKDFMKIISLAPEVI
;
_entity_poly.pdbx_seq_one_letter_code_can   
;MIQQESRLKVADNSGAREVLVIKVLGGSGRRYANIGDVVVATVKDATPGGVVKKGQVVKAVVVRTKRGVRRPDGSYIRFD
ENACVIIRDDKSPRGTRIFGPVARELRDKDFMKIISLAPEVI
;
_entity_poly.pdbx_strand_id                 A 
_entity_poly.pdbx_target_identifier         ? 
# 
_pdbx_entity_nonpoly.entity_id   2 
_pdbx_entity_nonpoly.name        water 
_pdbx_entity_nonpoly.comp_id     HOH 
# 
loop_
_entity_poly_seq.entity_id 
_entity_poly_seq.num 
_entity_poly_seq.mon_id 
_entity_poly_seq.hetero 
1 1   MET n 
1 2   ILE n 
1 3   GLN n 
1 4   GLN n 
1 5   GLU n 
1 6   SER n 
1 7   ARG n 
1 8   LEU n 
1 9   LYS n 
1 10  VAL n 
1 11  ALA n 
1 12  ASP n 
1 13  ASN n 
1 14  SER n 
1 15  GLY n 
1 16  ALA n 
1 17  ARG n 
1 18  GLU n 
1 19  VAL n 
1 20  LEU n 
1 21  VAL n 
1 22  ILE n 
1 23  LYS n 
1 24  VAL n 
1 25  LEU n 
1 26  GLY n 
1 27  GLY n 
1 28  SER n 
1 29  GLY n 
1 30  ARG n 
1 31  ARG n 
1 32  TYR n 
1 33  ALA n 
1 34  ASN n 
1 35  ILE n 
1 36  GLY n 
1 37  ASP n 
1 38  VAL n 
1 39  VAL n 
1 40  VAL n 
1 41  ALA n 
1 42  THR n 
1 43  VAL n 
1 44  LYS n 
1 45  ASP n 
1 46  ALA n 
1 47  THR n 
1 48  PRO n 
1 49  GLY n 
1 50  GLY n 
1 51  VAL n 
1 52  VAL n 
1 53  LYS n 
1 54  LYS n 
1 55  GLY n 
1 56  GLN n 
1 57  VAL n 
1 58  VAL n 
1 59  LYS n 
1 60  ALA n 
1 61  VAL n 
1 62  VAL n 
1 63  VAL n 
1 64  ARG n 
1 65  THR n 
1 66  LYS n 
1 67  ARG n 
1 68  GLY n 
1 69  VAL n 
1 70  ARG n 
1 71  ARG n 
1 72  PRO n 
1 73  ASP n 
1 74  GLY n 
1 75  SER n 
1 76  TYR n 
1 77  ILE n 
1 78  ARG n 
1 79  PHE n 
1 80  ASP n 
1 81  GLU n 
1 82  ASN n 
1 83  ALA n 
1 84  CYS n 
1 85  VAL n 
1 86  ILE n 
1 87  ILE n 
1 88  ARG n 
1 89  ASP n 
1 90  ASP n 
1 91  LYS n 
1 92  SER n 
1 93  PRO n 
1 94  ARG n 
1 95  GLY n 
1 96  THR n 
1 97  ARG n 
1 98  ILE n 
1 99  PHE n 
1 100 GLY n 
1 101 PRO n 
1 102 VAL n 
1 103 ALA n 
1 104 ARG n 
1 105 GLU n 
1 106 LEU n 
1 107 ARG n 
1 108 ASP n 
1 109 LYS n 
1 110 ASP n 
1 111 PHE n 
1 112 MET n 
1 113 LYS n 
1 114 ILE n 
1 115 ILE n 
1 116 SER n 
1 117 LEU n 
1 118 ALA n 
1 119 PRO n 
1 120 GLU n 
1 121 VAL n 
1 122 ILE n 
# 
_entity_src_gen.entity_id                          1 
_entity_src_gen.pdbx_src_id                        1 
_entity_src_gen.pdbx_alt_source_flag               sample 
_entity_src_gen.pdbx_seq_type                      ? 
_entity_src_gen.pdbx_beg_seq_num                   ? 
_entity_src_gen.pdbx_end_seq_num                   ? 
_entity_src_gen.gene_src_common_name               ? 
_entity_src_gen.gene_src_genus                     Geobacillus 
_entity_src_gen.pdbx_gene_src_gene                 'BACILLUS STEAROTHERMOPHILUS' 
_entity_src_gen.gene_src_species                   ? 
_entity_src_gen.gene_src_strain                    ? 
_entity_src_gen.gene_src_tissue                    ? 
_entity_src_gen.gene_src_tissue_fraction           ? 
_entity_src_gen.gene_src_details                   ? 
_entity_src_gen.pdbx_gene_src_fragment             ? 
_entity_src_gen.pdbx_gene_src_scientific_name      'Geobacillus stearothermophilus' 
_entity_src_gen.pdbx_gene_src_ncbi_taxonomy_id     1422 
_entity_src_gen.pdbx_gene_src_variant              ? 
_entity_src_gen.pdbx_gene_src_cell_line            BL21 
_entity_src_gen.pdbx_gene_src_atcc                 ? 
_entity_src_gen.pdbx_gene_src_organ                ? 
_entity_src_gen.pdbx_gene_src_organelle            ? 
_entity_src_gen.pdbx_gene_src_cell                 ? 
_entity_src_gen.pdbx_gene_src_cellular_location    ? 
_entity_src_gen.host_org_common_name               ? 
_entity_src_gen.pdbx_host_org_scientific_name      'Escherichia coli' 
_entity_src_gen.pdbx_host_org_ncbi_taxonomy_id     562 
_entity_src_gen.host_org_genus                     Escherichia 
_entity_src_gen.pdbx_host_org_gene                 'BACILLUS STEAROTHERMOPHILUS (ACCESSION P04450)' 
_entity_src_gen.pdbx_host_org_organ                ? 
_entity_src_gen.host_org_species                   ? 
_entity_src_gen.pdbx_host_org_tissue               ? 
_entity_src_gen.pdbx_host_org_tissue_fraction      ? 
_entity_src_gen.pdbx_host_org_strain               ? 
_entity_src_gen.pdbx_host_org_variant              ? 
_entity_src_gen.pdbx_host_org_cell_line            ? 
_entity_src_gen.pdbx_host_org_atcc                 ? 
_entity_src_gen.pdbx_host_org_culture_collection   ? 
_entity_src_gen.pdbx_host_org_cell                 ? 
_entity_src_gen.pdbx_host_org_organelle            ? 
_entity_src_gen.pdbx_host_org_cellular_location    ? 
_entity_src_gen.pdbx_host_org_vector_type          BACTERIAL 
_entity_src_gen.pdbx_host_org_vector               ? 
_entity_src_gen.host_org_details                   ? 
_entity_src_gen.expression_system_id               ? 
_entity_src_gen.plasmid_name                       PET13 
_entity_src_gen.plasmid_details                    ? 
_entity_src_gen.pdbx_description                   
'T7 EXPRESSION SYSTEM INDUCIBLE BY ISOPROPYL-BETA-D-THIOGALACTOPYRANOSIDE (IPTG)' 
# 
loop_
_chem_comp.id 
_chem_comp.type 
_chem_comp.mon_nstd_flag 
_chem_comp.name 
_chem_comp.pdbx_synonyms 
_chem_comp.formula 
_chem_comp.formula_weight 
ALA 'L-peptide linking' y ALANINE         ? 'C3 H7 N O2'     89.093  
ARG 'L-peptide linking' y ARGININE        ? 'C6 H15 N4 O2 1' 175.209 
ASN 'L-peptide linking' y ASPARAGINE      ? 'C4 H8 N2 O3'    132.118 
ASP 'L-peptide linking' y 'ASPARTIC ACID' ? 'C4 H7 N O4'     133.103 
CYS 'L-peptide linking' y CYSTEINE        ? 'C3 H7 N O2 S'   121.158 
GLN 'L-peptide linking' y GLUTAMINE       ? 'C5 H10 N2 O3'   146.144 
GLU 'L-peptide linking' y 'GLUTAMIC ACID' ? 'C5 H9 N O4'     147.129 
GLY 'peptide linking'   y GLYCINE         ? 'C2 H5 N O2'     75.067  
HOH non-polymer         . WATER           ? 'H2 O'           18.015  
ILE 'L-peptide linking' y ISOLEUCINE      ? 'C6 H13 N O2'    131.173 
LEU 'L-peptide linking' y LEUCINE         ? 'C6 H13 N O2'    131.173 
LYS 'L-peptide linking' y LYSINE          ? 'C6 H15 N2 O2 1' 147.195 
MET 'L-peptide linking' y METHIONINE      ? 'C5 H11 N O2 S'  149.211 
PHE 'L-peptide linking' y PHENYLALANINE   ? 'C9 H11 N O2'    165.189 
PRO 'L-peptide linking' y PROLINE         ? 'C5 H9 N O2'     115.130 
SER 'L-peptide linking' y SERINE          ? 'C3 H7 N O3'     105.093 
THR 'L-peptide linking' y THREONINE       ? 'C4 H9 N O3'     119.119 
TYR 'L-peptide linking' y TYROSINE        ? 'C9 H11 N O3'    181.189 
VAL 'L-peptide linking' y VALINE          ? 'C5 H11 N O2'    117.146 
# 
loop_
_pdbx_poly_seq_scheme.asym_id 
_pdbx_poly_seq_scheme.entity_id 
_pdbx_poly_seq_scheme.seq_id 
_pdbx_poly_seq_scheme.mon_id 
_pdbx_poly_seq_scheme.ndb_seq_num 
_pdbx_poly_seq_scheme.pdb_seq_num 
_pdbx_poly_seq_scheme.auth_seq_num 
_pdbx_poly_seq_scheme.pdb_mon_id 
_pdbx_poly_seq_scheme.auth_mon_id 
_pdbx_poly_seq_scheme.pdb_strand_id 
_pdbx_poly_seq_scheme.pdb_ins_code 
_pdbx_poly_seq_scheme.hetero 
A 1 1   MET 1   1   1   MET MET A . n 
A 1 2   ILE 2   2   2   ILE ILE A . n 
A 1 3   GLN 3   3   3   GLN GLN A . n 
A 1 4   GLN 4   4   4   GLN GLN A . n 
A 1 5   GLU 5   5   5   GLU GLU A . n 
A 1 6   SER 6   6   6   SER SER A . n 
A 1 7   ARG 7   7   7   ARG ARG A . n 
A 1 8   LEU 8   8   8   LEU LEU A . n 
A 1 9   LYS 9   9   9   LYS LYS A . n 
A 1 10  VAL 10  10  10  VAL VAL A . n 
A 1 11  ALA 11  11  11  ALA ALA A . n 
A 1 12  ASP 12  12  12  ASP ASP A . n 
A 1 13  ASN 13  13  13  ASN ASN A . n 
A 1 14  SER 14  14  14  SER SER A . n 
A 1 15  GLY 15  15  15  GLY GLY A . n 
A 1 16  ALA 16  16  16  ALA ALA A . n 
A 1 17  ARG 17  17  17  ARG ARG A . n 
A 1 18  GLU 18  18  18  GLU GLU A . n 
A 1 19  VAL 19  19  19  VAL VAL A . n 
A 1 20  LEU 20  20  20  LEU LEU A . n 
A 1 21  VAL 21  21  21  VAL VAL A . n 
A 1 22  ILE 22  22  22  ILE ILE A . n 
A 1 23  LYS 23  23  23  LYS LYS A . n 
A 1 24  VAL 24  24  24  VAL VAL A . n 
A 1 25  LEU 25  25  25  LEU LEU A . n 
A 1 26  GLY 26  26  26  GLY GLY A . n 
A 1 27  GLY 27  27  27  GLY GLY A . n 
A 1 28  SER 28  28  28  SER SER A . n 
A 1 29  GLY 29  29  29  GLY GLY A . n 
A 1 30  ARG 30  30  30  ARG ARG A . n 
A 1 31  ARG 31  31  31  ARG ARG A . n 
A 1 32  TYR 32  32  32  TYR TYR A . n 
A 1 33  ALA 33  33  33  ALA ALA A . n 
A 1 34  ASN 34  34  34  ASN ASN A . n 
A 1 35  ILE 35  35  35  ILE ILE A . n 
A 1 36  GLY 36  36  36  GLY GLY A . n 
A 1 37  ASP 37  37  37  ASP ASP A . n 
A 1 38  VAL 38  38  38  VAL VAL A . n 
A 1 39  VAL 39  39  39  VAL VAL A . n 
A 1 40  VAL 40  40  40  VAL VAL A . n 
A 1 41  ALA 41  41  41  ALA ALA A . n 
A 1 42  THR 42  42  42  THR THR A . n 
A 1 43  VAL 43  43  43  VAL VAL A . n 
A 1 44  LYS 44  44  44  LYS LYS A . n 
A 1 45  ASP 45  45  45  ASP ASP A . n 
A 1 46  ALA 46  46  46  ALA ALA A . n 
A 1 47  THR 47  47  47  THR THR A . n 
A 1 48  PRO 48  48  48  PRO PRO A . n 
A 1 49  GLY 49  49  49  GLY GLY A . n 
A 1 50  GLY 50  50  50  GLY GLY A . n 
A 1 51  VAL 51  51  51  VAL VAL A . n 
A 1 52  VAL 52  52  52  VAL VAL A . n 
A 1 53  LYS 53  53  53  LYS LYS A . n 
A 1 54  LYS 54  54  54  LYS LYS A . n 
A 1 55  GLY 55  55  55  GLY GLY A . n 
A 1 56  GLN 56  56  56  GLN GLN A . n 
A 1 57  VAL 57  57  57  VAL VAL A . n 
A 1 58  VAL 58  58  58  VAL VAL A . n 
A 1 59  LYS 59  59  59  LYS LYS A . n 
A 1 60  ALA 60  60  60  ALA ALA A . n 
A 1 61  VAL 61  61  61  VAL VAL A . n 
A 1 62  VAL 62  62  62  VAL VAL A . n 
A 1 63  VAL 63  63  63  VAL VAL A . n 
A 1 64  ARG 64  64  64  ARG ARG A . n 
A 1 65  THR 65  65  65  THR THR A . n 
A 1 66  LYS 66  66  66  LYS LYS A . n 
A 1 67  ARG 67  67  67  ARG ARG A . n 
A 1 68  GLY 68  68  68  GLY GLY A . n 
A 1 69  VAL 69  69  69  VAL VAL A . n 
A 1 70  ARG 70  70  70  ARG ARG A . n 
A 1 71  ARG 71  71  71  ARG ARG A . n 
A 1 72  PRO 72  72  72  PRO PRO A . n 
A 1 73  ASP 73  73  73  ASP ASP A . n 
A 1 74  GLY 74  74  74  GLY GLY A . n 
A 1 75  SER 75  75  75  SER SER A . n 
A 1 76  TYR 76  76  76  TYR TYR A . n 
A 1 77  ILE 77  77  77  ILE ILE A . n 
A 1 78  ARG 78  78  78  ARG ARG A . n 
A 1 79  PHE 79  79  79  PHE PHE A . n 
A 1 80  ASP 80  80  80  ASP ASP A . n 
A 1 81  GLU 81  81  81  GLU GLU A . n 
A 1 82  ASN 82  82  82  ASN ASN A . n 
A 1 83  ALA 83  83  83  ALA ALA A . n 
A 1 84  CYS 84  84  84  CYS CYS A . n 
A 1 85  VAL 85  85  85  VAL VAL A . n 
A 1 86  ILE 86  86  86  ILE ILE A . n 
A 1 87  ILE 87  87  87  ILE ILE A . n 
A 1 88  ARG 88  88  88  ARG ARG A . n 
A 1 89  ASP 89  89  89  ASP ASP A . n 
A 1 90  ASP 90  90  90  ASP ASP A . n 
A 1 91  LYS 91  91  91  LYS LYS A . n 
A 1 92  SER 92  92  92  SER SER A . n 
A 1 93  PRO 93  93  93  PRO PRO A . n 
A 1 94  ARG 94  94  94  ARG ARG A . n 
A 1 95  GLY 95  95  95  GLY GLY A . n 
A 1 96  THR 96  96  96  THR THR A . n 
A 1 97  ARG 97  97  97  ARG ARG A . n 
A 1 98  ILE 98  98  98  ILE ILE A . n 
A 1 99  PHE 99  99  99  PHE PHE A . n 
A 1 100 GLY 100 100 100 GLY GLY A . n 
A 1 101 PRO 101 101 101 PRO PRO A . n 
A 1 102 VAL 102 102 102 VAL VAL A . n 
A 1 103 ALA 103 103 103 ALA ALA A . n 
A 1 104 ARG 104 104 104 ARG ARG A . n 
A 1 105 GLU 105 105 105 GLU GLU A . n 
A 1 106 LEU 106 106 106 LEU LEU A . n 
A 1 107 ARG 107 107 107 ARG ARG A . n 
A 1 108 ASP 108 108 108 ASP ASP A . n 
A 1 109 LYS 109 109 109 LYS LYS A . n 
A 1 110 ASP 110 110 110 ASP ASP A . n 
A 1 111 PHE 111 111 111 PHE PHE A . n 
A 1 112 MET 112 112 112 MET MET A . n 
A 1 113 LYS 113 113 113 LYS LYS A . n 
A 1 114 ILE 114 114 114 ILE ILE A . n 
A 1 115 ILE 115 115 115 ILE ILE A . n 
A 1 116 SER 116 116 116 SER SER A . n 
A 1 117 LEU 117 117 117 LEU LEU A . n 
A 1 118 ALA 118 118 118 ALA ALA A . n 
A 1 119 PRO 119 119 119 PRO PRO A . n 
A 1 120 GLU 120 120 120 GLU GLU A . n 
A 1 121 VAL 121 121 121 VAL VAL A . n 
A 1 122 ILE 122 122 122 ILE ILE A . n 
# 
loop_
_pdbx_nonpoly_scheme.asym_id 
_pdbx_nonpoly_scheme.entity_id 
_pdbx_nonpoly_scheme.mon_id 
_pdbx_nonpoly_scheme.ndb_seq_num 
_pdbx_nonpoly_scheme.pdb_seq_num 
_pdbx_nonpoly_scheme.auth_seq_num 
_pdbx_nonpoly_scheme.pdb_mon_id 
_pdbx_nonpoly_scheme.auth_mon_id 
_pdbx_nonpoly_scheme.pdb_strand_id 
_pdbx_nonpoly_scheme.pdb_ins_code 
B 2 HOH 1   200 200 HOH HOH A . 
B 2 HOH 2   201 201 HOH HOH A . 
B 2 HOH 3   202 202 HOH HOH A . 
B 2 HOH 4   203 203 HOH HOH A . 
B 2 HOH 5   204 204 HOH HOH A . 
B 2 HOH 6   205 205 HOH HOH A . 
B 2 HOH 7   206 206 HOH HOH A . 
B 2 HOH 8   207 207 HOH HOH A . 
B 2 HOH 9   208 208 HOH HOH A . 
B 2 HOH 10  209 209 HOH HOH A . 
B 2 HOH 11  210 210 HOH HOH A . 
B 2 HOH 12  211 211 HOH HOH A . 
B 2 HOH 13  212 212 HOH HOH A . 
B 2 HOH 14  213 213 HOH HOH A . 
B 2 HOH 15  214 214 HOH HOH A . 
B 2 HOH 16  215 215 HOH HOH A . 
B 2 HOH 17  216 216 HOH HOH A . 
B 2 HOH 18  217 217 HOH HOH A . 
B 2 HOH 19  218 218 HOH HOH A . 
B 2 HOH 20  219 219 HOH HOH A . 
B 2 HOH 21  220 220 HOH HOH A . 
B 2 HOH 22  221 221 HOH HOH A . 
B 2 HOH 23  222 222 HOH HOH A . 
B 2 HOH 24  223 223 HOH HOH A . 
B 2 HOH 25  224 224 HOH HOH A . 
B 2 HOH 26  225 225 HOH HOH A . 
B 2 HOH 27  226 226 HOH HOH A . 
B 2 HOH 28  227 227 HOH HOH A . 
B 2 HOH 29  228 228 HOH HOH A . 
B 2 HOH 30  229 229 HOH HOH A . 
B 2 HOH 31  230 230 HOH HOH A . 
B 2 HOH 32  231 231 HOH HOH A . 
B 2 HOH 33  232 232 HOH HOH A . 
B 2 HOH 34  233 233 HOH HOH A . 
B 2 HOH 35  234 234 HOH HOH A . 
B 2 HOH 36  235 235 HOH HOH A . 
B 2 HOH 37  236 236 HOH HOH A . 
B 2 HOH 38  237 237 HOH HOH A . 
B 2 HOH 39  238 238 HOH HOH A . 
B 2 HOH 40  239 239 HOH HOH A . 
B 2 HOH 41  240 240 HOH HOH A . 
B 2 HOH 42  241 241 HOH HOH A . 
B 2 HOH 43  242 242 HOH HOH A . 
B 2 HOH 44  243 243 HOH HOH A . 
B 2 HOH 45  244 244 HOH HOH A . 
B 2 HOH 46  245 245 HOH HOH A . 
B 2 HOH 47  246 246 HOH HOH A . 
B 2 HOH 48  247 247 HOH HOH A . 
B 2 HOH 49  248 248 HOH HOH A . 
B 2 HOH 50  249 249 HOH HOH A . 
B 2 HOH 51  250 250 HOH HOH A . 
B 2 HOH 52  251 251 HOH HOH A . 
B 2 HOH 53  252 252 HOH HOH A . 
B 2 HOH 54  253 253 HOH HOH A . 
B 2 HOH 55  254 254 HOH HOH A . 
B 2 HOH 56  255 255 HOH HOH A . 
B 2 HOH 57  256 256 HOH HOH A . 
B 2 HOH 58  257 257 HOH HOH A . 
B 2 HOH 59  258 258 HOH HOH A . 
B 2 HOH 60  259 259 HOH HOH A . 
B 2 HOH 61  260 260 HOH HOH A . 
B 2 HOH 62  261 261 HOH HOH A . 
B 2 HOH 63  262 262 HOH HOH A . 
B 2 HOH 64  263 263 HOH HOH A . 
B 2 HOH 65  264 264 HOH HOH A . 
B 2 HOH 66  265 265 HOH HOH A . 
B 2 HOH 67  266 266 HOH HOH A . 
B 2 HOH 68  267 267 HOH HOH A . 
B 2 HOH 69  268 268 HOH HOH A . 
B 2 HOH 70  269 269 HOH HOH A . 
B 2 HOH 71  270 270 HOH HOH A . 
B 2 HOH 72  271 271 HOH HOH A . 
B 2 HOH 73  272 272 HOH HOH A . 
B 2 HOH 74  273 273 HOH HOH A . 
B 2 HOH 75  274 274 HOH HOH A . 
B 2 HOH 76  275 275 HOH HOH A . 
B 2 HOH 77  276 276 HOH HOH A . 
B 2 HOH 78  277 277 HOH HOH A . 
B 2 HOH 79  278 278 HOH HOH A . 
B 2 HOH 80  279 279 HOH HOH A . 
B 2 HOH 81  280 280 HOH HOH A . 
B 2 HOH 82  281 281 HOH HOH A . 
B 2 HOH 83  282 282 HOH HOH A . 
B 2 HOH 84  283 283 HOH HOH A . 
B 2 HOH 85  284 284 HOH HOH A . 
B 2 HOH 86  285 285 HOH HOH A . 
B 2 HOH 87  286 286 HOH HOH A . 
B 2 HOH 88  287 287 HOH HOH A . 
B 2 HOH 89  288 288 HOH HOH A . 
B 2 HOH 90  289 289 HOH HOH A . 
B 2 HOH 91  290 290 HOH HOH A . 
B 2 HOH 92  291 291 HOH HOH A . 
B 2 HOH 93  292 292 HOH HOH A . 
B 2 HOH 94  293 293 HOH HOH A . 
B 2 HOH 95  294 294 HOH HOH A . 
B 2 HOH 96  295 295 HOH HOH A . 
B 2 HOH 97  296 296 HOH HOH A . 
B 2 HOH 98  297 297 HOH HOH A . 
B 2 HOH 99  298 298 HOH HOH A . 
B 2 HOH 100 299 299 HOH HOH A . 
B 2 HOH 101 300 300 HOH HOH A . 
B 2 HOH 102 301 301 HOH HOH A . 
B 2 HOH 103 302 302 HOH HOH A . 
B 2 HOH 104 303 303 HOH HOH A . 
# 
loop_
_software.name 
_software.classification 
_software.version 
_software.citation_id 
_software.pdbx_ordinal 
X-PLOR 'model building' 3.1 ? 1 
X-PLOR refinement       3.1 ? 2 
MOSFLM 'data reduction' .   ? 3 
X-PLOR phasing          3.1 ? 4 
# 
_cell.entry_id           1WHI 
_cell.length_a           66.900 
_cell.length_b           32.700 
_cell.length_c           49.400 
_cell.angle_alpha        90.00 
_cell.angle_beta         101.80 
_cell.angle_gamma        90.00 
_cell.Z_PDB              4 
_cell.pdbx_unique_axis   ? 
# 
_symmetry.entry_id                         1WHI 
_symmetry.space_group_name_H-M             'C 1 2 1' 
_symmetry.pdbx_full_space_group_name_H-M   ? 
_symmetry.cell_setting                     ? 
_symmetry.Int_Tables_number                5 
# 
_exptl.entry_id          1WHI 
_exptl.method            'X-RAY DIFFRACTION' 
_exptl.crystals_number   ? 
# 
_exptl_crystal.id                    1 
_exptl_crystal.density_meas          ? 
_exptl_crystal.density_Matthews      1.98 
_exptl_crystal.density_percent_sol   38.2 
_exptl_crystal.description           ? 
# 
_exptl_crystal_grow.crystal_id      1 
_exptl_crystal_grow.method          ? 
_exptl_crystal_grow.temp            ? 
_exptl_crystal_grow.temp_details    ? 
_exptl_crystal_grow.pH              7.0 
_exptl_crystal_grow.pdbx_pH_range   ? 
_exptl_crystal_grow.pdbx_details    'pH 7.0' 
# 
_diffrn.id                     1 
_diffrn.ambient_temp           295 
_diffrn.ambient_temp_details   ? 
_diffrn.crystal_id             1 
# 
_diffrn_detector.diffrn_id              1 
_diffrn_detector.detector               'IMAGE PLATE' 
_diffrn_detector.type                   MARRESEARCH 
_diffrn_detector.pdbx_collection_date   1994-07-12 
_diffrn_detector.details                ? 
# 
_diffrn_radiation.diffrn_id                        1 
_diffrn_radiation.wavelength_id                    1 
_diffrn_radiation.pdbx_monochromatic_or_laue_m_l   M 
_diffrn_radiation.monochromator                    ? 
_diffrn_radiation.pdbx_diffrn_protocol             ? 
_diffrn_radiation.pdbx_scattering_type             x-ray 
# 
_diffrn_radiation_wavelength.id           1 
_diffrn_radiation_wavelength.wavelength   1.0 
_diffrn_radiation_wavelength.wt           1.0 
# 
_diffrn_source.diffrn_id                   1 
_diffrn_source.source                      SYNCHROTRON 
_diffrn_source.type                        'NSLS BEAMLINE X12C' 
_diffrn_source.pdbx_synchrotron_site       NSLS 
_diffrn_source.pdbx_synchrotron_beamline   X12C 
_diffrn_source.pdbx_wavelength             1.0 
_diffrn_source.pdbx_wavelength_list        ? 
# 
_reflns.entry_id                     1WHI 
_reflns.observed_criterion_sigma_I   0.0 
_reflns.observed_criterion_sigma_F   ? 
_reflns.d_resolution_low             14.6 
_reflns.d_resolution_high            1.50 
_reflns.number_obs                   15965 
_reflns.number_all                   ? 
_reflns.percent_possible_obs         94.5 
_reflns.pdbx_Rmerge_I_obs            0.0420000 
_reflns.pdbx_Rsym_value              ? 
_reflns.pdbx_netI_over_sigmaI        ? 
_reflns.B_iso_Wilson_estimate        ? 
_reflns.pdbx_redundancy              2.44 
_reflns.pdbx_diffrn_id               1 
_reflns.pdbx_ordinal                 1 
# 
_refine.entry_id                                 1WHI 
_refine.ls_number_reflns_obs                     15877 
_refine.ls_number_reflns_all                     ? 
_refine.pdbx_ls_sigma_I                          ? 
_refine.pdbx_ls_sigma_F                          0.0 
_refine.pdbx_data_cutoff_high_absF               ? 
_refine.pdbx_data_cutoff_low_absF                ? 
_refine.pdbx_data_cutoff_high_rms_absF           ? 
_refine.ls_d_res_low                             8. 
_refine.ls_d_res_high                            1.5 
_refine.ls_percent_reflns_obs                    94.0 
_refine.ls_R_factor_obs                          0.1890000 
_refine.ls_R_factor_all                          ? 
_refine.ls_R_factor_R_work                       0.1890000 
_refine.ls_R_factor_R_free                       0.2550000 
_refine.ls_R_factor_R_free_error                 ? 
_refine.ls_R_factor_R_free_error_details         ? 
_refine.ls_percent_reflns_R_free                 10.00 
_refine.ls_number_reflns_R_free                  ? 
_refine.ls_number_parameters                     ? 
_refine.ls_number_restraints                     ? 
_refine.occupancy_min                            ? 
_refine.occupancy_max                            ? 
_refine.B_iso_mean                               13.2 
_refine.aniso_B[1][1]                            ? 
_refine.aniso_B[2][2]                            ? 
_refine.aniso_B[3][3]                            ? 
_refine.aniso_B[1][2]                            ? 
_refine.aniso_B[1][3]                            ? 
_refine.aniso_B[2][3]                            ? 
_refine.solvent_model_details                    ? 
_refine.solvent_model_param_ksol                 ? 
_refine.solvent_model_param_bsol                 ? 
_refine.pdbx_ls_cross_valid_method               ? 
_refine.details                                  ? 
_refine.pdbx_starting_model                      ? 
_refine.pdbx_method_to_determine_struct          ? 
_refine.pdbx_isotropic_thermal_model             ? 
_refine.pdbx_stereochemistry_target_values       ? 
_refine.pdbx_stereochem_target_val_spec_case     ? 
_refine.pdbx_R_Free_selection_details            ? 
_refine.pdbx_overall_ESU_R                       ? 
_refine.pdbx_overall_ESU_R_Free                  ? 
_refine.overall_SU_ML                            ? 
_refine.overall_SU_B                             ? 
_refine.pdbx_refine_id                           'X-RAY DIFFRACTION' 
_refine.pdbx_diffrn_id                           1 
_refine.pdbx_TLS_residual_ADP_flag               ? 
_refine.correlation_coeff_Fo_to_Fc               ? 
_refine.correlation_coeff_Fo_to_Fc_free          ? 
_refine.pdbx_solvent_vdw_probe_radii             ? 
_refine.pdbx_solvent_ion_probe_radii             ? 
_refine.pdbx_solvent_shrinkage_radii             ? 
_refine.pdbx_overall_phase_error                 ? 
_refine.overall_SU_R_Cruickshank_DPI             ? 
_refine.pdbx_overall_SU_R_free_Cruickshank_DPI   ? 
_refine.pdbx_overall_SU_R_Blow_DPI               ? 
_refine.pdbx_overall_SU_R_free_Blow_DPI          ? 
# 
_refine_hist.pdbx_refine_id                   'X-RAY DIFFRACTION' 
_refine_hist.cycle_id                         LAST 
_refine_hist.pdbx_number_atoms_protein        1137 
_refine_hist.pdbx_number_atoms_nucleic_acid   0 
_refine_hist.pdbx_number_atoms_ligand         0 
_refine_hist.number_atoms_solvent             103 
_refine_hist.number_atoms_total               1240 
_refine_hist.d_res_high                       1.5 
_refine_hist.d_res_low                        8. 
# 
loop_
_refine_ls_restr.type 
_refine_ls_restr.dev_ideal 
_refine_ls_restr.dev_ideal_target 
_refine_ls_restr.weight 
_refine_ls_restr.number 
_refine_ls_restr.pdbx_refine_id 
_refine_ls_restr.pdbx_restraint_function 
x_bond_d                0.008 ? ? ? 'X-RAY DIFFRACTION' ? 
x_bond_d_na             ?     ? ? ? 'X-RAY DIFFRACTION' ? 
x_bond_d_prot           ?     ? ? ? 'X-RAY DIFFRACTION' ? 
x_angle_d               ?     ? ? ? 'X-RAY DIFFRACTION' ? 
x_angle_d_na            ?     ? ? ? 'X-RAY DIFFRACTION' ? 
x_angle_d_prot          ?     ? ? ? 'X-RAY DIFFRACTION' ? 
x_angle_deg             1.03  ? ? ? 'X-RAY DIFFRACTION' ? 
x_angle_deg_na          ?     ? ? ? 'X-RAY DIFFRACTION' ? 
x_angle_deg_prot        ?     ? ? ? 'X-RAY DIFFRACTION' ? 
x_dihedral_angle_d      27.26 ? ? ? 'X-RAY DIFFRACTION' ? 
x_dihedral_angle_d_na   ?     ? ? ? 'X-RAY DIFFRACTION' ? 
x_dihedral_angle_d_prot ?     ? ? ? 'X-RAY DIFFRACTION' ? 
x_improper_angle_d      1.947 ? ? ? 'X-RAY DIFFRACTION' ? 
x_improper_angle_d_na   ?     ? ? ? 'X-RAY DIFFRACTION' ? 
x_improper_angle_d_prot ?     ? ? ? 'X-RAY DIFFRACTION' ? 
x_mcbond_it             1.0   ? ? ? 'X-RAY DIFFRACTION' ? 
x_mcangle_it            ?     ? ? ? 'X-RAY DIFFRACTION' ? 
x_scbond_it             1.5   ? ? ? 'X-RAY DIFFRACTION' ? 
x_scangle_it            ?     ? ? ? 'X-RAY DIFFRACTION' ? 
# 
_struct.entry_id                  1WHI 
_struct.title                     'RIBOSOMAL PROTEIN L14' 
_struct.pdbx_model_details        ? 
_struct.pdbx_CASP_flag            ? 
_struct.pdbx_model_type_details   ? 
# 
_struct_keywords.entry_id        1WHI 
_struct_keywords.pdbx_keywords   'RIBOSOMAL PROTEIN' 
_struct_keywords.text            'RIBOSOMAL PROTEIN, RRNA-BINDING' 
# 
loop_
_struct_asym.id 
_struct_asym.pdbx_blank_PDB_chainid_flag 
_struct_asym.pdbx_modified 
_struct_asym.entity_id 
_struct_asym.details 
A N N 1 ? 
B N N 2 ? 
# 
_struct_ref.id                         1 
_struct_ref.db_name                    UNP 
_struct_ref.db_code                    RL14_BACST 
_struct_ref.entity_id                  1 
_struct_ref.pdbx_db_accession          P04450 
_struct_ref.pdbx_align_begin           1 
_struct_ref.pdbx_seq_one_letter_code   
;MIQQESRLKVADNSGAREVLVIKVLGGSGRRYANIGDVVVATVKDATPGGVVKKGQVVKAVVVRTKRGVRRPDGSYIRFD
ENACVIIRDDKSPRGTRIFGPVARELRDKDFMKIISLAPEVI
;
_struct_ref.pdbx_db_isoform            ? 
# 
_struct_ref_seq.align_id                      1 
_struct_ref_seq.ref_id                        1 
_struct_ref_seq.pdbx_PDB_id_code              1WHI 
_struct_ref_seq.pdbx_strand_id                A 
_struct_ref_seq.seq_align_beg                 1 
_struct_ref_seq.pdbx_seq_align_beg_ins_code   ? 
_struct_ref_seq.seq_align_end                 122 
_struct_ref_seq.pdbx_seq_align_end_ins_code   ? 
_struct_ref_seq.pdbx_db_accession             P04450 
_struct_ref_seq.db_align_beg                  1 
_struct_ref_seq.pdbx_db_align_beg_ins_code    ? 
_struct_ref_seq.db_align_end                  122 
_struct_ref_seq.pdbx_db_align_end_ins_code    ? 
_struct_ref_seq.pdbx_auth_seq_align_beg       1 
_struct_ref_seq.pdbx_auth_seq_align_end       122 
# 
_pdbx_struct_assembly.id                   1 
_pdbx_struct_assembly.details              author_defined_assembly 
_pdbx_struct_assembly.method_details       ? 
_pdbx_struct_assembly.oligomeric_details   dimeric 
_pdbx_struct_assembly.oligomeric_count     2 
# 
_pdbx_struct_assembly_gen.assembly_id       1 
_pdbx_struct_assembly_gen.oper_expression   1,2 
_pdbx_struct_assembly_gen.asym_id_list      A,B 
# 
loop_
_pdbx_struct_oper_list.id 
_pdbx_struct_oper_list.type 
_pdbx_struct_oper_list.name 
_pdbx_struct_oper_list.symmetry_operation 
_pdbx_struct_oper_list.matrix[1][1] 
_pdbx_struct_oper_list.matrix[1][2] 
_pdbx_struct_oper_list.matrix[1][3] 
_pdbx_struct_oper_list.vector[1] 
_pdbx_struct_oper_list.matrix[2][1] 
_pdbx_struct_oper_list.matrix[2][2] 
_pdbx_struct_oper_list.matrix[2][3] 
_pdbx_struct_oper_list.vector[2] 
_pdbx_struct_oper_list.matrix[3][1] 
_pdbx_struct_oper_list.matrix[3][2] 
_pdbx_struct_oper_list.matrix[3][3] 
_pdbx_struct_oper_list.vector[3] 
1 'identity operation'         1_555 x,y,z       1.0000000000 0.0000000000  0.0000000000  0.0000000000  0.0000000000  1.0000000000  0.0000000000 0.0000000000  0.0000000000  0.0000000000 1.0000000000  0.0000000000  
2 'crystal symmetry operation' 2_656 -x+1,y,-z+1 0.7672464336 -0.6195875753 -0.1656627496 11.2597046487 -0.6195875753 -0.7827757600 0.0580805141 26.4950064877 -0.1656627496 0.0580805141 -0.9844706736 21.0228072721 
# 
_struct_biol.id   1 
# 
loop_
_struct_conf.conf_type_id 
_struct_conf.id 
_struct_conf.pdbx_PDB_helix_id 
_struct_conf.beg_label_comp_id 
_struct_conf.beg_label_asym_id 
_struct_conf.beg_label_seq_id 
_struct_conf.pdbx_beg_PDB_ins_code 
_struct_conf.end_label_comp_id 
_struct_conf.end_label_asym_id 
_struct_conf.end_label_seq_id 
_struct_conf.pdbx_end_PDB_ins_code 
_struct_conf.beg_auth_comp_id 
_struct_conf.beg_auth_asym_id 
_struct_conf.beg_auth_seq_id 
_struct_conf.end_auth_comp_id 
_struct_conf.end_auth_asym_id 
_struct_conf.end_auth_seq_id 
_struct_conf.pdbx_PDB_helix_class 
_struct_conf.details 
_struct_conf.pdbx_PDB_helix_length 
HELX_P HELX_P1 1 ARG A 104 ? LYS A 109 ? ARG A 104 LYS A 109 5 ? 6 
HELX_P HELX_P2 2 MET A 112 ? LEU A 117 ? MET A 112 LEU A 117 1 ? 6 
# 
_struct_conf_type.id          HELX_P 
_struct_conf_type.criteria    ? 
_struct_conf_type.reference   ? 
# 
_struct_sheet.id               A 
_struct_sheet.type             ? 
_struct_sheet.number_strands   5 
_struct_sheet.details          ? 
# 
loop_
_struct_sheet_order.sheet_id 
_struct_sheet_order.range_id_1 
_struct_sheet_order.range_id_2 
_struct_sheet_order.offset 
_struct_sheet_order.sense 
A 1 2 ? anti-parallel 
A 2 3 ? anti-parallel 
A 3 4 ? anti-parallel 
A 4 5 ? anti-parallel 
# 
loop_
_struct_sheet_range.sheet_id 
_struct_sheet_range.id 
_struct_sheet_range.beg_label_comp_id 
_struct_sheet_range.beg_label_asym_id 
_struct_sheet_range.beg_label_seq_id 
_struct_sheet_range.pdbx_beg_PDB_ins_code 
_struct_sheet_range.end_label_comp_id 
_struct_sheet_range.end_label_asym_id 
_struct_sheet_range.end_label_seq_id 
_struct_sheet_range.pdbx_end_PDB_ins_code 
_struct_sheet_range.beg_auth_comp_id 
_struct_sheet_range.beg_auth_asym_id 
_struct_sheet_range.beg_auth_seq_id 
_struct_sheet_range.end_auth_comp_id 
_struct_sheet_range.end_auth_asym_id 
_struct_sheet_range.end_auth_seq_id 
A 1 ARG A 7  ? LYS A 9  ? ARG A 7  LYS A 9  
A 2 GLU A 18 ? VAL A 24 ? GLU A 18 VAL A 24 
A 3 VAL A 38 ? VAL A 43 ? VAL A 38 VAL A 43 
A 4 VAL A 57 ? ARG A 64 ? VAL A 57 ARG A 64 
A 5 ALA A 83 ? ILE A 86 ? ALA A 83 ILE A 86 
# 
loop_
_pdbx_struct_sheet_hbond.sheet_id 
_pdbx_struct_sheet_hbond.range_id_1 
_pdbx_struct_sheet_hbond.range_id_2 
_pdbx_struct_sheet_hbond.range_1_label_atom_id 
_pdbx_struct_sheet_hbond.range_1_label_comp_id 
_pdbx_struct_sheet_hbond.range_1_label_asym_id 
_pdbx_struct_sheet_hbond.range_1_label_seq_id 
_pdbx_struct_sheet_hbond.range_1_PDB_ins_code 
_pdbx_struct_sheet_hbond.range_1_auth_atom_id 
_pdbx_struct_sheet_hbond.range_1_auth_comp_id 
_pdbx_struct_sheet_hbond.range_1_auth_asym_id 
_pdbx_struct_sheet_hbond.range_1_auth_seq_id 
_pdbx_struct_sheet_hbond.range_2_label_atom_id 
_pdbx_struct_sheet_hbond.range_2_label_comp_id 
_pdbx_struct_sheet_hbond.range_2_label_asym_id 
_pdbx_struct_sheet_hbond.range_2_label_seq_id 
_pdbx_struct_sheet_hbond.range_2_PDB_ins_code 
_pdbx_struct_sheet_hbond.range_2_auth_atom_id 
_pdbx_struct_sheet_hbond.range_2_auth_comp_id 
_pdbx_struct_sheet_hbond.range_2_auth_asym_id 
_pdbx_struct_sheet_hbond.range_2_auth_seq_id 
A 1 2 O LEU A 8  ? O LEU A 8  N VAL A 19 ? N VAL A 19 
A 2 3 O LEU A 20 ? O LEU A 20 N THR A 42 ? N THR A 42 
A 3 4 O VAL A 39 ? O VAL A 39 N ALA A 60 ? N ALA A 60 
A 4 5 O VAL A 61 ? O VAL A 61 N VAL A 85 ? N VAL A 85 
# 
loop_
_struct_site.id 
_struct_site.pdbx_evidence_code 
_struct_site.pdbx_auth_asym_id 
_struct_site.pdbx_auth_comp_id 
_struct_site.pdbx_auth_seq_id 
_struct_site.pdbx_auth_ins_code 
_struct_site.pdbx_num_residues 
_struct_site.details 
R1 Unknown ? ? ? ? 9 
;THIS SITE, WHICH IS LOCATED NEAR THE N-TERMINUS AT THE BASE OF THE BETA BARREL, IS PROPOSED TO INTERACT WITH 23S RRNA. IT CONTAINS TYROSINE 32 WHICH FORMS A CROSS-LINK TO 23S RRNA.
;
R2 Unknown ? ? ? ? 8 
'A SECOND SITE IS PROPOSED TO INTERACT WITH 23S RRNA. IT IS LOCATED BETWEEN THE BETA BARREL AND THE C TERMINAL HELICAL DOMAIN.' 
# 
loop_
_struct_site_gen.id 
_struct_site_gen.site_id 
_struct_site_gen.pdbx_num_res 
_struct_site_gen.label_comp_id 
_struct_site_gen.label_asym_id 
_struct_site_gen.label_seq_id 
_struct_site_gen.pdbx_auth_ins_code 
_struct_site_gen.auth_comp_id 
_struct_site_gen.auth_asym_id 
_struct_site_gen.auth_seq_id 
_struct_site_gen.label_atom_id 
_struct_site_gen.label_alt_id 
_struct_site_gen.symmetry 
_struct_site_gen.details 
1  R1 9 TYR A 32  ? TYR A 32  . ? 1_555 ? 
2  R1 9 ARG A 31  ? ARG A 31  . ? 1_555 ? 
3  R1 9 MET A 1   ? MET A 1   . ? 1_555 ? 
4  R1 9 ARG A 67  ? ARG A 67  . ? 1_555 ? 
5  R1 9 ARG A 70  ? ARG A 70  . ? 1_555 ? 
6  R1 9 TYR A 76  ? TYR A 76  . ? 1_555 ? 
7  R1 9 ARG A 78  ? ARG A 78  . ? 1_555 ? 
8  R1 9 LYS A 66  ? LYS A 66  . ? 1_555 ? 
9  R1 9 GLN A 3   ? GLN A 3   . ? 1_555 ? 
10 R2 8 ASN A 13  ? ASN A 13  . ? 1_555 ? 
11 R2 8 PHE A 99  ? PHE A 99  . ? 1_555 ? 
12 R2 8 ARG A 94  ? ARG A 94  . ? 1_555 ? 
13 R2 8 THR A 96  ? THR A 96  . ? 1_555 ? 
14 R2 8 ARG A 97  ? ARG A 97  . ? 1_555 ? 
15 R2 8 LYS A 113 ? LYS A 113 . ? 1_555 ? 
16 R2 8 SER A 116 ? SER A 116 . ? 1_555 ? 
17 R2 8 LEU A 117 ? LEU A 117 . ? 1_555 ? 
# 
loop_
_pdbx_validate_torsion.id 
_pdbx_validate_torsion.PDB_model_num 
_pdbx_validate_torsion.auth_comp_id 
_pdbx_validate_torsion.auth_asym_id 
_pdbx_validate_torsion.auth_seq_id 
_pdbx_validate_torsion.PDB_ins_code 
_pdbx_validate_torsion.label_alt_id 
_pdbx_validate_torsion.phi 
_pdbx_validate_torsion.psi 
1 1 ALA A 11 ? ? -92.48 38.58 
2 1 LYS A 91 ? ? 78.64  -7.97 
# 
loop_
_chem_comp_atom.comp_id 
_chem_comp_atom.atom_id 
_chem_comp_atom.type_symbol 
_chem_comp_atom.pdbx_aromatic_flag 
_chem_comp_atom.pdbx_stereo_config 
_chem_comp_atom.pdbx_ordinal 
ALA N    N N N 1   
ALA CA   C N S 2   
ALA C    C N N 3   
ALA O    O N N 4   
ALA CB   C N N 5   
ALA OXT  O N N 6   
ALA H    H N N 7   
ALA H2   H N N 8   
ALA HA   H N N 9   
ALA HB1  H N N 10  
ALA HB2  H N N 11  
ALA HB3  H N N 12  
ALA HXT  H N N 13  
ARG N    N N N 14  
ARG CA   C N S 15  
ARG C    C N N 16  
ARG O    O N N 17  
ARG CB   C N N 18  
ARG CG   C N N 19  
ARG CD   C N N 20  
ARG NE   N N N 21  
ARG CZ   C N N 22  
ARG NH1  N N N 23  
ARG NH2  N N N 24  
ARG OXT  O N N 25  
ARG H    H N N 26  
ARG H2   H N N 27  
ARG HA   H N N 28  
ARG HB2  H N N 29  
ARG HB3  H N N 30  
ARG HG2  H N N 31  
ARG HG3  H N N 32  
ARG HD2  H N N 33  
ARG HD3  H N N 34  
ARG HE   H N N 35  
ARG HH11 H N N 36  
ARG HH12 H N N 37  
ARG HH21 H N N 38  
ARG HH22 H N N 39  
ARG HXT  H N N 40  
ASN N    N N N 41  
ASN CA   C N S 42  
ASN C    C N N 43  
ASN O    O N N 44  
ASN CB   C N N 45  
ASN CG   C N N 46  
ASN OD1  O N N 47  
ASN ND2  N N N 48  
ASN OXT  O N N 49  
ASN H    H N N 50  
ASN H2   H N N 51  
ASN HA   H N N 52  
ASN HB2  H N N 53  
ASN HB3  H N N 54  
ASN HD21 H N N 55  
ASN HD22 H N N 56  
ASN HXT  H N N 57  
ASP N    N N N 58  
ASP CA   C N S 59  
ASP C    C N N 60  
ASP O    O N N 61  
ASP CB   C N N 62  
ASP CG   C N N 63  
ASP OD1  O N N 64  
ASP OD2  O N N 65  
ASP OXT  O N N 66  
ASP H    H N N 67  
ASP H2   H N N 68  
ASP HA   H N N 69  
ASP HB2  H N N 70  
ASP HB3  H N N 71  
ASP HD2  H N N 72  
ASP HXT  H N N 73  
CYS N    N N N 74  
CYS CA   C N R 75  
CYS C    C N N 76  
CYS O    O N N 77  
CYS CB   C N N 78  
CYS SG   S N N 79  
CYS OXT  O N N 80  
CYS H    H N N 81  
CYS H2   H N N 82  
CYS HA   H N N 83  
CYS HB2  H N N 84  
CYS HB3  H N N 85  
CYS HG   H N N 86  
CYS HXT  H N N 87  
GLN N    N N N 88  
GLN CA   C N S 89  
GLN C    C N N 90  
GLN O    O N N 91  
GLN CB   C N N 92  
GLN CG   C N N 93  
GLN CD   C N N 94  
GLN OE1  O N N 95  
GLN NE2  N N N 96  
GLN OXT  O N N 97  
GLN H    H N N 98  
GLN H2   H N N 99  
GLN HA   H N N 100 
GLN HB2  H N N 101 
GLN HB3  H N N 102 
GLN HG2  H N N 103 
GLN HG3  H N N 104 
GLN HE21 H N N 105 
GLN HE22 H N N 106 
GLN HXT  H N N 107 
GLU N    N N N 108 
GLU CA   C N S 109 
GLU C    C N N 110 
GLU O    O N N 111 
GLU CB   C N N 112 
GLU CG   C N N 113 
GLU CD   C N N 114 
GLU OE1  O N N 115 
GLU OE2  O N N 116 
GLU OXT  O N N 117 
GLU H    H N N 118 
GLU H2   H N N 119 
GLU HA   H N N 120 
GLU HB2  H N N 121 
GLU HB3  H N N 122 
GLU HG2  H N N 123 
GLU HG3  H N N 124 
GLU HE2  H N N 125 
GLU HXT  H N N 126 
GLY N    N N N 127 
GLY CA   C N N 128 
GLY C    C N N 129 
GLY O    O N N 130 
GLY OXT  O N N 131 
GLY H    H N N 132 
GLY H2   H N N 133 
GLY HA2  H N N 134 
GLY HA3  H N N 135 
GLY HXT  H N N 136 
HOH O    O N N 137 
HOH H1   H N N 138 
HOH H2   H N N 139 
ILE N    N N N 140 
ILE CA   C N S 141 
ILE C    C N N 142 
ILE O    O N N 143 
ILE CB   C N S 144 
ILE CG1  C N N 145 
ILE CG2  C N N 146 
ILE CD1  C N N 147 
ILE OXT  O N N 148 
ILE H    H N N 149 
ILE H2   H N N 150 
ILE HA   H N N 151 
ILE HB   H N N 152 
ILE HG12 H N N 153 
ILE HG13 H N N 154 
ILE HG21 H N N 155 
ILE HG22 H N N 156 
ILE HG23 H N N 157 
ILE HD11 H N N 158 
ILE HD12 H N N 159 
ILE HD13 H N N 160 
ILE HXT  H N N 161 
LEU N    N N N 162 
LEU CA   C N S 163 
LEU C    C N N 164 
LEU O    O N N 165 
LEU CB   C N N 166 
LEU CG   C N N 167 
LEU CD1  C N N 168 
LEU CD2  C N N 169 
LEU OXT  O N N 170 
LEU H    H N N 171 
LEU H2   H N N 172 
LEU HA   H N N 173 
LEU HB2  H N N 174 
LEU HB3  H N N 175 
LEU HG   H N N 176 
LEU HD11 H N N 177 
LEU HD12 H N N 178 
LEU HD13 H N N 179 
LEU HD21 H N N 180 
LEU HD22 H N N 181 
LEU HD23 H N N 182 
LEU HXT  H N N 183 
LYS N    N N N 184 
LYS CA   C N S 185 
LYS C    C N N 186 
LYS O    O N N 187 
LYS CB   C N N 188 
LYS CG   C N N 189 
LYS CD   C N N 190 
LYS CE   C N N 191 
LYS NZ   N N N 192 
LYS OXT  O N N 193 
LYS H    H N N 194 
LYS H2   H N N 195 
LYS HA   H N N 196 
LYS HB2  H N N 197 
LYS HB3  H N N 198 
LYS HG2  H N N 199 
LYS HG3  H N N 200 
LYS HD2  H N N 201 
LYS HD3  H N N 202 
LYS HE2  H N N 203 
LYS HE3  H N N 204 
LYS HZ1  H N N 205 
LYS HZ2  H N N 206 
LYS HZ3  H N N 207 
LYS HXT  H N N 208 
MET N    N N N 209 
MET CA   C N S 210 
MET C    C N N 211 
MET O    O N N 212 
MET CB   C N N 213 
MET CG   C N N 214 
MET SD   S N N 215 
MET CE   C N N 216 
MET OXT  O N N 217 
MET H    H N N 218 
MET H2   H N N 219 
MET HA   H N N 220 
MET HB2  H N N 221 
MET HB3  H N N 222 
MET HG2  H N N 223 
MET HG3  H N N 224 
MET HE1  H N N 225 
MET HE2  H N N 226 
MET HE3  H N N 227 
MET HXT  H N N 228 
PHE N    N N N 229 
PHE CA   C N S 230 
PHE C    C N N 231 
PHE O    O N N 232 
PHE CB   C N N 233 
PHE CG   C Y N 234 
PHE CD1  C Y N 235 
PHE CD2  C Y N 236 
PHE CE1  C Y N 237 
PHE CE2  C Y N 238 
PHE CZ   C Y N 239 
PHE OXT  O N N 240 
PHE H    H N N 241 
PHE H2   H N N 242 
PHE HA   H N N 243 
PHE HB2  H N N 244 
PHE HB3  H N N 245 
PHE HD1  H N N 246 
PHE HD2  H N N 247 
PHE HE1  H N N 248 
PHE HE2  H N N 249 
PHE HZ   H N N 250 
PHE HXT  H N N 251 
PRO N    N N N 252 
PRO CA   C N S 253 
PRO C    C N N 254 
PRO O    O N N 255 
PRO CB   C N N 256 
PRO CG   C N N 257 
PRO CD   C N N 258 
PRO OXT  O N N 259 
PRO H    H N N 260 
PRO HA   H N N 261 
PRO HB2  H N N 262 
PRO HB3  H N N 263 
PRO HG2  H N N 264 
PRO HG3  H N N 265 
PRO HD2  H N N 266 
PRO HD3  H N N 267 
PRO HXT  H N N 268 
SER N    N N N 269 
SER CA   C N S 270 
SER C    C N N 271 
SER O    O N N 272 
SER CB   C N N 273 
SER OG   O N N 274 
SER OXT  O N N 275 
SER H    H N N 276 
SER H2   H N N 277 
SER HA   H N N 278 
SER HB2  H N N 279 
SER HB3  H N N 280 
SER HG   H N N 281 
SER HXT  H N N 282 
THR N    N N N 283 
THR CA   C N S 284 
THR C    C N N 285 
THR O    O N N 286 
THR CB   C N R 287 
THR OG1  O N N 288 
THR CG2  C N N 289 
THR OXT  O N N 290 
THR H    H N N 291 
THR H2   H N N 292 
THR HA   H N N 293 
THR HB   H N N 294 
THR HG1  H N N 295 
THR HG21 H N N 296 
THR HG22 H N N 297 
THR HG23 H N N 298 
THR HXT  H N N 299 
TYR N    N N N 300 
TYR CA   C N S 301 
TYR C    C N N 302 
TYR O    O N N 303 
TYR CB   C N N 304 
TYR CG   C Y N 305 
TYR CD1  C Y N 306 
TYR CD2  C Y N 307 
TYR CE1  C Y N 308 
TYR CE2  C Y N 309 
TYR CZ   C Y N 310 
TYR OH   O N N 311 
TYR OXT  O N N 312 
TYR H    H N N 313 
TYR H2   H N N 314 
TYR HA   H N N 315 
TYR HB2  H N N 316 
TYR HB3  H N N 317 
TYR HD1  H N N 318 
TYR HD2  H N N 319 
TYR HE1  H N N 320 
TYR HE2  H N N 321 
TYR HH   H N N 322 
TYR HXT  H N N 323 
VAL N    N N N 324 
VAL CA   C N S 325 
VAL C    C N N 326 
VAL O    O N N 327 
VAL CB   C N N 328 
VAL CG1  C N N 329 
VAL CG2  C N N 330 
VAL OXT  O N N 331 
VAL H    H N N 332 
VAL H2   H N N 333 
VAL HA   H N N 334 
VAL HB   H N N 335 
VAL HG11 H N N 336 
VAL HG12 H N N 337 
VAL HG13 H N N 338 
VAL HG21 H N N 339 
VAL HG22 H N N 340 
VAL HG23 H N N 341 
VAL HXT  H N N 342 
# 
loop_
_chem_comp_bond.comp_id 
_chem_comp_bond.atom_id_1 
_chem_comp_bond.atom_id_2 
_chem_comp_bond.value_order 
_chem_comp_bond.pdbx_aromatic_flag 
_chem_comp_bond.pdbx_stereo_config 
_chem_comp_bond.pdbx_ordinal 
ALA N   CA   sing N N 1   
ALA N   H    sing N N 2   
ALA N   H2   sing N N 3   
ALA CA  C    sing N N 4   
ALA CA  CB   sing N N 5   
ALA CA  HA   sing N N 6   
ALA C   O    doub N N 7   
ALA C   OXT  sing N N 8   
ALA CB  HB1  sing N N 9   
ALA CB  HB2  sing N N 10  
ALA CB  HB3  sing N N 11  
ALA OXT HXT  sing N N 12  
ARG N   CA   sing N N 13  
ARG N   H    sing N N 14  
ARG N   H2   sing N N 15  
ARG CA  C    sing N N 16  
ARG CA  CB   sing N N 17  
ARG CA  HA   sing N N 18  
ARG C   O    doub N N 19  
ARG C   OXT  sing N N 20  
ARG CB  CG   sing N N 21  
ARG CB  HB2  sing N N 22  
ARG CB  HB3  sing N N 23  
ARG CG  CD   sing N N 24  
ARG CG  HG2  sing N N 25  
ARG CG  HG3  sing N N 26  
ARG CD  NE   sing N N 27  
ARG CD  HD2  sing N N 28  
ARG CD  HD3  sing N N 29  
ARG NE  CZ   sing N N 30  
ARG NE  HE   sing N N 31  
ARG CZ  NH1  sing N N 32  
ARG CZ  NH2  doub N N 33  
ARG NH1 HH11 sing N N 34  
ARG NH1 HH12 sing N N 35  
ARG NH2 HH21 sing N N 36  
ARG NH2 HH22 sing N N 37  
ARG OXT HXT  sing N N 38  
ASN N   CA   sing N N 39  
ASN N   H    sing N N 40  
ASN N   H2   sing N N 41  
ASN CA  C    sing N N 42  
ASN CA  CB   sing N N 43  
ASN CA  HA   sing N N 44  
ASN C   O    doub N N 45  
ASN C   OXT  sing N N 46  
ASN CB  CG   sing N N 47  
ASN CB  HB2  sing N N 48  
ASN CB  HB3  sing N N 49  
ASN CG  OD1  doub N N 50  
ASN CG  ND2  sing N N 51  
ASN ND2 HD21 sing N N 52  
ASN ND2 HD22 sing N N 53  
ASN OXT HXT  sing N N 54  
ASP N   CA   sing N N 55  
ASP N   H    sing N N 56  
ASP N   H2   sing N N 57  
ASP CA  C    sing N N 58  
ASP CA  CB   sing N N 59  
ASP CA  HA   sing N N 60  
ASP C   O    doub N N 61  
ASP C   OXT  sing N N 62  
ASP CB  CG   sing N N 63  
ASP CB  HB2  sing N N 64  
ASP CB  HB3  sing N N 65  
ASP CG  OD1  doub N N 66  
ASP CG  OD2  sing N N 67  
ASP OD2 HD2  sing N N 68  
ASP OXT HXT  sing N N 69  
CYS N   CA   sing N N 70  
CYS N   H    sing N N 71  
CYS N   H2   sing N N 72  
CYS CA  C    sing N N 73  
CYS CA  CB   sing N N 74  
CYS CA  HA   sing N N 75  
CYS C   O    doub N N 76  
CYS C   OXT  sing N N 77  
CYS CB  SG   sing N N 78  
CYS CB  HB2  sing N N 79  
CYS CB  HB3  sing N N 80  
CYS SG  HG   sing N N 81  
CYS OXT HXT  sing N N 82  
GLN N   CA   sing N N 83  
GLN N   H    sing N N 84  
GLN N   H2   sing N N 85  
GLN CA  C    sing N N 86  
GLN CA  CB   sing N N 87  
GLN CA  HA   sing N N 88  
GLN C   O    doub N N 89  
GLN C   OXT  sing N N 90  
GLN CB  CG   sing N N 91  
GLN CB  HB2  sing N N 92  
GLN CB  HB3  sing N N 93  
GLN CG  CD   sing N N 94  
GLN CG  HG2  sing N N 95  
GLN CG  HG3  sing N N 96  
GLN CD  OE1  doub N N 97  
GLN CD  NE2  sing N N 98  
GLN NE2 HE21 sing N N 99  
GLN NE2 HE22 sing N N 100 
GLN OXT HXT  sing N N 101 
GLU N   CA   sing N N 102 
GLU N   H    sing N N 103 
GLU N   H2   sing N N 104 
GLU CA  C    sing N N 105 
GLU CA  CB   sing N N 106 
GLU CA  HA   sing N N 107 
GLU C   O    doub N N 108 
GLU C   OXT  sing N N 109 
GLU CB  CG   sing N N 110 
GLU CB  HB2  sing N N 111 
GLU CB  HB3  sing N N 112 
GLU CG  CD   sing N N 113 
GLU CG  HG2  sing N N 114 
GLU CG  HG3  sing N N 115 
GLU CD  OE1  doub N N 116 
GLU CD  OE2  sing N N 117 
GLU OE2 HE2  sing N N 118 
GLU OXT HXT  sing N N 119 
GLY N   CA   sing N N 120 
GLY N   H    sing N N 121 
GLY N   H2   sing N N 122 
GLY CA  C    sing N N 123 
GLY CA  HA2  sing N N 124 
GLY CA  HA3  sing N N 125 
GLY C   O    doub N N 126 
GLY C   OXT  sing N N 127 
GLY OXT HXT  sing N N 128 
HOH O   H1   sing N N 129 
HOH O   H2   sing N N 130 
ILE N   CA   sing N N 131 
ILE N   H    sing N N 132 
ILE N   H2   sing N N 133 
ILE CA  C    sing N N 134 
ILE CA  CB   sing N N 135 
ILE CA  HA   sing N N 136 
ILE C   O    doub N N 137 
ILE C   OXT  sing N N 138 
ILE CB  CG1  sing N N 139 
ILE CB  CG2  sing N N 140 
ILE CB  HB   sing N N 141 
ILE CG1 CD1  sing N N 142 
ILE CG1 HG12 sing N N 143 
ILE CG1 HG13 sing N N 144 
ILE CG2 HG21 sing N N 145 
ILE CG2 HG22 sing N N 146 
ILE CG2 HG23 sing N N 147 
ILE CD1 HD11 sing N N 148 
ILE CD1 HD12 sing N N 149 
ILE CD1 HD13 sing N N 150 
ILE OXT HXT  sing N N 151 
LEU N   CA   sing N N 152 
LEU N   H    sing N N 153 
LEU N   H2   sing N N 154 
LEU CA  C    sing N N 155 
LEU CA  CB   sing N N 156 
LEU CA  HA   sing N N 157 
LEU C   O    doub N N 158 
LEU C   OXT  sing N N 159 
LEU CB  CG   sing N N 160 
LEU CB  HB2  sing N N 161 
LEU CB  HB3  sing N N 162 
LEU CG  CD1  sing N N 163 
LEU CG  CD2  sing N N 164 
LEU CG  HG   sing N N 165 
LEU CD1 HD11 sing N N 166 
LEU CD1 HD12 sing N N 167 
LEU CD1 HD13 sing N N 168 
LEU CD2 HD21 sing N N 169 
LEU CD2 HD22 sing N N 170 
LEU CD2 HD23 sing N N 171 
LEU OXT HXT  sing N N 172 
LYS N   CA   sing N N 173 
LYS N   H    sing N N 174 
LYS N   H2   sing N N 175 
LYS CA  C    sing N N 176 
LYS CA  CB   sing N N 177 
LYS CA  HA   sing N N 178 
LYS C   O    doub N N 179 
LYS C   OXT  sing N N 180 
LYS CB  CG   sing N N 181 
LYS CB  HB2  sing N N 182 
LYS CB  HB3  sing N N 183 
LYS CG  CD   sing N N 184 
LYS CG  HG2  sing N N 185 
LYS CG  HG3  sing N N 186 
LYS CD  CE   sing N N 187 
LYS CD  HD2  sing N N 188 
LYS CD  HD3  sing N N 189 
LYS CE  NZ   sing N N 190 
LYS CE  HE2  sing N N 191 
LYS CE  HE3  sing N N 192 
LYS NZ  HZ1  sing N N 193 
LYS NZ  HZ2  sing N N 194 
LYS NZ  HZ3  sing N N 195 
LYS OXT HXT  sing N N 196 
MET N   CA   sing N N 197 
MET N   H    sing N N 198 
MET N   H2   sing N N 199 
MET CA  C    sing N N 200 
MET CA  CB   sing N N 201 
MET CA  HA   sing N N 202 
MET C   O    doub N N 203 
MET C   OXT  sing N N 204 
MET CB  CG   sing N N 205 
MET CB  HB2  sing N N 206 
MET CB  HB3  sing N N 207 
MET CG  SD   sing N N 208 
MET CG  HG2  sing N N 209 
MET CG  HG3  sing N N 210 
MET SD  CE   sing N N 211 
MET CE  HE1  sing N N 212 
MET CE  HE2  sing N N 213 
MET CE  HE3  sing N N 214 
MET OXT HXT  sing N N 215 
PHE N   CA   sing N N 216 
PHE N   H    sing N N 217 
PHE N   H2   sing N N 218 
PHE CA  C    sing N N 219 
PHE CA  CB   sing N N 220 
PHE CA  HA   sing N N 221 
PHE C   O    doub N N 222 
PHE C   OXT  sing N N 223 
PHE CB  CG   sing N N 224 
PHE CB  HB2  sing N N 225 
PHE CB  HB3  sing N N 226 
PHE CG  CD1  doub Y N 227 
PHE CG  CD2  sing Y N 228 
PHE CD1 CE1  sing Y N 229 
PHE CD1 HD1  sing N N 230 
PHE CD2 CE2  doub Y N 231 
PHE CD2 HD2  sing N N 232 
PHE CE1 CZ   doub Y N 233 
PHE CE1 HE1  sing N N 234 
PHE CE2 CZ   sing Y N 235 
PHE CE2 HE2  sing N N 236 
PHE CZ  HZ   sing N N 237 
PHE OXT HXT  sing N N 238 
PRO N   CA   sing N N 239 
PRO N   CD   sing N N 240 
PRO N   H    sing N N 241 
PRO CA  C    sing N N 242 
PRO CA  CB   sing N N 243 
PRO CA  HA   sing N N 244 
PRO C   O    doub N N 245 
PRO C   OXT  sing N N 246 
PRO CB  CG   sing N N 247 
PRO CB  HB2  sing N N 248 
PRO CB  HB3  sing N N 249 
PRO CG  CD   sing N N 250 
PRO CG  HG2  sing N N 251 
PRO CG  HG3  sing N N 252 
PRO CD  HD2  sing N N 253 
PRO CD  HD3  sing N N 254 
PRO OXT HXT  sing N N 255 
SER N   CA   sing N N 256 
SER N   H    sing N N 257 
SER N   H2   sing N N 258 
SER CA  C    sing N N 259 
SER CA  CB   sing N N 260 
SER CA  HA   sing N N 261 
SER C   O    doub N N 262 
SER C   OXT  sing N N 263 
SER CB  OG   sing N N 264 
SER CB  HB2  sing N N 265 
SER CB  HB3  sing N N 266 
SER OG  HG   sing N N 267 
SER OXT HXT  sing N N 268 
THR N   CA   sing N N 269 
THR N   H    sing N N 270 
THR N   H2   sing N N 271 
THR CA  C    sing N N 272 
THR CA  CB   sing N N 273 
THR CA  HA   sing N N 274 
THR C   O    doub N N 275 
THR C   OXT  sing N N 276 
THR CB  OG1  sing N N 277 
THR CB  CG2  sing N N 278 
THR CB  HB   sing N N 279 
THR OG1 HG1  sing N N 280 
THR CG2 HG21 sing N N 281 
THR CG2 HG22 sing N N 282 
THR CG2 HG23 sing N N 283 
THR OXT HXT  sing N N 284 
TYR N   CA   sing N N 285 
TYR N   H    sing N N 286 
TYR N   H2   sing N N 287 
TYR CA  C    sing N N 288 
TYR CA  CB   sing N N 289 
TYR CA  HA   sing N N 290 
TYR C   O    doub N N 291 
TYR C   OXT  sing N N 292 
TYR CB  CG   sing N N 293 
TYR CB  HB2  sing N N 294 
TYR CB  HB3  sing N N 295 
TYR CG  CD1  doub Y N 296 
TYR CG  CD2  sing Y N 297 
TYR CD1 CE1  sing Y N 298 
TYR CD1 HD1  sing N N 299 
TYR CD2 CE2  doub Y N 300 
TYR CD2 HD2  sing N N 301 
TYR CE1 CZ   doub Y N 302 
TYR CE1 HE1  sing N N 303 
TYR CE2 CZ   sing Y N 304 
TYR CE2 HE2  sing N N 305 
TYR CZ  OH   sing N N 306 
TYR OH  HH   sing N N 307 
TYR OXT HXT  sing N N 308 
VAL N   CA   sing N N 309 
VAL N   H    sing N N 310 
VAL N   H2   sing N N 311 
VAL CA  C    sing N N 312 
VAL CA  CB   sing N N 313 
VAL CA  HA   sing N N 314 
VAL C   O    doub N N 315 
VAL C   OXT  sing N N 316 
VAL CB  CG1  sing N N 317 
VAL CB  CG2  sing N N 318 
VAL CB  HB   sing N N 319 
VAL CG1 HG11 sing N N 320 
VAL CG1 HG12 sing N N 321 
VAL CG1 HG13 sing N N 322 
VAL CG2 HG21 sing N N 323 
VAL CG2 HG22 sing N N 324 
VAL CG2 HG23 sing N N 325 
VAL OXT HXT  sing N N 326 
# 
_atom_sites.entry_id                    1WHI 
_atom_sites.fract_transf_matrix[1][1]   0.00432460 
_atom_sites.fract_transf_matrix[1][2]   0.01371128 
_atom_sites.fract_transf_matrix[1][3]   -0.00514727 
_atom_sites.fract_transf_matrix[2][1]   0.02874652 
_atom_sites.fract_transf_matrix[2][2]   -0.01007838 
_atom_sites.fract_transf_matrix[2][3]   -0.00269472 
_atom_sites.fract_transf_matrix[3][1]   -0.00265258 
_atom_sites.fract_transf_matrix[3][2]   -0.00211143 
_atom_sites.fract_transf_matrix[3][3]   -0.02040020 
_atom_sites.fract_transf_vector[1]      0.348133 
_atom_sites.fract_transf_vector[2]      0.114574 
_atom_sites.fract_transf_vector[3]      0.757341 
# 
loop_
_atom_type.symbol 
C 
N 
O 
S 
# 
loop_
_atom_site.group_PDB 
_atom_site.id 
_atom_site.type_symbol 
_atom_site.label_atom_id 
_atom_site.label_alt_id 
_atom_site.label_comp_id 
_atom_site.label_asym_id 
_atom_site.label_entity_id 
_atom_site.label_seq_id 
_atom_site.pdbx_PDB_ins_code 
_atom_site.Cartn_x 
_atom_site.Cartn_y 
_atom_site.Cartn_z 
_atom_site.occupancy 
_atom_site.B_iso_or_equiv 
_atom_site.pdbx_formal_charge 
_atom_site.auth_seq_id 
_atom_site.auth_comp_id 
_atom_site.auth_asym_id 
_atom_site.auth_atom_id 
_atom_site.pdbx_PDB_model_num 
ATOM   1    N N   . MET A 1 1   ? -11.454 7.353   6.120   1.00 23.70 ? 1   MET A N   1 
ATOM   2    C CA  . MET A 1 1   ? -10.535 6.204   6.352   1.00 22.14 ? 1   MET A CA  1 
ATOM   3    C C   . MET A 1 1   ? -10.594 5.287   5.152   1.00 19.30 ? 1   MET A C   1 
ATOM   4    O O   . MET A 1 1   ? -11.616 5.237   4.476   1.00 20.07 ? 1   MET A O   1 
ATOM   5    C CB  . MET A 1 1   ? -10.963 5.418   7.590   1.00 24.23 ? 1   MET A CB  1 
ATOM   6    C CG  . MET A 1 1   ? -10.524 6.032   8.898   1.00 28.07 ? 1   MET A CG  1 
ATOM   7    S SD  . MET A 1 1   ? -11.569 5.453   10.199  1.00 32.13 ? 1   MET A SD  1 
ATOM   8    C CE  . MET A 1 1   ? -10.376 4.455   11.170  1.00 32.19 ? 1   MET A CE  1 
ATOM   9    N N   . ILE A 1 2   ? -9.500  4.587   4.877   1.00 15.79 ? 2   ILE A N   1 
ATOM   10   C CA  . ILE A 1 2   ? -9.458  3.642   3.769   1.00 13.35 ? 2   ILE A CA  1 
ATOM   11   C C   . ILE A 1 2   ? -10.355 2.457   4.147   1.00 13.20 ? 2   ILE A C   1 
ATOM   12   O O   . ILE A 1 2   ? -10.166 1.832   5.189   1.00 11.87 ? 2   ILE A O   1 
ATOM   13   C CB  . ILE A 1 2   ? -8.010  3.147   3.497   1.00 12.46 ? 2   ILE A CB  1 
ATOM   14   C CG1 . ILE A 1 2   ? -7.130  4.318   3.061   1.00 10.56 ? 2   ILE A CG1 1 
ATOM   15   C CG2 . ILE A 1 2   ? -8.015  2.051   2.436   1.00 10.32 ? 2   ILE A CG2 1 
ATOM   16   C CD1 . ILE A 1 2   ? -5.669  3.996   3.022   1.00 10.59 ? 2   ILE A CD1 1 
ATOM   17   N N   . GLN A 1 3   ? -11.323 2.151   3.298   1.00 12.86 ? 3   GLN A N   1 
ATOM   18   C CA  . GLN A 1 3   ? -12.257 1.055   3.534   1.00 13.16 ? 3   GLN A CA  1 
ATOM   19   C C   . GLN A 1 3   ? -12.656 0.478   2.181   1.00 13.90 ? 3   GLN A C   1 
ATOM   20   O O   . GLN A 1 3   ? -12.082 0.857   1.162   1.00 12.29 ? 3   GLN A O   1 
ATOM   21   C CB  . GLN A 1 3   ? -13.490 1.575   4.290   1.00 14.75 ? 3   GLN A CB  1 
ATOM   22   C CG  . GLN A 1 3   ? -14.126 2.825   3.691   1.00 16.51 ? 3   GLN A CG  1 
ATOM   23   C CD  . GLN A 1 3   ? -15.043 3.550   4.665   1.00 18.67 ? 3   GLN A CD  1 
ATOM   24   O OE1 . GLN A 1 3   ? -14.739 4.660   5.125   1.00 19.96 ? 3   GLN A OE1 1 
ATOM   25   N NE2 . GLN A 1 3   ? -16.156 2.921   4.997   1.00 16.99 ? 3   GLN A NE2 1 
ATOM   26   N N   . GLN A 1 4   ? -13.615 -0.447  2.162   1.00 14.69 ? 4   GLN A N   1 
ATOM   27   C CA  . GLN A 1 4   ? -14.042 -1.044  0.895   1.00 16.75 ? 4   GLN A CA  1 
ATOM   28   C C   . GLN A 1 4   ? -14.455 0.052   -0.069  1.00 14.88 ? 4   GLN A C   1 
ATOM   29   O O   . GLN A 1 4   ? -15.098 1.036   0.319   1.00 13.67 ? 4   GLN A O   1 
ATOM   30   C CB  . GLN A 1 4   ? -15.185 -2.054  1.076   1.00 20.48 ? 4   GLN A CB  1 
ATOM   31   C CG  . GLN A 1 4   ? -16.516 -1.430  1.436   1.00 27.43 ? 4   GLN A CG  1 
ATOM   32   C CD  . GLN A 1 4   ? -17.682 -2.412  1.383   1.00 30.91 ? 4   GLN A CD  1 
ATOM   33   O OE1 . GLN A 1 4   ? -17.622 -3.450  0.710   1.00 31.56 ? 4   GLN A OE1 1 
ATOM   34   N NE2 . GLN A 1 4   ? -18.773 -2.056  2.055   1.00 33.07 ? 4   GLN A NE2 1 
ATOM   35   N N   . GLU A 1 5   ? -14.014 -0.118  -1.312  1.00 14.45 ? 5   GLU A N   1 
ATOM   36   C CA  . GLU A 1 5   ? -14.247 0.790   -2.429  1.00 15.15 ? 5   GLU A CA  1 
ATOM   37   C C   . GLU A 1 5   ? -13.431 2.069   -2.442  1.00 13.91 ? 5   GLU A C   1 
ATOM   38   O O   . GLU A 1 5   ? -13.660 2.943   -3.275  1.00 15.45 ? 5   GLU A O   1 
ATOM   39   C CB  . GLU A 1 5   ? -15.737 1.073   -2.636  1.00 18.30 ? 5   GLU A CB  1 
ATOM   40   C CG  . GLU A 1 5   ? -16.464 -0.085  -3.289  1.00 23.36 ? 5   GLU A CG  1 
ATOM   41   C CD  . GLU A 1 5   ? -17.960 0.042   -3.174  1.00 27.73 ? 5   GLU A CD  1 
ATOM   42   O OE1 . GLU A 1 5   ? -18.487 -0.264  -2.090  1.00 31.74 ? 5   GLU A OE1 1 
ATOM   43   O OE2 . GLU A 1 5   ? -18.603 0.462   -4.152  1.00 31.10 ? 5   GLU A OE2 1 
ATOM   44   N N   . SER A 1 6   ? -12.488 2.191   -1.509  1.00 11.66 ? 6   SER A N   1 
ATOM   45   C CA  . SER A 1 6   ? -11.597 3.342   -1.480  1.00 10.98 ? 6   SER A CA  1 
ATOM   46   C C   . SER A 1 6   ? -10.620 3.140   -2.643  1.00 10.44 ? 6   SER A C   1 
ATOM   47   O O   . SER A 1 6   ? -10.247 2.001   -2.947  1.00 9.25  ? 6   SER A O   1 
ATOM   48   C CB  . SER A 1 6   ? -10.803 3.388   -0.166  1.00 10.25 ? 6   SER A CB  1 
ATOM   49   O OG  . SER A 1 6   ? -11.622 3.824   0.902   1.00 10.42 ? 6   SER A OG  1 
ATOM   50   N N   . ARG A 1 7   ? -10.216 4.234   -3.288  1.00 9.90  ? 7   ARG A N   1 
ATOM   51   C CA  . ARG A 1 7   ? -9.263  4.163   -4.399  1.00 12.79 ? 7   ARG A CA  1 
ATOM   52   C C   . ARG A 1 7   ? -7.898  4.521   -3.847  1.00 11.48 ? 7   ARG A C   1 
ATOM   53   O O   . ARG A 1 7   ? -7.768  5.478   -3.091  1.00 12.73 ? 7   ARG A O   1 
ATOM   54   C CB  . ARG A 1 7   ? -9.637  5.131   -5.529  1.00 17.13 ? 7   ARG A CB  1 
ATOM   55   C CG  . ARG A 1 7   ? -10.908 4.745   -6.248  1.00 23.57 ? 7   ARG A CG  1 
ATOM   56   C CD  . ARG A 1 7   ? -11.289 5.794   -7.248  1.00 30.31 ? 7   ARG A CD  1 
ATOM   57   N NE  . ARG A 1 7   ? -12.740 5.956   -7.307  1.00 36.35 ? 7   ARG A NE  1 
ATOM   58   C CZ  . ARG A 1 7   ? -13.372 6.654   -8.247  1.00 39.38 ? 7   ARG A CZ  1 
ATOM   59   N NH1 . ARG A 1 7   ? -12.679 7.219   -9.237  1.00 40.08 ? 7   ARG A NH1 1 
ATOM   60   N NH2 . ARG A 1 7   ? -14.698 6.759   -8.221  1.00 40.34 ? 7   ARG A NH2 1 
ATOM   61   N N   . LEU A 1 8   ? -6.890  3.744   -4.208  1.00 10.31 ? 8   LEU A N   1 
ATOM   62   C CA  . LEU A 1 8   ? -5.532  3.981   -3.726  1.00 9.50  ? 8   LEU A CA  1 
ATOM   63   C C   . LEU A 1 8   ? -4.568  4.145   -4.895  1.00 8.55  ? 8   LEU A C   1 
ATOM   64   O O   . LEU A 1 8   ? -4.687  3.448   -5.895  1.00 10.09 ? 8   LEU A O   1 
ATOM   65   C CB  . LEU A 1 8   ? -5.046  2.800   -2.881  1.00 10.36 ? 8   LEU A CB  1 
ATOM   66   C CG  . LEU A 1 8   ? -5.951  2.261   -1.774  1.00 10.77 ? 8   LEU A CG  1 
ATOM   67   C CD1 . LEU A 1 8   ? -5.329  1.027   -1.140  1.00 10.51 ? 8   LEU A CD1 1 
ATOM   68   C CD2 . LEU A 1 8   ? -6.157  3.351   -0.745  1.00 14.03 ? 8   LEU A CD2 1 
ATOM   69   N N   . LYS A 1 9   ? -3.644  5.092   -4.773  1.00 8.12  ? 9   LYS A N   1 
ATOM   70   C CA  . LYS A 1 9   ? -2.626  5.296   -5.802  1.00 8.63  ? 9   LYS A CA  1 
ATOM   71   C C   . LYS A 1 9   ? -1.633  4.165   -5.587  1.00 10.21 ? 9   LYS A C   1 
ATOM   72   O O   . LYS A 1 9   ? -1.465  3.701   -4.462  1.00 10.64 ? 9   LYS A O   1 
ATOM   73   C CB  . LYS A 1 9   ? -1.847  6.577   -5.557  1.00 8.58  ? 9   LYS A CB  1 
ATOM   74   C CG  . LYS A 1 9   ? -2.670  7.813   -5.404  1.00 13.68 ? 9   LYS A CG  1 
ATOM   75   C CD  . LYS A 1 9   ? -3.448  8.125   -6.634  1.00 17.09 ? 9   LYS A CD  1 
ATOM   76   C CE  . LYS A 1 9   ? -3.766  9.609   -6.656  1.00 22.00 ? 9   LYS A CE  1 
ATOM   77   N NZ  . LYS A 1 9   ? -5.069  9.883   -7.324  1.00 27.15 ? 9   LYS A NZ  1 
ATOM   78   N N   . VAL A 1 10  ? -0.947  3.750   -6.641  1.00 10.25 ? 10  VAL A N   1 
ATOM   79   C CA  . VAL A 1 10  ? 0.056   2.702   -6.525  1.00 10.55 ? 10  VAL A CA  1 
ATOM   80   C C   . VAL A 1 10  ? 1.447   3.358   -6.570  1.00 11.44 ? 10  VAL A C   1 
ATOM   81   O O   . VAL A 1 10  ? 1.799   4.035   -7.527  1.00 12.63 ? 10  VAL A O   1 
ATOM   82   C CB  . VAL A 1 10  ? -0.117  1.661   -7.633  1.00 10.94 ? 10  VAL A CB  1 
ATOM   83   C CG1 . VAL A 1 10  ? 0.968   0.596   -7.526  1.00 11.83 ? 10  VAL A CG1 1 
ATOM   84   C CG2 . VAL A 1 10  ? -1.517  1.029   -7.517  1.00 11.39 ? 10  VAL A CG2 1 
ATOM   85   N N   . ALA A 1 11  ? 2.219   3.185   -5.507  1.00 11.44 ? 11  ALA A N   1 
ATOM   86   C CA  . ALA A 1 11  ? 3.541   3.787   -5.411  1.00 11.11 ? 11  ALA A CA  1 
ATOM   87   C C   . ALA A 1 11  ? 4.681   2.904   -5.899  1.00 11.05 ? 11  ALA A C   1 
ATOM   88   O O   . ALA A 1 11  ? 5.751   2.913   -5.306  1.00 13.16 ? 11  ALA A O   1 
ATOM   89   C CB  . ALA A 1 11  ? 3.797   4.204   -3.965  1.00 10.53 ? 11  ALA A CB  1 
ATOM   90   N N   . ASP A 1 12  ? 4.478   2.155   -6.970  1.00 10.28 ? 12  ASP A N   1 
ATOM   91   C CA  . ASP A 1 12  ? 5.542   1.287   -7.468  1.00 11.47 ? 12  ASP A CA  1 
ATOM   92   C C   . ASP A 1 12  ? 5.517   1.269   -8.979  1.00 12.26 ? 12  ASP A C   1 
ATOM   93   O O   . ASP A 1 12  ? 4.656   1.904   -9.589  1.00 13.62 ? 12  ASP A O   1 
ATOM   94   C CB  . ASP A 1 12  ? 5.414   -0.149  -6.921  1.00 10.67 ? 12  ASP A CB  1 
ATOM   95   C CG  . ASP A 1 12  ? 4.099   -0.833  -7.303  1.00 12.48 ? 12  ASP A CG  1 
ATOM   96   O OD1 . ASP A 1 12  ? 3.599   -0.677  -8.429  1.00 12.75 ? 12  ASP A OD1 1 
ATOM   97   O OD2 . ASP A 1 12  ? 3.565   -1.583  -6.474  1.00 14.67 ? 12  ASP A OD2 1 
ATOM   98   N N   . ASN A 1 13  ? 6.409   0.498   -9.584  1.00 12.10 ? 13  ASN A N   1 
ATOM   99   C CA  . ASN A 1 13  ? 6.440   0.425   -11.043 1.00 13.23 ? 13  ASN A CA  1 
ATOM   100  C C   . ASN A 1 13  ? 5.916   -0.913  -11.554 1.00 13.58 ? 13  ASN A C   1 
ATOM   101  O O   . ASN A 1 13  ? 6.360   -1.398  -12.588 1.00 14.63 ? 13  ASN A O   1 
ATOM   102  C CB  . ASN A 1 13  ? 7.857   0.691   -11.572 1.00 12.33 ? 13  ASN A CB  1 
ATOM   103  C CG  . ASN A 1 13  ? 8.876   -0.316  -11.072 1.00 13.93 ? 13  ASN A CG  1 
ATOM   104  O OD1 . ASN A 1 13  ? 8.608   -1.118  -10.160 1.00 14.00 ? 13  ASN A OD1 1 
ATOM   105  N ND2 . ASN A 1 13  ? 10.066  -0.275  -11.657 1.00 14.47 ? 13  ASN A ND2 1 
ATOM   106  N N   . SER A 1 14  ? 4.993   -1.519  -10.808 1.00 13.52 ? 14  SER A N   1 
ATOM   107  C CA  . SER A 1 14  ? 4.400   -2.805  -11.186 1.00 14.21 ? 14  SER A CA  1 
ATOM   108  C C   . SER A 1 14  ? 3.570   -2.713  -12.478 1.00 14.20 ? 14  SER A C   1 
ATOM   109  O O   . SER A 1 14  ? 3.376   -3.710  -13.167 1.00 13.86 ? 14  SER A O   1 
ATOM   110  C CB  . SER A 1 14  ? 3.468   -3.307  -10.077 1.00 13.24 ? 14  SER A CB  1 
ATOM   111  O OG  . SER A 1 14  ? 2.365   -2.424  -9.911  1.00 12.14 ? 14  SER A OG  1 
ATOM   112  N N   . GLY A 1 15  ? 3.046   -1.525  -12.764 1.00 14.48 ? 15  GLY A N   1 
ATOM   113  C CA  . GLY A 1 15  ? 2.199   -1.344  -13.931 1.00 14.36 ? 15  GLY A CA  1 
ATOM   114  C C   . GLY A 1 15  ? 0.842   -0.834  -13.480 1.00 14.40 ? 15  GLY A C   1 
ATOM   115  O O   . GLY A 1 15  ? 0.189   -0.088  -14.200 1.00 14.82 ? 15  GLY A O   1 
ATOM   116  N N   . ALA A 1 16  ? 0.413   -1.217  -12.276 1.00 13.42 ? 16  ALA A N   1 
ATOM   117  C CA  . ALA A 1 16  ? -0.863  -0.750  -11.752 1.00 11.76 ? 16  ALA A CA  1 
ATOM   118  C C   . ALA A 1 16  ? -0.740  0.725   -11.412 1.00 11.89 ? 16  ALA A C   1 
ATOM   119  O O   . ALA A 1 16  ? 0.281   1.166   -10.888 1.00 11.34 ? 16  ALA A O   1 
ATOM   120  C CB  . ALA A 1 16  ? -1.266  -1.545  -10.515 1.00 11.87 ? 16  ALA A CB  1 
ATOM   121  N N   . ARG A 1 17  ? -1.790  1.480   -11.714 1.00 12.71 ? 17  ARG A N   1 
ATOM   122  C CA  . ARG A 1 17  ? -1.813  2.914   -11.473 1.00 13.97 ? 17  ARG A CA  1 
ATOM   123  C C   . ARG A 1 17  ? -2.766  3.290   -10.330 1.00 13.51 ? 17  ARG A C   1 
ATOM   124  O O   . ARG A 1 17  ? -2.488  4.200   -9.542  1.00 12.99 ? 17  ARG A O   1 
ATOM   125  C CB  . ARG A 1 17  ? -2.170  3.635   -12.781 1.00 18.31 ? 17  ARG A CB  1 
ATOM   126  C CG  . ARG A 1 17  ? -1.291  3.158   -13.956 1.00 22.32 ? 17  ARG A CG  1 
ATOM   127  C CD  . ARG A 1 17  ? -1.227  4.149   -15.121 1.00 28.91 ? 17  ARG A CD  1 
ATOM   128  N NE  . ARG A 1 17  ? -2.392  4.077   -15.995 1.00 32.28 ? 17  ARG A NE  1 
ATOM   129  C CZ  . ARG A 1 17  ? -2.363  4.173   -17.326 1.00 34.07 ? 17  ARG A CZ  1 
ATOM   130  N NH1 . ARG A 1 17  ? -1.219  4.325   -17.985 1.00 34.85 ? 17  ARG A NH1 1 
ATOM   131  N NH2 . ARG A 1 17  ? -3.498  4.095   -18.007 1.00 33.55 ? 17  ARG A NH2 1 
ATOM   132  N N   . GLU A 1 18  ? -3.850  2.536   -10.191 1.00 12.47 ? 18  GLU A N   1 
ATOM   133  C CA  . GLU A 1 18  ? -4.815  2.796   -9.130  1.00 12.65 ? 18  GLU A CA  1 
ATOM   134  C C   . GLU A 1 18  ? -5.574  1.515   -8.857  1.00 11.09 ? 18  GLU A C   1 
ATOM   135  O O   . GLU A 1 18  ? -5.816  0.726   -9.778  1.00 9.46  ? 18  GLU A O   1 
ATOM   136  C CB  . GLU A 1 18  ? -5.774  3.890   -9.582  1.00 15.49 ? 18  GLU A CB  1 
ATOM   137  C CG  . GLU A 1 18  ? -6.819  4.293   -8.582  1.00 21.12 ? 18  GLU A CG  1 
ATOM   138  C CD  . GLU A 1 18  ? -7.369  5.665   -8.909  1.00 25.71 ? 18  GLU A CD  1 
ATOM   139  O OE1 . GLU A 1 18  ? -8.285  5.779   -9.753  1.00 26.34 ? 18  GLU A OE1 1 
ATOM   140  O OE2 . GLU A 1 18  ? -6.829  6.641   -8.350  1.00 31.06 ? 18  GLU A OE2 1 
ATOM   141  N N   . VAL A 1 19  ? -5.882  1.274   -7.585  1.00 9.75  ? 19  VAL A N   1 
ATOM   142  C CA  . VAL A 1 19  ? -6.637  0.077   -7.182  1.00 9.51  ? 19  VAL A CA  1 
ATOM   143  C C   . VAL A 1 19  ? -7.845  0.476   -6.357  1.00 9.30  ? 19  VAL A C   1 
ATOM   144  O O   . VAL A 1 19  ? -7.906  1.587   -5.812  1.00 10.53 ? 19  VAL A O   1 
ATOM   145  C CB  . VAL A 1 19  ? -5.775  -0.979  -6.407  1.00 8.63  ? 19  VAL A CB  1 
ATOM   146  C CG1 . VAL A 1 19  ? -4.691  -1.544  -7.301  1.00 10.14 ? 19  VAL A CG1 1 
ATOM   147  C CG2 . VAL A 1 19  ? -5.193  -0.376  -5.103  1.00 10.94 ? 19  VAL A CG2 1 
ATOM   148  N N   . LEU A 1 20  ? -8.808  -0.428  -6.283  1.00 8.97  ? 20  LEU A N   1 
ATOM   149  C CA  . LEU A 1 20  ? -10.046 -0.201  -5.561  1.00 11.53 ? 20  LEU A CA  1 
ATOM   150  C C   . LEU A 1 20  ? -10.121 -1.279  -4.485  1.00 10.33 ? 20  LEU A C   1 
ATOM   151  O O   . LEU A 1 20  ? -10.086 -2.458  -4.802  1.00 10.33 ? 20  LEU A O   1 
ATOM   152  C CB  . LEU A 1 20  ? -11.212 -0.340  -6.544  1.00 14.68 ? 20  LEU A CB  1 
ATOM   153  C CG  . LEU A 1 20  ? -12.630 0.005   -6.099  1.00 20.19 ? 20  LEU A CG  1 
ATOM   154  C CD1 . LEU A 1 20  ? -12.739 1.496   -5.799  1.00 21.43 ? 20  LEU A CD1 1 
ATOM   155  C CD2 . LEU A 1 20  ? -13.601 -0.364  -7.225  1.00 22.02 ? 20  LEU A CD2 1 
ATOM   156  N N   . VAL A 1 21  ? -10.176 -0.862  -3.223  1.00 10.06 ? 21  VAL A N   1 
ATOM   157  C CA  . VAL A 1 21  ? -10.216 -1.790  -2.087  1.00 10.36 ? 21  VAL A CA  1 
ATOM   158  C C   . VAL A 1 21  ? -11.448 -2.679  -2.010  1.00 11.42 ? 21  VAL A C   1 
ATOM   159  O O   . VAL A 1 21  ? -12.569 -2.204  -2.117  1.00 12.57 ? 21  VAL A O   1 
ATOM   160  C CB  . VAL A 1 21  ? -10.088 -1.036  -0.742  1.00 10.43 ? 21  VAL A CB  1 
ATOM   161  C CG1 . VAL A 1 21  ? -10.181 -2.006  0.439   1.00 9.93  ? 21  VAL A CG1 1 
ATOM   162  C CG2 . VAL A 1 21  ? -8.763  -0.268  -0.703  1.00 10.53 ? 21  VAL A CG2 1 
ATOM   163  N N   . ILE A 1 22  ? -11.229 -3.975  -1.838  1.00 12.10 ? 22  ILE A N   1 
ATOM   164  C CA  . ILE A 1 22  ? -12.315 -4.932  -1.717  1.00 13.71 ? 22  ILE A CA  1 
ATOM   165  C C   . ILE A 1 22  ? -12.478 -5.261  -0.245  1.00 14.35 ? 22  ILE A C   1 
ATOM   166  O O   . ILE A 1 22  ? -13.575 -5.172  0.296   1.00 15.04 ? 22  ILE A O   1 
ATOM   167  C CB  . ILE A 1 22  ? -12.020 -6.221  -2.482  1.00 13.95 ? 22  ILE A CB  1 
ATOM   168  C CG1 . ILE A 1 22  ? -12.012 -5.945  -3.985  1.00 15.20 ? 22  ILE A CG1 1 
ATOM   169  C CG2 . ILE A 1 22  ? -13.048 -7.295  -2.129  1.00 16.26 ? 22  ILE A CG2 1 
ATOM   170  C CD1 . ILE A 1 22  ? -11.586 -7.111  -4.793  1.00 15.80 ? 22  ILE A CD1 1 
ATOM   171  N N   . LYS A 1 23  ? -11.371 -5.598  0.413   1.00 13.54 ? 23  LYS A N   1 
ATOM   172  C CA  . LYS A 1 23  ? -11.410 -5.929  1.837   1.00 14.33 ? 23  LYS A CA  1 
ATOM   173  C C   . LYS A 1 23  ? -10.054 -5.710  2.510   1.00 13.09 ? 23  LYS A C   1 
ATOM   174  O O   . LYS A 1 23  ? -9.017  -5.671  1.848   1.00 11.00 ? 23  LYS A O   1 
ATOM   175  C CB  . LYS A 1 23  ? -11.858 -7.383  2.054   1.00 16.65 ? 23  LYS A CB  1 
ATOM   176  C CG  . LYS A 1 23  ? -10.824 -8.416  1.656   1.00 20.45 ? 23  LYS A CG  1 
ATOM   177  C CD  . LYS A 1 23  ? -11.218 -9.791  2.150   1.00 25.18 ? 23  LYS A CD  1 
ATOM   178  C CE  . LYS A 1 23  ? -11.943 -10.588 1.081   1.00 29.39 ? 23  LYS A CE  1 
ATOM   179  N NZ  . LYS A 1 23  ? -12.447 -11.856 1.678   1.00 32.49 ? 23  LYS A NZ  1 
ATOM   180  N N   . VAL A 1 24  ? -10.099 -5.506  3.825   1.00 11.68 ? 24  VAL A N   1 
ATOM   181  C CA  . VAL A 1 24  ? -8.909  -5.304  4.634   1.00 11.96 ? 24  VAL A CA  1 
ATOM   182  C C   . VAL A 1 24  ? -8.624  -6.645  5.288   1.00 11.94 ? 24  VAL A C   1 
ATOM   183  O O   . VAL A 1 24  ? -9.496  -7.228  5.931   1.00 13.23 ? 24  VAL A O   1 
ATOM   184  C CB  . VAL A 1 24  ? -9.137  -4.211  5.718   1.00 12.13 ? 24  VAL A CB  1 
ATOM   185  C CG1 . VAL A 1 24  ? -7.886  -4.044  6.567   1.00 13.16 ? 24  VAL A CG1 1 
ATOM   186  C CG2 . VAL A 1 24  ? -9.504  -2.868  5.051   1.00 13.13 ? 24  VAL A CG2 1 
ATOM   187  N N   . LEU A 1 25  ? -7.420  -7.159  5.091   1.00 11.91 ? 25  LEU A N   1 
ATOM   188  C CA  . LEU A 1 25  ? -7.054  -8.446  5.661   1.00 12.24 ? 25  LEU A CA  1 
ATOM   189  C C   . LEU A 1 25  ? -6.742  -8.342  7.151   1.00 12.85 ? 25  LEU A C   1 
ATOM   190  O O   . LEU A 1 25  ? -6.493  -7.257  7.658   1.00 12.86 ? 25  LEU A O   1 
ATOM   191  C CB  . LEU A 1 25  ? -5.868  -9.033  4.896   1.00 13.74 ? 25  LEU A CB  1 
ATOM   192  C CG  . LEU A 1 25  ? -6.123  -9.313  3.410   1.00 11.96 ? 25  LEU A CG  1 
ATOM   193  C CD1 . LEU A 1 25  ? -4.901  -9.964  2.799   1.00 14.10 ? 25  LEU A CD1 1 
ATOM   194  C CD2 . LEU A 1 25  ? -7.310  -10.231 3.262   1.00 14.75 ? 25  LEU A CD2 1 
ATOM   195  N N   . GLY A 1 26  ? -6.814  -9.463  7.864   1.00 13.20 ? 26  GLY A N   1 
ATOM   196  C CA  . GLY A 1 26  ? -6.496  -9.430  9.280   1.00 14.07 ? 26  GLY A CA  1 
ATOM   197  C C   . GLY A 1 26  ? -7.542  -9.989  10.228  1.00 15.32 ? 26  GLY A C   1 
ATOM   198  O O   . GLY A 1 26  ? -7.387  -9.906  11.450  1.00 16.26 ? 26  GLY A O   1 
ATOM   199  N N   . GLY A 1 27  ? -8.621  -10.531 9.680   1.00 14.75 ? 27  GLY A N   1 
ATOM   200  C CA  . GLY A 1 27  ? -9.650  -11.101 10.533  1.00 14.48 ? 27  GLY A CA  1 
ATOM   201  C C   . GLY A 1 27  ? -11.020 -10.458 10.451  1.00 12.10 ? 27  GLY A C   1 
ATOM   202  O O   . GLY A 1 27  ? -11.156 -9.280  10.120  1.00 11.30 ? 27  GLY A O   1 
ATOM   203  N N   . SER A 1 28  ? -12.034 -11.255 10.769  1.00 12.06 ? 28  SER A N   1 
ATOM   204  C CA  . SER A 1 28  ? -13.417 -10.812 10.741  1.00 12.18 ? 28  SER A CA  1 
ATOM   205  C C   . SER A 1 28  ? -13.549 -9.553  11.581  1.00 12.03 ? 28  SER A C   1 
ATOM   206  O O   . SER A 1 28  ? -13.075 -9.498  12.710  1.00 13.35 ? 28  SER A O   1 
ATOM   207  C CB  . SER A 1 28  ? -14.333 -11.905 11.293  1.00 11.93 ? 28  SER A CB  1 
ATOM   208  O OG  . SER A 1 28  ? -15.697 -11.549 11.118  1.00 12.53 ? 28  SER A OG  1 
ATOM   209  N N   . GLY A 1 29  ? -14.187 -8.537  11.021  1.00 12.68 ? 29  GLY A N   1 
ATOM   210  C CA  . GLY A 1 29  ? -14.349 -7.292  11.757  1.00 13.65 ? 29  GLY A CA  1 
ATOM   211  C C   . GLY A 1 29  ? -13.484 -6.143  11.257  1.00 13.20 ? 29  GLY A C   1 
ATOM   212  O O   . GLY A 1 29  ? -13.800 -4.977  11.483  1.00 14.51 ? 29  GLY A O   1 
ATOM   213  N N   . ARG A 1 30  ? -12.363 -6.459  10.621  1.00 11.75 ? 30  ARG A N   1 
ATOM   214  C CA  . ARG A 1 30  ? -11.490 -5.415  10.102  1.00 11.37 ? 30  ARG A CA  1 
ATOM   215  C C   . ARG A 1 30  ? -12.206 -4.688  8.963   1.00 11.77 ? 30  ARG A C   1 
ATOM   216  O O   . ARG A 1 30  ? -12.764 -5.310  8.046   1.00 11.27 ? 30  ARG A O   1 
ATOM   217  C CB  . ARG A 1 30  ? -10.153 -6.011  9.669   1.00 11.83 ? 30  ARG A CB  1 
ATOM   218  C CG  . ARG A 1 30  ? -9.429  -6.627  10.865  1.00 15.84 ? 30  ARG A CG  1 
ATOM   219  C CD  . ARG A 1 30  ? -8.007  -6.115  11.042  1.00 19.05 ? 30  ARG A CD  1 
ATOM   220  N NE  . ARG A 1 30  ? -7.904  -4.658  10.947  1.00 17.05 ? 30  ARG A NE  1 
ATOM   221  C CZ  . ARG A 1 30  ? -6.855  -4.029  10.425  1.00 17.02 ? 30  ARG A CZ  1 
ATOM   222  N NH1 . ARG A 1 30  ? -5.848  -4.742  9.958   1.00 18.05 ? 30  ARG A NH1 1 
ATOM   223  N NH2 . ARG A 1 30  ? -6.812  -2.706  10.345  1.00 14.51 ? 30  ARG A NH2 1 
ATOM   224  N N   . ARG A 1 31  ? -12.198 -3.361  9.046   1.00 12.01 ? 31  ARG A N   1 
ATOM   225  C CA  . ARG A 1 31  ? -12.896 -2.525  8.074   1.00 13.28 ? 31  ARG A CA  1 
ATOM   226  C C   . ARG A 1 31  ? -12.046 -1.368  7.524   1.00 12.33 ? 31  ARG A C   1 
ATOM   227  O O   . ARG A 1 31  ? -12.233 -0.949  6.379   1.00 11.74 ? 31  ARG A O   1 
ATOM   228  C CB  . ARG A 1 31  ? -14.178 -1.969  8.726   1.00 15.97 ? 31  ARG A CB  1 
ATOM   229  C CG  . ARG A 1 31  ? -15.392 -1.999  7.862   1.00 24.99 ? 31  ARG A CG  1 
ATOM   230  C CD  . ARG A 1 31  ? -16.581 -1.251  8.505   1.00 29.93 ? 31  ARG A CD  1 
ATOM   231  N NE  . ARG A 1 31  ? -17.236 -2.038  9.541   1.00 34.12 ? 31  ARG A NE  1 
ATOM   232  C CZ  . ARG A 1 31  ? -18.044 -1.521  10.460  1.00 35.41 ? 31  ARG A CZ  1 
ATOM   233  N NH1 . ARG A 1 31  ? -18.335 -0.225  10.461  1.00 34.81 ? 31  ARG A NH1 1 
ATOM   234  N NH2 . ARG A 1 31  ? -18.623 -2.325  11.342  1.00 34.13 ? 31  ARG A NH2 1 
ATOM   235  N N   . TYR A 1 32  ? -11.104 -0.882  8.327   1.00 10.51 ? 32  TYR A N   1 
ATOM   236  C CA  . TYR A 1 32  ? -10.294 0.254   7.933   1.00 11.23 ? 32  TYR A CA  1 
ATOM   237  C C   . TYR A 1 32  ? -8.831  -0.083  7.878   1.00 11.95 ? 32  TYR A C   1 
ATOM   238  O O   . TYR A 1 32  ? -8.325  -0.826  8.710   1.00 13.75 ? 32  TYR A O   1 
ATOM   239  C CB  . TYR A 1 32  ? -10.544 1.422   8.883   1.00 11.75 ? 32  TYR A CB  1 
ATOM   240  C CG  . TYR A 1 32  ? -12.014 1.669   9.119   1.00 12.46 ? 32  TYR A CG  1 
ATOM   241  C CD1 . TYR A 1 32  ? -12.855 2.021   8.064   1.00 13.67 ? 32  TYR A CD1 1 
ATOM   242  C CD2 . TYR A 1 32  ? -12.584 1.468   10.373  1.00 13.55 ? 32  TYR A CD2 1 
ATOM   243  C CE1 . TYR A 1 32  ? -14.229 2.157   8.245   1.00 15.12 ? 32  TYR A CE1 1 
ATOM   244  C CE2 . TYR A 1 32  ? -13.955 1.603   10.565  1.00 15.79 ? 32  TYR A CE2 1 
ATOM   245  C CZ  . TYR A 1 32  ? -14.771 1.942   9.497   1.00 15.06 ? 32  TYR A CZ  1 
ATOM   246  O OH  . TYR A 1 32  ? -16.131 2.045   9.682   1.00 20.20 ? 32  TYR A OH  1 
ATOM   247  N N   . ALA A 1 33  ? -8.160  0.450   6.866   1.00 11.13 ? 33  ALA A N   1 
ATOM   248  C CA  . ALA A 1 33  ? -6.746  0.193   6.676   1.00 10.95 ? 33  ALA A CA  1 
ATOM   249  C C   . ALA A 1 33  ? -5.915  1.430   6.908   1.00 10.48 ? 33  ALA A C   1 
ATOM   250  O O   . ALA A 1 33  ? -6.327  2.549   6.609   1.00 12.41 ? 33  ALA A O   1 
ATOM   251  C CB  . ALA A 1 33  ? -6.492  -0.339  5.265   1.00 10.35 ? 33  ALA A CB  1 
ATOM   252  N N   . ASN A 1 34  ? -4.752  1.224   7.504   1.00 11.16 ? 34  ASN A N   1 
ATOM   253  C CA  . ASN A 1 34  ? -3.820  2.323   7.709   1.00 10.89 ? 34  ASN A CA  1 
ATOM   254  C C   . ASN A 1 34  ? -2.459  1.731   7.333   1.00 10.17 ? 34  ASN A C   1 
ATOM   255  O O   . ASN A 1 34  ? -2.381  0.574   6.894   1.00 9.27  ? 34  ASN A O   1 
ATOM   256  C CB  . ASN A 1 34  ? -3.843  2.831   9.160   1.00 13.02 ? 34  ASN A CB  1 
ATOM   257  C CG  . ASN A 1 34  ? -3.467  4.316   9.262   1.00 15.11 ? 34  ASN A CG  1 
ATOM   258  O OD1 . ASN A 1 34  ? -2.721  4.827   8.444   1.00 15.07 ? 34  ASN A OD1 1 
ATOM   259  N ND2 . ASN A 1 34  ? -3.991  5.004   10.266  1.00 16.25 ? 34  ASN A ND2 1 
ATOM   260  N N   . ILE A 1 35  ? -1.402  2.509   7.499   1.00 10.14 ? 35  ILE A N   1 
ATOM   261  C CA  . ILE A 1 35  ? -0.062  2.075   7.150   1.00 11.17 ? 35  ILE A CA  1 
ATOM   262  C C   . ILE A 1 35  ? 0.296   0.711   7.708   1.00 10.98 ? 35  ILE A C   1 
ATOM   263  O O   . ILE A 1 35  ? 0.117   0.447   8.905   1.00 10.65 ? 35  ILE A O   1 
ATOM   264  C CB  . ILE A 1 35  ? 0.970   3.129   7.614   1.00 13.53 ? 35  ILE A CB  1 
ATOM   265  C CG1 . ILE A 1 35  ? 0.751   4.429   6.823   1.00 14.32 ? 35  ILE A CG1 1 
ATOM   266  C CG2 . ILE A 1 35  ? 2.407   2.598   7.473   1.00 13.80 ? 35  ILE A CG2 1 
ATOM   267  C CD1 . ILE A 1 35  ? 1.471   5.627   7.405   1.00 16.45 ? 35  ILE A CD1 1 
ATOM   268  N N   . GLY A 1 36  ? 0.756   -0.163  6.819   1.00 10.16 ? 36  GLY A N   1 
ATOM   269  C CA  . GLY A 1 36  ? 1.157   -1.492  7.232   1.00 9.92  ? 36  GLY A CA  1 
ATOM   270  C C   . GLY A 1 36  ? 0.128   -2.572  7.010   1.00 9.00  ? 36  GLY A C   1 
ATOM   271  O O   . GLY A 1 36  ? 0.473   -3.759  7.031   1.00 10.27 ? 36  GLY A O   1 
ATOM   272  N N   . ASP A 1 37  ? -1.130  -2.172  6.843   1.00 8.66  ? 37  ASP A N   1 
ATOM   273  C CA  . ASP A 1 37  ? -2.193  -3.131  6.595   1.00 8.51  ? 37  ASP A CA  1 
ATOM   274  C C   . ASP A 1 37  ? -2.159  -3.587  5.146   1.00 8.59  ? 37  ASP A C   1 
ATOM   275  O O   . ASP A 1 37  ? -1.672  -2.876  4.258   1.00 8.63  ? 37  ASP A O   1 
ATOM   276  C CB  . ASP A 1 37  ? -3.562  -2.550  6.908   1.00 7.98  ? 37  ASP A CB  1 
ATOM   277  C CG  . ASP A 1 37  ? -3.801  -2.400  8.381   1.00 10.46 ? 37  ASP A CG  1 
ATOM   278  O OD1 . ASP A 1 37  ? -3.325  -3.240  9.159   1.00 12.88 ? 37  ASP A OD1 1 
ATOM   279  O OD2 . ASP A 1 37  ? -4.482  -1.437  8.767   1.00 11.35 ? 37  ASP A OD2 1 
ATOM   280  N N   . VAL A 1 38  ? -2.661  -4.793  4.929   1.00 9.02  ? 38  VAL A N   1 
ATOM   281  C CA  . VAL A 1 38  ? -2.712  -5.392  3.605   1.00 9.58  ? 38  VAL A CA  1 
ATOM   282  C C   . VAL A 1 38  ? -4.165  -5.453  3.163   1.00 9.91  ? 38  VAL A C   1 
ATOM   283  O O   . VAL A 1 38  ? -5.056  -5.819  3.936   1.00 10.55 ? 38  VAL A O   1 
ATOM   284  C CB  . VAL A 1 38  ? -2.098  -6.821  3.615   1.00 10.71 ? 38  VAL A CB  1 
ATOM   285  C CG1 . VAL A 1 38  ? -2.194  -7.468  2.220   1.00 12.17 ? 38  VAL A CG1 1 
ATOM   286  C CG2 . VAL A 1 38  ? -0.642  -6.761  4.022   1.00 10.87 ? 38  VAL A CG2 1 
ATOM   287  N N   . VAL A 1 39  ? -4.405  -5.032  1.931   1.00 8.13  ? 39  VAL A N   1 
ATOM   288  C CA  . VAL A 1 39  ? -5.741  -5.046  1.365   1.00 8.21  ? 39  VAL A CA  1 
ATOM   289  C C   . VAL A 1 39  ? -5.765  -5.934  0.132   1.00 8.54  ? 39  VAL A C   1 
ATOM   290  O O   . VAL A 1 39  ? -4.738  -6.209  -0.491  1.00 8.45  ? 39  VAL A O   1 
ATOM   291  C CB  . VAL A 1 39  ? -6.214  -3.626  0.910   1.00 9.07  ? 39  VAL A CB  1 
ATOM   292  C CG1 . VAL A 1 39  ? -6.386  -2.692  2.119   1.00 9.58  ? 39  VAL A CG1 1 
ATOM   293  C CG2 . VAL A 1 39  ? -5.240  -3.023  -0.117  1.00 8.43  ? 39  VAL A CG2 1 
ATOM   294  N N   . VAL A 1 40  ? -6.964  -6.401  -0.179  1.00 9.46  ? 40  VAL A N   1 
ATOM   295  C CA  . VAL A 1 40  ? -7.220  -7.179  -1.385  1.00 9.88  ? 40  VAL A CA  1 
ATOM   296  C C   . VAL A 1 40  ? -7.901  -6.109  -2.227  1.00 9.29  ? 40  VAL A C   1 
ATOM   297  O O   . VAL A 1 40  ? -8.801  -5.425  -1.738  1.00 8.82  ? 40  VAL A O   1 
ATOM   298  C CB  . VAL A 1 40  ? -8.190  -8.340  -1.118  1.00 9.39  ? 40  VAL A CB  1 
ATOM   299  C CG1 . VAL A 1 40  ? -8.621  -8.986  -2.431  1.00 11.34 ? 40  VAL A CG1 1 
ATOM   300  C CG2 . VAL A 1 40  ? -7.501  -9.356  -0.257  1.00 10.39 ? 40  VAL A CG2 1 
ATOM   301  N N   . ALA A 1 41  ? -7.467  -5.948  -3.475  1.00 8.70  ? 41  ALA A N   1 
ATOM   302  C CA  . ALA A 1 41  ? -8.036  -4.900  -4.324  1.00 10.06 ? 41  ALA A CA  1 
ATOM   303  C C   . ALA A 1 41  ? -8.098  -5.307  -5.785  1.00 10.61 ? 41  ALA A C   1 
ATOM   304  O O   . ALA A 1 41  ? -7.470  -6.284  -6.201  1.00 11.81 ? 41  ALA A O   1 
ATOM   305  C CB  . ALA A 1 41  ? -7.212  -3.602  -4.177  1.00 9.22  ? 41  ALA A CB  1 
ATOM   306  N N   . THR A 1 42  ? -8.874  -4.556  -6.551  1.00 11.43 ? 42  THR A N   1 
ATOM   307  C CA  . THR A 1 42  ? -8.970  -4.795  -7.988  1.00 12.71 ? 42  THR A CA  1 
ATOM   308  C C   . THR A 1 42  ? -8.222  -3.648  -8.666  1.00 12.38 ? 42  THR A C   1 
ATOM   309  O O   . THR A 1 42  ? -8.304  -2.492  -8.221  1.00 11.05 ? 42  THR A O   1 
ATOM   310  C CB  . THR A 1 42  ? -10.437 -4.801  -8.488  1.00 15.05 ? 42  THR A CB  1 
ATOM   311  O OG1 . THR A 1 42  ? -11.091 -3.601  -8.060  1.00 19.28 ? 42  THR A OG1 1 
ATOM   312  C CG2 . THR A 1 42  ? -11.181 -5.995  -7.940  1.00 15.46 ? 42  THR A CG2 1 
ATOM   313  N N   . VAL A 1 43  ? -7.459  -3.967  -9.710  1.00 11.09 ? 43  VAL A N   1 
ATOM   314  C CA  . VAL A 1 43  ? -6.713  -2.956  -10.448 1.00 10.78 ? 43  VAL A CA  1 
ATOM   315  C C   . VAL A 1 43  ? -7.713  -2.151  -11.257 1.00 11.43 ? 43  VAL A C   1 
ATOM   316  O O   . VAL A 1 43  ? -8.455  -2.702  -12.075 1.00 11.62 ? 43  VAL A O   1 
ATOM   317  C CB  . VAL A 1 43  ? -5.698  -3.604  -11.380 1.00 10.17 ? 43  VAL A CB  1 
ATOM   318  C CG1 . VAL A 1 43  ? -4.908  -2.529  -12.098 1.00 11.42 ? 43  VAL A CG1 1 
ATOM   319  C CG2 . VAL A 1 43  ? -4.764  -4.478  -10.576 1.00 11.57 ? 43  VAL A CG2 1 
ATOM   320  N N   . LYS A 1 44  ? -7.769  -0.857  -10.978 1.00 12.79 ? 44  LYS A N   1 
ATOM   321  C CA  . LYS A 1 44  ? -8.698  0.047   -11.645 1.00 15.82 ? 44  LYS A CA  1 
ATOM   322  C C   . LYS A 1 44  ? -8.109  0.636   -12.926 1.00 15.81 ? 44  LYS A C   1 
ATOM   323  O O   . LYS A 1 44  ? -8.806  0.810   -13.934 1.00 16.93 ? 44  LYS A O   1 
ATOM   324  C CB  . LYS A 1 44  ? -9.106  1.157   -10.672 1.00 18.79 ? 44  LYS A CB  1 
ATOM   325  C CG  . LYS A 1 44  ? -10.289 1.969   -11.133 1.00 24.88 ? 44  LYS A CG  1 
ATOM   326  C CD  . LYS A 1 44  ? -10.340 3.326   -10.431 1.00 30.11 ? 44  LYS A CD  1 
ATOM   327  C CE  . LYS A 1 44  ? -11.245 4.317   -11.186 1.00 32.96 ? 44  LYS A CE  1 
ATOM   328  N NZ  . LYS A 1 44  ? -10.989 4.308   -12.675 1.00 35.95 ? 44  LYS A NZ  1 
ATOM   329  N N   . ASP A 1 45  ? -6.823  0.947   -12.877 1.00 15.27 ? 45  ASP A N   1 
ATOM   330  C CA  . ASP A 1 45  ? -6.111  1.516   -14.015 1.00 15.93 ? 45  ASP A CA  1 
ATOM   331  C C   . ASP A 1 45  ? -4.717  0.919   -14.006 1.00 14.62 ? 45  ASP A C   1 
ATOM   332  O O   . ASP A 1 45  ? -4.130  0.713   -12.947 1.00 13.51 ? 45  ASP A O   1 
ATOM   333  C CB  . ASP A 1 45  ? -6.023  3.039   -13.879 1.00 18.29 ? 45  ASP A CB  1 
ATOM   334  C CG  . ASP A 1 45  ? -5.613  3.726   -15.181 1.00 22.43 ? 45  ASP A CG  1 
ATOM   335  O OD1 . ASP A 1 45  ? -5.602  3.078   -16.255 1.00 22.95 ? 45  ASP A OD1 1 
ATOM   336  O OD2 . ASP A 1 45  ? -5.318  4.930   -15.126 1.00 24.93 ? 45  ASP A OD2 1 
ATOM   337  N N   . ALA A 1 46  ? -4.187  0.658   -15.194 1.00 14.41 ? 46  ALA A N   1 
ATOM   338  C CA  . ALA A 1 46  ? -2.872  0.066   -15.348 1.00 14.50 ? 46  ALA A CA  1 
ATOM   339  C C   . ALA A 1 46  ? -2.291  0.480   -16.709 1.00 15.29 ? 46  ALA A C   1 
ATOM   340  O O   . ALA A 1 46  ? -3.035  0.879   -17.607 1.00 15.23 ? 46  ALA A O   1 
ATOM   341  C CB  . ALA A 1 46  ? -3.002  -1.443  -15.260 1.00 14.20 ? 46  ALA A CB  1 
ATOM   342  N N   . THR A 1 47  ? -0.971  0.421   -16.863 1.00 16.13 ? 47  THR A N   1 
ATOM   343  C CA  . THR A 1 47  ? -0.362  0.781   -18.145 1.00 16.98 ? 47  THR A CA  1 
ATOM   344  C C   . THR A 1 47  ? -0.646  -0.390  -19.083 1.00 17.63 ? 47  THR A C   1 
ATOM   345  O O   . THR A 1 47  ? -0.560  -1.557  -18.666 1.00 17.32 ? 47  THR A O   1 
ATOM   346  C CB  . THR A 1 47  ? 1.145   1.047   -18.004 1.00 18.61 ? 47  THR A CB  1 
ATOM   347  O OG1 . THR A 1 47  ? 1.817   -0.169  -17.625 1.00 22.45 ? 47  THR A OG1 1 
ATOM   348  C CG2 . THR A 1 47  ? 1.409   2.092   -16.926 1.00 19.53 ? 47  THR A CG2 1 
ATOM   349  N N   . PRO A 1 48  ? -1.089  -0.120  -20.322 1.00 17.64 ? 48  PRO A N   1 
ATOM   350  C CA  . PRO A 1 48  ? -1.386  -1.223  -21.255 1.00 17.77 ? 48  PRO A CA  1 
ATOM   351  C C   . PRO A 1 48  ? -0.188  -2.098  -21.587 1.00 18.05 ? 48  PRO A C   1 
ATOM   352  O O   . PRO A 1 48  ? 0.954   -1.642  -21.571 1.00 17.59 ? 48  PRO A O   1 
ATOM   353  C CB  . PRO A 1 48  ? -1.930  -0.491  -22.494 1.00 16.80 ? 48  PRO A CB  1 
ATOM   354  C CG  . PRO A 1 48  ? -1.245  0.835   -22.453 1.00 17.52 ? 48  PRO A CG  1 
ATOM   355  C CD  . PRO A 1 48  ? -1.300  1.189   -20.963 1.00 17.54 ? 48  PRO A CD  1 
ATOM   356  N N   . GLY A 1 49  ? -0.472  -3.368  -21.853 1.00 18.57 ? 49  GLY A N   1 
ATOM   357  C CA  . GLY A 1 49  ? 0.558   -4.323  -22.214 1.00 20.85 ? 49  GLY A CA  1 
ATOM   358  C C   . GLY A 1 49  ? 1.462   -4.790  -21.091 1.00 22.25 ? 49  GLY A C   1 
ATOM   359  O O   . GLY A 1 49  ? 2.434   -5.500  -21.354 1.00 24.39 ? 49  GLY A O   1 
ATOM   360  N N   . GLY A 1 50  ? 1.131   -4.443  -19.848 1.00 22.55 ? 50  GLY A N   1 
ATOM   361  C CA  . GLY A 1 50  ? 1.966   -4.842  -18.724 1.00 23.69 ? 50  GLY A CA  1 
ATOM   362  C C   . GLY A 1 50  ? 1.627   -6.164  -18.039 1.00 24.55 ? 50  GLY A C   1 
ATOM   363  O O   . GLY A 1 50  ? 0.688   -6.863  -18.433 1.00 25.37 ? 50  GLY A O   1 
ATOM   364  N N   . VAL A 1 51  ? 2.400   -6.491  -16.998 1.00 24.03 ? 51  VAL A N   1 
ATOM   365  C CA  . VAL A 1 51  ? 2.232   -7.721  -16.215 1.00 25.06 ? 51  VAL A CA  1 
ATOM   366  C C   . VAL A 1 51  ? 0.950   -7.705  -15.381 1.00 24.36 ? 51  VAL A C   1 
ATOM   367  O O   . VAL A 1 51  ? 0.334   -8.754  -15.136 1.00 24.47 ? 51  VAL A O   1 
ATOM   368  C CB  . VAL A 1 51  ? 3.451   -7.973  -15.285 1.00 25.69 ? 51  VAL A CB  1 
ATOM   369  C CG1 . VAL A 1 51  ? 3.782   -6.733  -14.500 1.00 28.18 ? 51  VAL A CG1 1 
ATOM   370  C CG2 . VAL A 1 51  ? 3.163   -9.106  -14.311 1.00 27.95 ? 51  VAL A CG2 1 
ATOM   371  N N   . VAL A 1 52  ? 0.556   -6.519  -14.946 1.00 22.67 ? 52  VAL A N   1 
ATOM   372  C CA  . VAL A 1 52  ? -0.645  -6.353  -14.156 1.00 22.42 ? 52  VAL A CA  1 
ATOM   373  C C   . VAL A 1 52  ? -1.688  -5.746  -15.089 1.00 22.49 ? 52  VAL A C   1 
ATOM   374  O O   . VAL A 1 52  ? -1.384  -4.841  -15.864 1.00 22.87 ? 52  VAL A O   1 
ATOM   375  C CB  . VAL A 1 52  ? -0.377  -5.450  -12.944 1.00 23.48 ? 52  VAL A CB  1 
ATOM   376  C CG1 . VAL A 1 52  ? -1.670  -5.150  -12.223 1.00 24.67 ? 52  VAL A CG1 1 
ATOM   377  C CG2 . VAL A 1 52  ? 0.596   -6.141  -11.986 1.00 24.40 ? 52  VAL A CG2 1 
ATOM   378  N N   . LYS A 1 53  ? -2.916  -6.238  -15.007 1.00 23.19 ? 53  LYS A N   1 
ATOM   379  C CA  . LYS A 1 53  ? -3.983  -5.773  -15.879 1.00 23.47 ? 53  LYS A CA  1 
ATOM   380  C C   . LYS A 1 53  ? -5.209  -5.242  -15.149 1.00 22.30 ? 53  LYS A C   1 
ATOM   381  O O   . LYS A 1 53  ? -5.469  -5.611  -13.994 1.00 19.65 ? 53  LYS A O   1 
ATOM   382  C CB  . LYS A 1 53  ? -4.429  -6.937  -16.748 1.00 27.39 ? 53  LYS A CB  1 
ATOM   383  C CG  . LYS A 1 53  ? -4.610  -6.587  -18.195 1.00 33.93 ? 53  LYS A CG  1 
ATOM   384  C CD  . LYS A 1 53  ? -3.415  -7.026  -19.009 1.00 37.35 ? 53  LYS A CD  1 
ATOM   385  C CE  . LYS A 1 53  ? -3.889  -7.698  -20.277 1.00 39.35 ? 53  LYS A CE  1 
ATOM   386  N NZ  . LYS A 1 53  ? -2.982  -7.384  -21.394 1.00 42.86 ? 53  LYS A NZ  1 
ATOM   387  N N   . LYS A 1 54  ? -5.992  -4.416  -15.842 1.00 20.32 ? 54  LYS A N   1 
ATOM   388  C CA  . LYS A 1 54  ? -7.222  -3.872  -15.277 1.00 20.41 ? 54  LYS A CA  1 
ATOM   389  C C   . LYS A 1 54  ? -8.177  -5.016  -14.965 1.00 19.57 ? 54  LYS A C   1 
ATOM   390  O O   . LYS A 1 54  ? -8.265  -5.992  -15.714 1.00 18.96 ? 54  LYS A O   1 
ATOM   391  C CB  . LYS A 1 54  ? -7.907  -2.905  -16.246 1.00 22.41 ? 54  LYS A CB  1 
ATOM   392  C CG  . LYS A 1 54  ? -7.230  -1.545  -16.387 1.00 25.40 ? 54  LYS A CG  1 
ATOM   393  C CD  . LYS A 1 54  ? -7.787  -0.770  -17.596 1.00 29.60 ? 54  LYS A CD  1 
ATOM   394  C CE  . LYS A 1 54  ? -7.186  0.636   -17.729 1.00 30.84 ? 54  LYS A CE  1 
ATOM   395  N NZ  . LYS A 1 54  ? -7.660  1.358   -18.958 1.00 32.83 ? 54  LYS A NZ  1 
ATOM   396  N N   . GLY A 1 55  ? -8.871  -4.899  -13.840 1.00 18.36 ? 55  GLY A N   1 
ATOM   397  C CA  . GLY A 1 55  ? -9.817  -5.929  -13.451 1.00 17.22 ? 55  GLY A CA  1 
ATOM   398  C C   . GLY A 1 55  ? -9.228  -7.050  -12.619 1.00 15.43 ? 55  GLY A C   1 
ATOM   399  O O   . GLY A 1 55  ? -9.980  -7.803  -11.999 1.00 17.24 ? 55  GLY A O   1 
ATOM   400  N N   . GLN A 1 56  ? -7.902  -7.189  -12.621 1.00 15.02 ? 56  GLN A N   1 
ATOM   401  C CA  . GLN A 1 56  ? -7.257  -8.239  -11.840 1.00 14.88 ? 56  GLN A CA  1 
ATOM   402  C C   . GLN A 1 56  ? -7.279  -7.937  -10.346 1.00 14.17 ? 56  GLN A C   1 
ATOM   403  O O   . GLN A 1 56  ? -7.273  -6.776  -9.935  1.00 13.59 ? 56  GLN A O   1 
ATOM   404  C CB  . GLN A 1 56  ? -5.818  -8.467  -12.278 1.00 16.36 ? 56  GLN A CB  1 
ATOM   405  C CG  . GLN A 1 56  ? -5.688  -9.217  -13.576 1.00 19.97 ? 56  GLN A CG  1 
ATOM   406  C CD  . GLN A 1 56  ? -4.259  -9.597  -13.882 1.00 23.02 ? 56  GLN A CD  1 
ATOM   407  O OE1 . GLN A 1 56  ? -4.014  -10.588 -14.574 1.00 25.79 ? 56  GLN A OE1 1 
ATOM   408  N NE2 . GLN A 1 56  ? -3.303  -8.820  -13.373 1.00 21.59 ? 56  GLN A NE2 1 
ATOM   409  N N   . VAL A 1 57  ? -7.298  -8.999  -9.544  1.00 13.02 ? 57  VAL A N   1 
ATOM   410  C CA  . VAL A 1 57  ? -7.322  -8.855  -8.094  1.00 13.04 ? 57  VAL A CA  1 
ATOM   411  C C   . VAL A 1 57  ? -5.903  -9.053  -7.592  1.00 12.65 ? 57  VAL A C   1 
ATOM   412  O O   . VAL A 1 57  ? -5.245  -10.019 -7.961  1.00 14.28 ? 57  VAL A O   1 
ATOM   413  C CB  . VAL A 1 57  ? -8.277  -9.869  -7.434  1.00 12.44 ? 57  VAL A CB  1 
ATOM   414  C CG1 . VAL A 1 57  ? -8.217  -9.746  -5.905  1.00 13.20 ? 57  VAL A CG1 1 
ATOM   415  C CG2 . VAL A 1 57  ? -9.695  -9.611  -7.889  1.00 14.10 ? 57  VAL A CG2 1 
ATOM   416  N N   . VAL A 1 58  ? -5.446  -8.132  -6.750  1.00 11.10 ? 58  VAL A N   1 
ATOM   417  C CA  . VAL A 1 58  ? -4.096  -8.173  -6.210  1.00 11.03 ? 58  VAL A CA  1 
ATOM   418  C C   . VAL A 1 58  ? -4.147  -7.909  -4.707  1.00 9.99  ? 58  VAL A C   1 
ATOM   419  O O   . VAL A 1 58  ? -5.198  -7.565  -4.165  1.00 10.37 ? 58  VAL A O   1 
ATOM   420  C CB  . VAL A 1 58  ? -3.220  -7.060  -6.860  1.00 11.00 ? 58  VAL A CB  1 
ATOM   421  C CG1 . VAL A 1 58  ? -3.130  -7.260  -8.376  1.00 10.74 ? 58  VAL A CG1 1 
ATOM   422  C CG2 . VAL A 1 58  ? -3.811  -5.699  -6.556  1.00 10.81 ? 58  VAL A CG2 1 
ATOM   423  N N   . LYS A 1 59  ? -3.021  -8.138  -4.042  1.00 9.05  ? 59  LYS A N   1 
ATOM   424  C CA  . LYS A 1 59  ? -2.856  -7.849  -2.615  1.00 9.14  ? 59  LYS A CA  1 
ATOM   425  C C   . LYS A 1 59  ? -1.894  -6.677  -2.608  1.00 8.98  ? 59  LYS A C   1 
ATOM   426  O O   . LYS A 1 59  ? -0.954  -6.649  -3.411  1.00 9.69  ? 59  LYS A O   1 
ATOM   427  C CB  . LYS A 1 59  ? -2.190  -9.010  -1.882  1.00 11.41 ? 59  LYS A CB  1 
ATOM   428  C CG  . LYS A 1 59  ? -3.117  -10.140 -1.500  1.00 16.90 ? 59  LYS A CG  1 
ATOM   429  C CD  . LYS A 1 59  ? -2.409  -11.124 -0.570  1.00 21.38 ? 59  LYS A CD  1 
ATOM   430  C CE  . LYS A 1 59  ? -3.415  -12.129 -0.028  1.00 28.59 ? 59  LYS A CE  1 
ATOM   431  N NZ  . LYS A 1 59  ? -3.048  -12.783 1.302   1.00 32.39 ? 59  LYS A NZ  1 
ATOM   432  N N   . ALA A 1 60  ? -2.090  -5.727  -1.701  1.00 7.90  ? 60  ALA A N   1 
ATOM   433  C CA  . ALA A 1 60  ? -1.218  -4.561  -1.636  1.00 7.57  ? 60  ALA A CA  1 
ATOM   434  C C   . ALA A 1 60  ? -1.093  -4.088  -0.192  1.00 8.62  ? 60  ALA A C   1 
ATOM   435  O O   . ALA A 1 60  ? -2.059  -4.202  0.583   1.00 9.43  ? 60  ALA A O   1 
ATOM   436  C CB  . ALA A 1 60  ? -1.798  -3.432  -2.491  1.00 7.68  ? 60  ALA A CB  1 
ATOM   437  N N   . VAL A 1 61  ? 0.082   -3.589  0.172   1.00 6.52  ? 61  VAL A N   1 
ATOM   438  C CA  . VAL A 1 61  ? 0.281   -3.051  1.515   1.00 7.10  ? 61  VAL A CA  1 
ATOM   439  C C   . VAL A 1 61  ? 0.179   -1.516  1.444   1.00 7.68  ? 61  VAL A C   1 
ATOM   440  O O   . VAL A 1 61  ? 0.662   -0.893  0.496   1.00 8.49  ? 61  VAL A O   1 
ATOM   441  C CB  . VAL A 1 61  ? 1.657   -3.475  2.119   1.00 6.45  ? 61  VAL A CB  1 
ATOM   442  C CG1 . VAL A 1 61  ? 2.813   -3.052  1.237   1.00 6.97  ? 61  VAL A CG1 1 
ATOM   443  C CG2 . VAL A 1 61  ? 1.841   -2.857  3.506   1.00 7.00  ? 61  VAL A CG2 1 
ATOM   444  N N   . VAL A 1 62  ? -0.527  -0.918  2.400   1.00 7.10  ? 62  VAL A N   1 
ATOM   445  C CA  . VAL A 1 62  ? -0.687  0.534   2.452   1.00 6.94  ? 62  VAL A CA  1 
ATOM   446  C C   . VAL A 1 62  ? 0.598   1.159   2.996   1.00 7.88  ? 62  VAL A C   1 
ATOM   447  O O   . VAL A 1 62  ? 1.060   0.797   4.081   1.00 7.56  ? 62  VAL A O   1 
ATOM   448  C CB  . VAL A 1 62  ? -1.900  0.909   3.332   1.00 6.84  ? 62  VAL A CB  1 
ATOM   449  C CG1 . VAL A 1 62  ? -2.019  2.423   3.466   1.00 6.93  ? 62  VAL A CG1 1 
ATOM   450  C CG2 . VAL A 1 62  ? -3.178  0.276   2.753   1.00 6.82  ? 62  VAL A CG2 1 
ATOM   451  N N   . VAL A 1 63  ? 1.173   2.102   2.254   1.00 6.26  ? 63  VAL A N   1 
ATOM   452  C CA  . VAL A 1 63  ? 2.429   2.724   2.671   1.00 7.12  ? 63  VAL A CA  1 
ATOM   453  C C   . VAL A 1 63  ? 2.346   4.207   3.012   1.00 6.90  ? 63  VAL A C   1 
ATOM   454  O O   . VAL A 1 63  ? 3.283   4.754   3.591   1.00 7.86  ? 63  VAL A O   1 
ATOM   455  C CB  . VAL A 1 63  ? 3.565   2.484   1.625   1.00 6.80  ? 63  VAL A CB  1 
ATOM   456  C CG1 . VAL A 1 63  ? 3.700   1.007   1.359   1.00 7.33  ? 63  VAL A CG1 1 
ATOM   457  C CG2 . VAL A 1 63  ? 3.283   3.235   0.300   1.00 6.71  ? 63  VAL A CG2 1 
ATOM   458  N N   . ARG A 1 64  ? 1.248   4.853   2.628   1.00 6.95  ? 64  ARG A N   1 
ATOM   459  C CA  . ARG A 1 64  ? 1.019   6.265   2.912   1.00 7.34  ? 64  ARG A CA  1 
ATOM   460  C C   . ARG A 1 64  ? -0.475  6.451   3.065   1.00 7.03  ? 64  ARG A C   1 
ATOM   461  O O   . ARG A 1 64  ? -1.236  5.889   2.294   1.00 6.90  ? 64  ARG A O   1 
ATOM   462  C CB  . ARG A 1 64  ? 1.474   7.169   1.756   1.00 8.26  ? 64  ARG A CB  1 
ATOM   463  C CG  . ARG A 1 64  ? 2.966   7.291   1.601   1.00 9.43  ? 64  ARG A CG  1 
ATOM   464  C CD  . ARG A 1 64  ? 3.342   8.388   0.624   1.00 10.09 ? 64  ARG A CD  1 
ATOM   465  N NE  . ARG A 1 64  ? 3.039   8.075   -0.768  1.00 11.21 ? 64  ARG A NE  1 
ATOM   466  C CZ  . ARG A 1 64  ? 3.896   7.489   -1.602  1.00 9.16  ? 64  ARG A CZ  1 
ATOM   467  N NH1 . ARG A 1 64  ? 5.099   7.117   -1.178  1.00 10.54 ? 64  ARG A NH1 1 
ATOM   468  N NH2 . ARG A 1 64  ? 3.534   7.233   -2.846  1.00 10.67 ? 64  ARG A NH2 1 
ATOM   469  N N   . THR A 1 65  ? -0.885  7.212   4.075   1.00 6.92  ? 65  THR A N   1 
ATOM   470  C CA  . THR A 1 65  ? -2.296  7.501   4.273   1.00 6.22  ? 65  THR A CA  1 
ATOM   471  C C   . THR A 1 65  ? -2.487  8.955   4.672   1.00 7.71  ? 65  THR A C   1 
ATOM   472  O O   . THR A 1 65  ? -1.604  9.568   5.278   1.00 8.31  ? 65  THR A O   1 
ATOM   473  C CB  . THR A 1 65  ? -2.939  6.624   5.370   1.00 7.73  ? 65  THR A CB  1 
ATOM   474  O OG1 . THR A 1 65  ? -2.314  6.872   6.637   1.00 6.97  ? 65  THR A OG1 1 
ATOM   475  C CG2 . THR A 1 65  ? -2.853  5.163   5.021   1.00 6.18  ? 65  THR A CG2 1 
ATOM   476  N N   . LYS A 1 66  ? -3.639  9.508   4.311   1.00 8.45  ? 66  LYS A N   1 
ATOM   477  C CA  . LYS A 1 66  ? -3.981  10.870  4.687   1.00 10.13 ? 66  LYS A CA  1 
ATOM   478  C C   . LYS A 1 66  ? -4.334  10.930  6.181   1.00 11.54 ? 66  LYS A C   1 
ATOM   479  O O   . LYS A 1 66  ? -4.173  11.963  6.820   1.00 11.96 ? 66  LYS A O   1 
ATOM   480  C CB  . LYS A 1 66  ? -5.144  11.362  3.838   1.00 13.49 ? 66  LYS A CB  1 
ATOM   481  C CG  . LYS A 1 66  ? -4.796  11.387  2.355   1.00 16.54 ? 66  LYS A CG  1 
ATOM   482  C CD  . LYS A 1 66  ? -5.952  11.908  1.514   1.00 22.31 ? 66  LYS A CD  1 
ATOM   483  C CE  . LYS A 1 66  ? -6.060  13.411  1.628   1.00 26.40 ? 66  LYS A CE  1 
ATOM   484  N NZ  . LYS A 1 66  ? -7.032  13.970  0.628   1.00 30.48 ? 66  LYS A NZ  1 
ATOM   485  N N   . ARG A 1 67  ? -4.844  9.821   6.714   1.00 12.19 ? 67  ARG A N   1 
ATOM   486  C CA  . ARG A 1 67  ? -5.192  9.705   8.133   1.00 13.85 ? 67  ARG A CA  1 
ATOM   487  C C   . ARG A 1 67  ? -3.929  9.768   9.018   1.00 12.47 ? 67  ARG A C   1 
ATOM   488  O O   . ARG A 1 67  ? -3.923  10.412  10.068  1.00 13.78 ? 67  ARG A O   1 
ATOM   489  C CB  . ARG A 1 67  ? -5.929  8.396   8.374   1.00 14.79 ? 67  ARG A CB  1 
ATOM   490  C CG  . ARG A 1 67  ? -6.340  8.218   9.807   1.00 23.13 ? 67  ARG A CG  1 
ATOM   491  C CD  . ARG A 1 67  ? -7.072  6.916   10.013  1.00 29.94 ? 67  ARG A CD  1 
ATOM   492  N NE  . ARG A 1 67  ? -7.624  6.684   11.362  1.00 37.75 ? 67  ARG A NE  1 
ATOM   493  C CZ  . ARG A 1 67  ? -7.658  7.538   12.397  1.00 41.02 ? 67  ARG A CZ  1 
ATOM   494  N NH1 . ARG A 1 67  ? -7.157  8.769   12.337  1.00 43.49 ? 67  ARG A NH1 1 
ATOM   495  N NH2 . ARG A 1 67  ? -8.213  7.145   13.540  1.00 43.06 ? 67  ARG A NH2 1 
ATOM   496  N N   . GLY A 1 68  ? -2.874  9.088   8.585   1.00 10.86 ? 68  GLY A N   1 
ATOM   497  C CA  . GLY A 1 68  ? -1.624  9.098   9.317   1.00 10.93 ? 68  GLY A CA  1 
ATOM   498  C C   . GLY A 1 68  ? -1.590  8.212   10.548  1.00 11.59 ? 68  GLY A C   1 
ATOM   499  O O   . GLY A 1 68  ? -2.552  7.486   10.837  1.00 10.92 ? 68  GLY A O   1 
ATOM   500  N N   . VAL A 1 69  ? -0.510  8.339   11.314  1.00 11.20 ? 69  VAL A N   1 
ATOM   501  C CA  . VAL A 1 69  ? -0.301  7.533   12.521  1.00 13.47 ? 69  VAL A CA  1 
ATOM   502  C C   . VAL A 1 69  ? 0.265   8.368   13.664  1.00 12.76 ? 69  VAL A C   1 
ATOM   503  O O   . VAL A 1 69  ? 1.044   9.308   13.429  1.00 12.42 ? 69  VAL A O   1 
ATOM   504  C CB  . VAL A 1 69  ? 0.734   6.375   12.253  1.00 15.04 ? 69  VAL A CB  1 
ATOM   505  C CG1 . VAL A 1 69  ? 0.104   5.283   11.386  1.00 19.06 ? 69  VAL A CG1 1 
ATOM   506  C CG2 . VAL A 1 69  ? 1.991   6.928   11.567  1.00 17.11 ? 69  VAL A CG2 1 
ATOM   507  N N   . ARG A 1 70  ? -0.112  8.014   14.892  1.00 13.07 ? 70  ARG A N   1 
ATOM   508  C CA  . ARG A 1 70  ? 0.399   8.697   16.071  1.00 13.52 ? 70  ARG A CA  1 
ATOM   509  C C   . ARG A 1 70  ? 1.548   7.812   16.523  1.00 12.34 ? 70  ARG A C   1 
ATOM   510  O O   . ARG A 1 70  ? 1.389   6.603   16.629  1.00 13.66 ? 70  ARG A O   1 
ATOM   511  C CB  . ARG A 1 70  ? -0.638  8.768   17.196  1.00 18.17 ? 70  ARG A CB  1 
ATOM   512  C CG  . ARG A 1 70  ? -0.108  9.595   18.363  1.00 24.83 ? 70  ARG A CG  1 
ATOM   513  C CD  . ARG A 1 70  ? -0.793  9.374   19.698  1.00 32.50 ? 70  ARG A CD  1 
ATOM   514  N NE  . ARG A 1 70  ? 0.151   9.823   20.728  1.00 39.74 ? 70  ARG A NE  1 
ATOM   515  C CZ  . ARG A 1 70  ? -0.062  10.847  21.558  1.00 41.99 ? 70  ARG A CZ  1 
ATOM   516  N NH1 . ARG A 1 70  ? -1.218  11.510  21.542  1.00 44.37 ? 70  ARG A NH1 1 
ATOM   517  N NH2 . ARG A 1 70  ? 0.870   11.188  22.447  1.00 42.86 ? 70  ARG A NH2 1 
ATOM   518  N N   . ARG A 1 71  ? 2.669   8.416   16.872  1.00 10.19 ? 71  ARG A N   1 
ATOM   519  C CA  . ARG A 1 71  ? 3.834   7.652   17.286  1.00 9.76  ? 71  ARG A CA  1 
ATOM   520  C C   . ARG A 1 71  ? 4.103   7.688   18.799  1.00 10.11 ? 71  ARG A C   1 
ATOM   521  O O   . ARG A 1 71  ? 3.663   8.602   19.497  1.00 9.44  ? 71  ARG A O   1 
ATOM   522  C CB  . ARG A 1 71  ? 5.053   8.156   16.517  1.00 10.17 ? 71  ARG A CB  1 
ATOM   523  C CG  . ARG A 1 71  ? 4.902   7.982   15.020  1.00 11.24 ? 71  ARG A CG  1 
ATOM   524  C CD  . ARG A 1 71  ? 6.138   8.396   14.258  1.00 12.09 ? 71  ARG A CD  1 
ATOM   525  N NE  . ARG A 1 71  ? 6.153   7.712   12.971  1.00 11.52 ? 71  ARG A NE  1 
ATOM   526  C CZ  . ARG A 1 71  ? 7.072   7.884   12.031  1.00 11.74 ? 71  ARG A CZ  1 
ATOM   527  N NH1 . ARG A 1 71  ? 8.040   8.772   12.199  1.00 11.74 ? 71  ARG A NH1 1 
ATOM   528  N NH2 . ARG A 1 71  ? 6.985   7.197   10.900  1.00 11.58 ? 71  ARG A NH2 1 
ATOM   529  N N   . PRO A 1 72  ? 4.843   6.687   19.316  1.00 10.82 ? 72  PRO A N   1 
ATOM   530  C CA  . PRO A 1 72  ? 5.180   6.595   20.749  1.00 12.06 ? 72  PRO A CA  1 
ATOM   531  C C   . PRO A 1 72  ? 5.908   7.832   21.295  1.00 12.66 ? 72  PRO A C   1 
ATOM   532  O O   . PRO A 1 72  ? 5.763   8.174   22.467  1.00 14.16 ? 72  PRO A O   1 
ATOM   533  C CB  . PRO A 1 72  ? 6.078   5.355   20.811  1.00 12.96 ? 72  PRO A CB  1 
ATOM   534  C CG  . PRO A 1 72  ? 5.557   4.499   19.672  1.00 13.46 ? 72  PRO A CG  1 
ATOM   535  C CD  . PRO A 1 72  ? 5.366   5.521   18.577  1.00 12.11 ? 72  PRO A CD  1 
ATOM   536  N N   . ASP A 1 73  ? 6.695   8.491   20.446  1.00 12.13 ? 73  ASP A N   1 
ATOM   537  C CA  . ASP A 1 73  ? 7.452   9.680   20.845  1.00 11.91 ? 73  ASP A CA  1 
ATOM   538  C C   . ASP A 1 73  ? 6.655   10.995  20.812  1.00 11.62 ? 73  ASP A C   1 
ATOM   539  O O   . ASP A 1 73  ? 7.226   12.077  20.964  1.00 13.86 ? 73  ASP A O   1 
ATOM   540  C CB  . ASP A 1 73  ? 8.736   9.791   20.007  1.00 11.36 ? 73  ASP A CB  1 
ATOM   541  C CG  . ASP A 1 73  ? 8.466   9.894   18.508  1.00 12.14 ? 73  ASP A CG  1 
ATOM   542  O OD1 . ASP A 1 73  ? 7.327   10.188  18.118  1.00 11.47 ? 73  ASP A OD1 1 
ATOM   543  O OD2 . ASP A 1 73  ? 9.398   9.686   17.714  1.00 14.03 ? 73  ASP A OD2 1 
ATOM   544  N N   . GLY A 1 74  ? 5.346   10.908  20.602  1.00 11.75 ? 74  GLY A N   1 
ATOM   545  C CA  . GLY A 1 74  ? 4.529   12.108  20.578  1.00 12.47 ? 74  GLY A CA  1 
ATOM   546  C C   . GLY A 1 74  ? 4.352   12.758  19.213  1.00 12.74 ? 74  GLY A C   1 
ATOM   547  O O   . GLY A 1 74  ? 3.637   13.759  19.086  1.00 13.60 ? 74  GLY A O   1 
ATOM   548  N N   . SER A 1 75  ? 5.030   12.232  18.199  1.00 11.06 ? 75  SER A N   1 
ATOM   549  C CA  . SER A 1 75  ? 4.891   12.783  16.867  1.00 10.05 ? 75  SER A CA  1 
ATOM   550  C C   . SER A 1 75  ? 3.713   12.125  16.178  1.00 9.51  ? 75  SER A C   1 
ATOM   551  O O   . SER A 1 75  ? 3.232   11.070  16.607  1.00 9.15  ? 75  SER A O   1 
ATOM   552  C CB  . SER A 1 75  ? 6.165   12.577  16.045  1.00 11.02 ? 75  SER A CB  1 
ATOM   553  O OG  . SER A 1 75  ? 6.406   11.206  15.795  1.00 11.37 ? 75  SER A OG  1 
ATOM   554  N N   . TYR A 1 76  ? 3.232   12.789  15.136  1.00 9.49  ? 76  TYR A N   1 
ATOM   555  C CA  . TYR A 1 76  ? 2.129   12.318  14.309  1.00 12.30 ? 76  TYR A CA  1 
ATOM   556  C C   . TYR A 1 76  ? 2.597   12.579  12.885  1.00 12.58 ? 76  TYR A C   1 
ATOM   557  O O   . TYR A 1 76  ? 3.044   13.699  12.573  1.00 13.63 ? 76  TYR A O   1 
ATOM   558  C CB  . TYR A 1 76  ? 0.883   13.168  14.492  1.00 16.05 ? 76  TYR A CB  1 
ATOM   559  C CG  . TYR A 1 76  ? 0.240   13.134  15.831  1.00 22.06 ? 76  TYR A CG  1 
ATOM   560  C CD1 . TYR A 1 76  ? 0.701   13.946  16.880  1.00 22.79 ? 76  TYR A CD1 1 
ATOM   561  C CD2 . TYR A 1 76  ? -0.891  12.346  16.047  1.00 24.73 ? 76  TYR A CD2 1 
ATOM   562  C CE1 . TYR A 1 76  ? 0.056   13.977  18.102  1.00 23.77 ? 76  TYR A CE1 1 
ATOM   563  C CE2 . TYR A 1 76  ? -1.549  12.369  17.270  1.00 26.64 ? 76  TYR A CE2 1 
ATOM   564  C CZ  . TYR A 1 76  ? -1.069  13.189  18.294  1.00 27.39 ? 76  TYR A CZ  1 
ATOM   565  O OH  . TYR A 1 76  ? -1.744  13.190  19.503  1.00 29.87 ? 76  TYR A OH  1 
ATOM   566  N N   . ILE A 1 77  ? 2.484   11.578  12.030  1.00 10.45 ? 77  ILE A N   1 
ATOM   567  C CA  . ILE A 1 77  ? 2.889   11.711  10.637  1.00 11.31 ? 77  ILE A CA  1 
ATOM   568  C C   . ILE A 1 77  ? 1.714   11.362  9.716   1.00 10.23 ? 77  ILE A C   1 
ATOM   569  O O   . ILE A 1 77  ? 0.960   10.435  9.993   1.00 8.55  ? 77  ILE A O   1 
ATOM   570  C CB  . ILE A 1 77  ? 4.098   10.764  10.312  1.00 15.21 ? 77  ILE A CB  1 
ATOM   571  C CG1 . ILE A 1 77  ? 5.435   11.430  10.653  1.00 19.10 ? 77  ILE A CG1 1 
ATOM   572  C CG2 . ILE A 1 77  ? 4.156   10.428  8.853   1.00 18.56 ? 77  ILE A CG2 1 
ATOM   573  C CD1 . ILE A 1 77  ? 5.768   11.470  12.124  1.00 23.08 ? 77  ILE A CD1 1 
ATOM   574  N N   . ARG A 1 78  ? 1.491   12.171  8.689   1.00 10.12 ? 78  ARG A N   1 
ATOM   575  C CA  . ARG A 1 78  ? 0.451   11.862  7.705   1.00 9.91  ? 78  ARG A CA  1 
ATOM   576  C C   . ARG A 1 78  ? 0.974   12.294  6.340   1.00 8.99  ? 78  ARG A C   1 
ATOM   577  O O   . ARG A 1 78  ? 2.026   12.924  6.241   1.00 7.83  ? 78  ARG A O   1 
ATOM   578  C CB  . ARG A 1 78  ? -0.889  12.518  8.031   1.00 12.85 ? 78  ARG A CB  1 
ATOM   579  C CG  . ARG A 1 78  ? -0.911  14.013  7.915   1.00 19.08 ? 78  ARG A CG  1 
ATOM   580  C CD  . ARG A 1 78  ? -2.227  14.564  8.461   1.00 27.26 ? 78  ARG A CD  1 
ATOM   581  N NE  . ARG A 1 78  ? -2.202  16.023  8.527   1.00 35.11 ? 78  ARG A NE  1 
ATOM   582  C CZ  . ARG A 1 78  ? -2.895  16.829  7.723   1.00 39.48 ? 78  ARG A CZ  1 
ATOM   583  N NH1 . ARG A 1 78  ? -3.695  16.318  6.791   1.00 41.87 ? 78  ARG A NH1 1 
ATOM   584  N NH2 . ARG A 1 78  ? -2.794  18.152  7.855   1.00 41.24 ? 78  ARG A NH2 1 
ATOM   585  N N   . PHE A 1 79  ? 0.276   11.872  5.297   1.00 6.61  ? 79  PHE A N   1 
ATOM   586  C CA  . PHE A 1 79  ? 0.683   12.171  3.937   1.00 7.27  ? 79  PHE A CA  1 
ATOM   587  C C   . PHE A 1 79  ? -0.448  12.817  3.166   1.00 7.32  ? 79  PHE A C   1 
ATOM   588  O O   . PHE A 1 79  ? -1.565  12.918  3.655   1.00 8.15  ? 79  PHE A O   1 
ATOM   589  C CB  . PHE A 1 79  ? 1.154   10.887  3.252   1.00 7.57  ? 79  PHE A CB  1 
ATOM   590  C CG  . PHE A 1 79  ? 2.308   10.214  3.957   1.00 7.98  ? 79  PHE A CG  1 
ATOM   591  C CD1 . PHE A 1 79  ? 2.081   9.311   4.999   1.00 9.12  ? 79  PHE A CD1 1 
ATOM   592  C CD2 . PHE A 1 79  ? 3.622   10.491  3.591   1.00 9.01  ? 79  PHE A CD2 1 
ATOM   593  C CE1 . PHE A 1 79  ? 3.148   8.706   5.657   1.00 10.39 ? 79  PHE A CE1 1 
ATOM   594  C CE2 . PHE A 1 79  ? 4.689   9.886   4.248   1.00 9.72  ? 79  PHE A CE2 1 
ATOM   595  C CZ  . PHE A 1 79  ? 4.450   8.992   5.280   1.00 10.08 ? 79  PHE A CZ  1 
ATOM   596  N N   . ASP A 1 80  ? -0.147  13.314  1.974   1.00 9.61  ? 80  ASP A N   1 
ATOM   597  C CA  . ASP A 1 80  ? -1.189  13.969  1.191   1.00 10.06 ? 80  ASP A CA  1 
ATOM   598  C C   . ASP A 1 80  ? -1.948  13.048  0.253   1.00 10.58 ? 80  ASP A C   1 
ATOM   599  O O   . ASP A 1 80  ? -2.740  13.524  -0.554  1.00 12.77 ? 80  ASP A O   1 
ATOM   600  C CB  . ASP A 1 80  ? -0.633  15.185  0.443   1.00 12.07 ? 80  ASP A CB  1 
ATOM   601  C CG  . ASP A 1 80  ? 0.391   14.825  -0.645  1.00 15.38 ? 80  ASP A CG  1 
ATOM   602  O OD1 . ASP A 1 80  ? 0.823   13.653  -0.779  1.00 16.15 ? 80  ASP A OD1 1 
ATOM   603  O OD2 . ASP A 1 80  ? 0.780   15.761  -1.379  1.00 18.38 ? 80  ASP A OD2 1 
ATOM   604  N N   . GLU A 1 81  ? -1.735  11.738  0.376   1.00 9.18  ? 81  GLU A N   1 
ATOM   605  C CA  . GLU A 1 81  ? -2.426  10.755  -0.466  1.00 9.59  ? 81  GLU A CA  1 
ATOM   606  C C   . GLU A 1 81  ? -2.454  9.395   0.215   1.00 8.91  ? 81  GLU A C   1 
ATOM   607  O O   . GLU A 1 81  ? -1.693  9.150   1.150   1.00 8.33  ? 81  GLU A O   1 
ATOM   608  C CB  . GLU A 1 81  ? -1.712  10.594  -1.818  1.00 9.40  ? 81  GLU A CB  1 
ATOM   609  C CG  . GLU A 1 81  ? -0.295  10.019  -1.705  1.00 11.78 ? 81  GLU A CG  1 
ATOM   610  C CD  . GLU A 1 81  ? 0.380   9.756   -3.051  1.00 12.90 ? 81  GLU A CD  1 
ATOM   611  O OE1 . GLU A 1 81  ? 0.014   10.401  -4.054  1.00 14.03 ? 81  GLU A OE1 1 
ATOM   612  O OE2 . GLU A 1 81  ? 1.288   8.897   -3.104  1.00 13.94 ? 81  GLU A OE2 1 
ATOM   613  N N   . ASN A 1 82  ? -3.354  8.538   -0.256  1.00 7.63  ? 82  ASN A N   1 
ATOM   614  C CA  . ASN A 1 82  ? -3.466  7.164   0.219   1.00 7.52  ? 82  ASN A CA  1 
ATOM   615  C C   . ASN A 1 82  ? -2.831  6.337   -0.892  1.00 9.41  ? 82  ASN A C   1 
ATOM   616  O O   . ASN A 1 82  ? -3.338  6.324   -2.023  1.00 8.36  ? 82  ASN A O   1 
ATOM   617  C CB  . ASN A 1 82  ? -4.927  6.744   0.374   1.00 8.65  ? 82  ASN A CB  1 
ATOM   618  C CG  . ASN A 1 82  ? -5.627  7.482   1.484   1.00 8.50  ? 82  ASN A CG  1 
ATOM   619  O OD1 . ASN A 1 82  ? -5.064  7.679   2.560   1.00 8.35  ? 82  ASN A OD1 1 
ATOM   620  N ND2 . ASN A 1 82  ? -6.855  7.880   1.244   1.00 10.32 ? 82  ASN A ND2 1 
ATOM   621  N N   . ALA A 1 83  ? -1.713  5.683   -0.576  1.00 8.12  ? 83  ALA A N   1 
ATOM   622  C CA  . ALA A 1 83  ? -0.987  4.901   -1.570  1.00 7.51  ? 83  ALA A CA  1 
ATOM   623  C C   . ALA A 1 83  ? -0.645  3.506   -1.066  1.00 6.87  ? 83  ALA A C   1 
ATOM   624  O O   . ALA A 1 83  ? -0.580  3.259   0.143   1.00 7.94  ? 83  ALA A O   1 
ATOM   625  C CB  . ALA A 1 83  ? 0.279   5.644   -1.996  1.00 7.10  ? 83  ALA A CB  1 
ATOM   626  N N   . CYS A 1 84  ? -0.428  2.591   -2.002  1.00 7.14  ? 84  CYS A N   1 
ATOM   627  C CA  . CYS A 1 84  ? -0.084  1.220   -1.650  1.00 7.06  ? 84  CYS A CA  1 
ATOM   628  C C   . CYS A 1 84  ? 0.956   0.681   -2.618  1.00 7.32  ? 84  CYS A C   1 
ATOM   629  O O   . CYS A 1 84  ? 1.272   1.326   -3.626  1.00 7.65  ? 84  CYS A O   1 
ATOM   630  C CB  . CYS A 1 84  ? -1.325  0.330   -1.693  1.00 7.54  ? 84  CYS A CB  1 
ATOM   631  S SG  . CYS A 1 84  ? -2.021  0.132   -3.355  1.00 10.03 ? 84  CYS A SG  1 
ATOM   632  N N   . VAL A 1 85  ? 1.530   -0.464  -2.253  1.00 7.27  ? 85  VAL A N   1 
ATOM   633  C CA  . VAL A 1 85  ? 2.529   -1.172  -3.054  1.00 7.78  ? 85  VAL A CA  1 
ATOM   634  C C   . VAL A 1 85  ? 1.991   -2.584  -3.263  1.00 8.93  ? 85  VAL A C   1 
ATOM   635  O O   . VAL A 1 85  ? 1.548   -3.226  -2.304  1.00 8.86  ? 85  VAL A O   1 
ATOM   636  C CB  . VAL A 1 85  ? 3.878   -1.246  -2.315  1.00 8.79  ? 85  VAL A CB  1 
ATOM   637  C CG1 . VAL A 1 85  ? 4.826   -2.180  -3.033  1.00 9.33  ? 85  VAL A CG1 1 
ATOM   638  C CG2 . VAL A 1 85  ? 4.483   0.139   -2.222  1.00 9.42  ? 85  VAL A CG2 1 
ATOM   639  N N   . ILE A 1 86  ? 1.988   -3.068  -4.505  1.00 8.15  ? 86  ILE A N   1 
ATOM   640  C CA  . ILE A 1 86  ? 1.477   -4.403  -4.790  1.00 8.75  ? 86  ILE A CA  1 
ATOM   641  C C   . ILE A 1 86  ? 2.504   -5.423  -4.349  1.00 8.32  ? 86  ILE A C   1 
ATOM   642  O O   . ILE A 1 86  ? 3.685   -5.317  -4.668  1.00 9.22  ? 86  ILE A O   1 
ATOM   643  C CB  . ILE A 1 86  ? 1.106   -4.550  -6.276  1.00 11.68 ? 86  ILE A CB  1 
ATOM   644  C CG1 . ILE A 1 86  ? -0.024  -3.551  -6.603  1.00 12.99 ? 86  ILE A CG1 1 
ATOM   645  C CG2 . ILE A 1 86  ? 0.730   -5.992  -6.585  1.00 10.03 ? 86  ILE A CG2 1 
ATOM   646  C CD1 . ILE A 1 86  ? -0.568  -3.642  -7.996  1.00 17.31 ? 86  ILE A CD1 1 
ATOM   647  N N   . ILE A 1 87  ? 2.055   -6.414  -3.593  1.00 9.07  ? 87  ILE A N   1 
ATOM   648  C CA  . ILE A 1 87  ? 2.977   -7.408  -3.048  1.00 9.62  ? 87  ILE A CA  1 
ATOM   649  C C   . ILE A 1 87  ? 2.639   -8.856  -3.394  1.00 10.39 ? 87  ILE A C   1 
ATOM   650  O O   . ILE A 1 87  ? 1.533   -9.175  -3.820  1.00 11.23 ? 87  ILE A O   1 
ATOM   651  C CB  . ILE A 1 87  ? 3.036   -7.312  -1.493  1.00 10.07 ? 87  ILE A CB  1 
ATOM   652  C CG1 . ILE A 1 87  ? 1.629   -7.508  -0.905  1.00 11.60 ? 87  ILE A CG1 1 
ATOM   653  C CG2 . ILE A 1 87  ? 3.638   -5.987  -1.057  1.00 9.90  ? 87  ILE A CG2 1 
ATOM   654  C CD1 . ILE A 1 87  ? 1.559   -7.711  0.641   1.00 12.11 ? 87  ILE A CD1 1 
ATOM   655  N N   . ARG A 1 88  ? 3.625   -9.718  -3.235  1.00 11.89 ? 88  ARG A N   1 
ATOM   656  C CA  . ARG A 1 88  ? 3.442   -11.140 -3.436  1.00 14.44 ? 88  ARG A CA  1 
ATOM   657  C C   . ARG A 1 88  ? 3.016   -11.672 -2.061  1.00 16.44 ? 88  ARG A C   1 
ATOM   658  O O   . ARG A 1 88  ? 3.040   -10.933 -1.073  1.00 15.26 ? 88  ARG A O   1 
ATOM   659  C CB  . ARG A 1 88  ? 4.765   -11.789 -3.812  1.00 15.28 ? 88  ARG A CB  1 
ATOM   660  C CG  . ARG A 1 88  ? 5.376   -11.279 -5.055  1.00 17.87 ? 88  ARG A CG  1 
ATOM   661  C CD  . ARG A 1 88  ? 6.669   -11.977 -5.274  1.00 21.65 ? 88  ARG A CD  1 
ATOM   662  N NE  . ARG A 1 88  ? 7.378   -11.391 -6.396  1.00 27.15 ? 88  ARG A NE  1 
ATOM   663  C CZ  . ARG A 1 88  ? 8.667   -11.076 -6.369  1.00 29.49 ? 88  ARG A CZ  1 
ATOM   664  N NH1 . ARG A 1 88  ? 9.386   -11.336 -5.285  1.00 30.69 ? 88  ARG A NH1 1 
ATOM   665  N NH2 . ARG A 1 88  ? 9.240   -10.531 -7.433  1.00 32.44 ? 88  ARG A NH2 1 
ATOM   666  N N   . ASP A 1 89  ? 2.722   -12.964 -1.978  1.00 17.70 ? 89  ASP A N   1 
ATOM   667  C CA  . ASP A 1 89  ? 2.311   -13.560 -0.712  1.00 20.46 ? 89  ASP A CA  1 
ATOM   668  C C   . ASP A 1 89  ? 3.368   -13.521 0.389   1.00 19.80 ? 89  ASP A C   1 
ATOM   669  O O   . ASP A 1 89  ? 3.029   -13.496 1.570   1.00 21.27 ? 89  ASP A O   1 
ATOM   670  C CB  . ASP A 1 89  ? 1.824   -14.994 -0.924  1.00 24.35 ? 89  ASP A CB  1 
ATOM   671  C CG  . ASP A 1 89  ? 0.543   -15.051 -1.740  1.00 29.15 ? 89  ASP A CG  1 
ATOM   672  O OD1 . ASP A 1 89  ? -0.388  -14.264 -1.449  1.00 31.04 ? 89  ASP A OD1 1 
ATOM   673  O OD2 . ASP A 1 89  ? 0.478   -15.856 -2.699  1.00 33.17 ? 89  ASP A OD2 1 
ATOM   674  N N   . ASP A 1 90  ? 4.640   -13.485 0.008   1.00 19.34 ? 90  ASP A N   1 
ATOM   675  C CA  . ASP A 1 90  ? 5.740   -13.433 0.982   1.00 19.48 ? 90  ASP A CA  1 
ATOM   676  C C   . ASP A 1 90  ? 6.097   -12.003 1.416   1.00 18.82 ? 90  ASP A C   1 
ATOM   677  O O   . ASP A 1 90  ? 7.177   -11.784 1.969   1.00 19.07 ? 90  ASP A O   1 
ATOM   678  C CB  . ASP A 1 90  ? 6.994   -14.140 0.431   1.00 19.77 ? 90  ASP A CB  1 
ATOM   679  C CG  . ASP A 1 90  ? 7.611   -13.426 -0.778  1.00 22.59 ? 90  ASP A CG  1 
ATOM   680  O OD1 . ASP A 1 90  ? 7.006   -12.484 -1.329  1.00 23.17 ? 90  ASP A OD1 1 
ATOM   681  O OD2 . ASP A 1 90  ? 8.713   -13.820 -1.207  1.00 25.35 ? 90  ASP A OD2 1 
ATOM   682  N N   . LYS A 1 91  ? 5.226   -11.041 1.082   1.00 17.30 ? 91  LYS A N   1 
ATOM   683  C CA  . LYS A 1 91  ? 5.389   -9.608  1.395   1.00 15.97 ? 91  LYS A CA  1 
ATOM   684  C C   . LYS A 1 91  ? 6.336   -8.816  0.509   1.00 14.97 ? 91  LYS A C   1 
ATOM   685  O O   . LYS A 1 91  ? 6.423   -7.602  0.641   1.00 14.74 ? 91  LYS A O   1 
ATOM   686  C CB  . LYS A 1 91  ? 5.747   -9.374  2.870   1.00 16.81 ? 91  LYS A CB  1 
ATOM   687  C CG  . LYS A 1 91  ? 4.652   -9.804  3.834   1.00 18.85 ? 91  LYS A CG  1 
ATOM   688  C CD  . LYS A 1 91  ? 4.958   -9.376  5.261   1.00 20.06 ? 91  LYS A CD  1 
ATOM   689  C CE  . LYS A 1 91  ? 3.832   -9.813  6.172   1.00 23.49 ? 91  LYS A CE  1 
ATOM   690  N NZ  . LYS A 1 91  ? 3.724   -8.975  7.401   1.00 24.26 ? 91  LYS A NZ  1 
ATOM   691  N N   . SER A 1 92  ? 7.066   -9.504  -0.372  1.00 14.58 ? 92  SER A N   1 
ATOM   692  C CA  . SER A 1 92  ? 7.975   -8.852  -1.314  1.00 14.79 ? 92  SER A CA  1 
ATOM   693  C C   . SER A 1 92  ? 7.179   -8.105  -2.369  1.00 13.31 ? 92  SER A C   1 
ATOM   694  O O   . SER A 1 92  ? 6.115   -8.548  -2.801  1.00 12.99 ? 92  SER A O   1 
ATOM   695  C CB  . SER A 1 92  ? 8.847   -9.887  -2.024  1.00 18.34 ? 92  SER A CB  1 
ATOM   696  O OG  . SER A 1 92  ? 9.624   -10.595 -1.085  1.00 27.50 ? 92  SER A OG  1 
ATOM   697  N N   . PRO A 1 93  ? 7.669   -6.933  -2.796  1.00 12.58 ? 93  PRO A N   1 
ATOM   698  C CA  . PRO A 1 93  ? 6.967   -6.159  -3.819  1.00 12.90 ? 93  PRO A CA  1 
ATOM   699  C C   . PRO A 1 93  ? 7.053   -6.832  -5.186  1.00 13.97 ? 93  PRO A C   1 
ATOM   700  O O   . PRO A 1 93  ? 8.031   -7.514  -5.483  1.00 13.56 ? 93  PRO A O   1 
ATOM   701  C CB  . PRO A 1 93  ? 7.710   -4.823  -3.823  1.00 13.86 ? 93  PRO A CB  1 
ATOM   702  C CG  . PRO A 1 93  ? 9.097   -5.157  -3.288  1.00 13.06 ? 93  PRO A CG  1 
ATOM   703  C CD  . PRO A 1 93  ? 8.788   -6.158  -2.210  1.00 13.91 ? 93  PRO A CD  1 
ATOM   704  N N   . ARG A 1 94  ? 6.006   -6.682  -5.985  1.00 14.84 ? 94  ARG A N   1 
ATOM   705  C CA  . ARG A 1 94  ? 5.999   -7.231  -7.333  1.00 17.93 ? 94  ARG A CA  1 
ATOM   706  C C   . ARG A 1 94  ? 6.813   -6.344  -8.288  1.00 18.47 ? 94  ARG A C   1 
ATOM   707  O O   . ARG A 1 94  ? 7.386   -6.837  -9.263  1.00 20.83 ? 94  ARG A O   1 
ATOM   708  C CB  . ARG A 1 94  ? 4.564   -7.466  -7.822  1.00 19.10 ? 94  ARG A CB  1 
ATOM   709  C CG  . ARG A 1 94  ? 3.919   -8.670  -7.108  1.00 23.71 ? 94  ARG A CG  1 
ATOM   710  C CD  . ARG A 1 94  ? 2.573   -9.063  -7.680  1.00 27.36 ? 94  ARG A CD  1 
ATOM   711  N NE  . ARG A 1 94  ? 2.677   -9.441  -9.083  1.00 33.87 ? 94  ARG A NE  1 
ATOM   712  C CZ  . ARG A 1 94  ? 1.636   -9.594  -9.897  1.00 35.73 ? 94  ARG A CZ  1 
ATOM   713  N NH1 . ARG A 1 94  ? 0.395   -9.420  -9.446  1.00 37.04 ? 94  ARG A NH1 1 
ATOM   714  N NH2 . ARG A 1 94  ? 1.836   -9.933  -11.165 1.00 37.70 ? 94  ARG A NH2 1 
ATOM   715  N N   . GLY A 1 95  ? 6.869   -5.045  -7.997  1.00 17.77 ? 95  GLY A N   1 
ATOM   716  C CA  . GLY A 1 95  ? 7.625   -4.114  -8.815  1.00 17.89 ? 95  GLY A CA  1 
ATOM   717  C C   . GLY A 1 95  ? 9.058   -4.040  -8.310  1.00 18.39 ? 95  GLY A C   1 
ATOM   718  O O   . GLY A 1 95  ? 9.393   -4.661  -7.306  1.00 18.87 ? 95  GLY A O   1 
ATOM   719  N N   . THR A 1 96  ? 9.895   -3.246  -8.968  1.00 16.63 ? 96  THR A N   1 
ATOM   720  C CA  . THR A 1 96  ? 11.288  -3.128  -8.568  1.00 16.00 ? 96  THR A CA  1 
ATOM   721  C C   . THR A 1 96  ? 11.651  -1.760  -8.033  1.00 15.23 ? 96  THR A C   1 
ATOM   722  O O   . THR A 1 96  ? 12.776  -1.555  -7.604  1.00 16.43 ? 96  THR A O   1 
ATOM   723  C CB  . THR A 1 96  ? 12.236  -3.451  -9.738  1.00 16.17 ? 96  THR A CB  1 
ATOM   724  O OG1 . THR A 1 96  ? 11.864  -2.672  -10.885 1.00 15.87 ? 96  THR A OG1 1 
ATOM   725  C CG2 . THR A 1 96  ? 12.170  -4.920  -10.075 1.00 15.67 ? 96  THR A CG2 1 
ATOM   726  N N   . ARG A 1 97  ? 10.715  -0.820  -8.080  1.00 13.88 ? 97  ARG A N   1 
ATOM   727  C CA  . ARG A 1 97  ? 10.977  0.531   -7.600  1.00 15.50 ? 97  ARG A CA  1 
ATOM   728  C C   . ARG A 1 97  ? 9.781   1.003   -6.805  1.00 14.14 ? 97  ARG A C   1 
ATOM   729  O O   . ARG A 1 97  ? 8.637   0.666   -7.129  1.00 13.88 ? 97  ARG A O   1 
ATOM   730  C CB  . ARG A 1 97  ? 11.170  1.515   -8.759  1.00 18.33 ? 97  ARG A CB  1 
ATOM   731  C CG  . ARG A 1 97  ? 12.354  1.279   -9.644  1.00 26.19 ? 97  ARG A CG  1 
ATOM   732  C CD  . ARG A 1 97  ? 13.634  1.314   -8.852  1.00 33.86 ? 97  ARG A CD  1 
ATOM   733  N NE  . ARG A 1 97  ? 14.846  1.334   -9.673  1.00 39.20 ? 97  ARG A NE  1 
ATOM   734  C CZ  . ARG A 1 97  ? 15.685  0.303   -9.781  1.00 41.89 ? 97  ARG A CZ  1 
ATOM   735  N NH1 . ARG A 1 97  ? 15.413  -0.860  -9.170  1.00 42.38 ? 97  ARG A NH1 1 
ATOM   736  N NH2 . ARG A 1 97  ? 16.777  0.417   -10.540 1.00 43.16 ? 97  ARG A NH2 1 
ATOM   737  N N   . ILE A 1 98  ? 10.060  1.785   -5.773  1.00 12.79 ? 98  ILE A N   1 
ATOM   738  C CA  . ILE A 1 98  ? 9.043   2.355   -4.900  1.00 13.66 ? 98  ILE A CA  1 
ATOM   739  C C   . ILE A 1 98  ? 9.186   3.867   -5.084  1.00 13.90 ? 98  ILE A C   1 
ATOM   740  O O   . ILE A 1 98  ? 10.302  4.389   -5.148  1.00 15.03 ? 98  ILE A O   1 
ATOM   741  C CB  . ILE A 1 98  ? 9.302   1.996   -3.400  1.00 13.79 ? 98  ILE A CB  1 
ATOM   742  C CG1 . ILE A 1 98  ? 9.385   0.476   -3.197  1.00 15.41 ? 98  ILE A CG1 1 
ATOM   743  C CG2 . ILE A 1 98  ? 8.238   2.641   -2.504  1.00 14.70 ? 98  ILE A CG2 1 
ATOM   744  C CD1 . ILE A 1 98  ? 8.129   -0.297  -3.460  1.00 14.74 ? 98  ILE A CD1 1 
ATOM   745  N N   . PHE A 1 99  ? 8.069   4.574   -5.184  1.00 13.56 ? 99  PHE A N   1 
ATOM   746  C CA  . PHE A 1 99  ? 8.115   6.020   -5.392  1.00 13.60 ? 99  PHE A CA  1 
ATOM   747  C C   . PHE A 1 99  ? 7.581   6.762   -4.191  1.00 14.03 ? 99  PHE A C   1 
ATOM   748  O O   . PHE A 1 99  ? 6.542   6.388   -3.634  1.00 14.34 ? 99  PHE A O   1 
ATOM   749  C CB  . PHE A 1 99  ? 7.293   6.407   -6.625  1.00 15.52 ? 99  PHE A CB  1 
ATOM   750  C CG  . PHE A 1 99  ? 7.730   5.719   -7.882  1.00 17.71 ? 99  PHE A CG  1 
ATOM   751  C CD1 . PHE A 1 99  ? 9.042   5.865   -8.347  1.00 18.67 ? 99  PHE A CD1 1 
ATOM   752  C CD2 . PHE A 1 99  ? 6.850   4.898   -8.584  1.00 17.84 ? 99  PHE A CD2 1 
ATOM   753  C CE1 . PHE A 1 99  ? 9.471   5.210   -9.483  1.00 17.98 ? 99  PHE A CE1 1 
ATOM   754  C CE2 . PHE A 1 99  ? 7.271   4.233   -9.734  1.00 19.35 ? 99  PHE A CE2 1 
ATOM   755  C CZ  . PHE A 1 99  ? 8.585   4.386   -10.181 1.00 18.84 ? 99  PHE A CZ  1 
ATOM   756  N N   . GLY A 1 100 ? 8.266   7.835   -3.818  1.00 12.44 ? 100 GLY A N   1 
ATOM   757  C CA  . GLY A 1 100 ? 7.816   8.630   -2.692  1.00 13.95 ? 100 GLY A CA  1 
ATOM   758  C C   . GLY A 1 100 ? 8.203   8.064   -1.341  1.00 13.89 ? 100 GLY A C   1 
ATOM   759  O O   . GLY A 1 100 ? 8.595   6.898   -1.216  1.00 13.62 ? 100 GLY A O   1 
ATOM   760  N N   . PRO A 1 101 ? 8.120   8.894   -0.300  1.00 14.62 ? 101 PRO A N   1 
ATOM   761  C CA  . PRO A 1 101 ? 8.470   8.469   1.058   1.00 14.05 ? 101 PRO A CA  1 
ATOM   762  C C   . PRO A 1 101 ? 7.483   7.458   1.632   1.00 13.36 ? 101 PRO A C   1 
ATOM   763  O O   . PRO A 1 101 ? 6.301   7.463   1.284   1.00 13.13 ? 101 PRO A O   1 
ATOM   764  C CB  . PRO A 1 101 ? 8.437   9.784   1.833   1.00 14.09 ? 101 PRO A CB  1 
ATOM   765  C CG  . PRO A 1 101 ? 7.347   10.551  1.132   1.00 14.77 ? 101 PRO A CG  1 
ATOM   766  C CD  . PRO A 1 101 ? 7.681   10.302  -0.319  1.00 13.94 ? 101 PRO A CD  1 
ATOM   767  N N   . VAL A 1 102 ? 7.978   6.579   2.499   1.00 13.03 ? 102 VAL A N   1 
ATOM   768  C CA  . VAL A 1 102 ? 7.132   5.580   3.152   1.00 12.35 ? 102 VAL A CA  1 
ATOM   769  C C   . VAL A 1 102 ? 7.349   5.693   4.664   1.00 10.99 ? 102 VAL A C   1 
ATOM   770  O O   . VAL A 1 102 ? 8.381   6.189   5.111   1.00 11.78 ? 102 VAL A O   1 
ATOM   771  C CB  . VAL A 1 102 ? 7.384   4.109   2.642   1.00 13.24 ? 102 VAL A CB  1 
ATOM   772  C CG1 . VAL A 1 102 ? 7.123   4.010   1.126   1.00 12.28 ? 102 VAL A CG1 1 
ATOM   773  C CG2 . VAL A 1 102 ? 8.791   3.611   2.997   1.00 12.36 ? 102 VAL A CG2 1 
ATOM   774  N N   . ALA A 1 103 ? 6.343   5.299   5.434   1.00 10.01 ? 103 ALA A N   1 
ATOM   775  C CA  . ALA A 1 103 ? 6.406   5.361   6.888   1.00 9.87  ? 103 ALA A CA  1 
ATOM   776  C C   . ALA A 1 103 ? 7.253   4.233   7.485   1.00 9.50  ? 103 ALA A C   1 
ATOM   777  O O   . ALA A 1 103 ? 7.154   3.086   7.052   1.00 9.50  ? 103 ALA A O   1 
ATOM   778  C CB  . ALA A 1 103 ? 4.998   5.321   7.469   1.00 9.50  ? 103 ALA A CB  1 
ATOM   779  N N   . ARG A 1 104 ? 8.004   4.553   8.538   1.00 8.52  ? 104 ARG A N   1 
ATOM   780  C CA  . ARG A 1 104 ? 8.863   3.585   9.192   1.00 9.00  ? 104 ARG A CA  1 
ATOM   781  C C   . ARG A 1 104 ? 8.068   2.457   9.863   1.00 8.95  ? 104 ARG A C   1 
ATOM   782  O O   . ARG A 1 104 ? 8.602   1.364   10.100  1.00 10.18 ? 104 ARG A O   1 
ATOM   783  C CB  . ARG A 1 104 ? 9.791   4.280   10.191  1.00 9.64  ? 104 ARG A CB  1 
ATOM   784  C CG  . ARG A 1 104 ? 10.772  3.328   10.891  1.00 12.08 ? 104 ARG A CG  1 
ATOM   785  C CD  . ARG A 1 104 ? 11.814  4.068   11.732  1.00 14.84 ? 104 ARG A CD  1 
ATOM   786  N NE  . ARG A 1 104 ? 12.699  4.873   10.891  1.00 15.81 ? 104 ARG A NE  1 
ATOM   787  C CZ  . ARG A 1 104 ? 12.556  6.178   10.686  1.00 17.93 ? 104 ARG A CZ  1 
ATOM   788  N NH1 . ARG A 1 104 ? 11.588  6.840   11.309  1.00 17.62 ? 104 ARG A NH1 1 
ATOM   789  N NH2 . ARG A 1 104 ? 13.404  6.832   9.885   1.00 19.19 ? 104 ARG A NH2 1 
ATOM   790  N N   . GLU A 1 105 ? 6.782   2.687   10.112  1.00 8.73  ? 105 GLU A N   1 
ATOM   791  C CA  . GLU A 1 105 ? 5.917   1.664   10.724  1.00 8.82  ? 105 GLU A CA  1 
ATOM   792  C C   . GLU A 1 105 ? 5.942   0.353   9.936   1.00 9.11  ? 105 GLU A C   1 
ATOM   793  O O   . GLU A 1 105 ? 5.693   -0.723  10.505  1.00 9.91  ? 105 GLU A O   1 
ATOM   794  C CB  . GLU A 1 105 ? 4.476   2.155   10.825  1.00 9.90  ? 105 GLU A CB  1 
ATOM   795  C CG  . GLU A 1 105 ? 4.191   3.091   11.997  1.00 10.91 ? 105 GLU A CG  1 
ATOM   796  C CD  . GLU A 1 105 ? 4.790   4.484   11.854  1.00 10.90 ? 105 GLU A CD  1 
ATOM   797  O OE1 . GLU A 1 105 ? 5.284   4.852   10.762  1.00 10.98 ? 105 GLU A OE1 1 
ATOM   798  O OE2 . GLU A 1 105 ? 4.739   5.229   12.847  1.00 11.38 ? 105 GLU A OE2 1 
ATOM   799  N N   . LEU A 1 106 ? 6.227   0.433   8.633   1.00 7.74  ? 106 LEU A N   1 
ATOM   800  C CA  . LEU A 1 106 ? 6.289   -0.758  7.792   1.00 8.49  ? 106 LEU A CA  1 
ATOM   801  C C   . LEU A 1 106 ? 7.351   -1.744  8.271   1.00 8.46  ? 106 LEU A C   1 
ATOM   802  O O   . LEU A 1 106 ? 7.218   -2.954  8.071   1.00 9.63  ? 106 LEU A O   1 
ATOM   803  C CB  . LEU A 1 106 ? 6.539   -0.374  6.329   1.00 10.17 ? 106 LEU A CB  1 
ATOM   804  C CG  . LEU A 1 106 ? 5.435   0.457   5.660   1.00 10.46 ? 106 LEU A CG  1 
ATOM   805  C CD1 . LEU A 1 106 ? 5.942   1.057   4.349   1.00 13.83 ? 106 LEU A CD1 1 
ATOM   806  C CD2 . LEU A 1 106 ? 4.203   -0.388  5.423   1.00 12.08 ? 106 LEU A CD2 1 
ATOM   807  N N   . ARG A 1 107 ? 8.406   -1.213  8.885   1.00 9.29  ? 107 ARG A N   1 
ATOM   808  C CA  . ARG A 1 107 ? 9.494   -2.011  9.434   1.00 11.09 ? 107 ARG A CA  1 
ATOM   809  C C   . ARG A 1 107 ? 8.982   -3.010  10.492  1.00 11.27 ? 107 ARG A C   1 
ATOM   810  O O   . ARG A 1 107 ? 9.413   -4.160  10.512  1.00 12.61 ? 107 ARG A O   1 
ATOM   811  C CB  . ARG A 1 107 ? 10.554  -1.075  10.029  1.00 13.10 ? 107 ARG A CB  1 
ATOM   812  C CG  . ARG A 1 107 ? 11.607  -1.740  10.903  1.00 18.76 ? 107 ARG A CG  1 
ATOM   813  C CD  . ARG A 1 107 ? 12.721  -2.388  10.122  1.00 23.05 ? 107 ARG A CD  1 
ATOM   814  N NE  . ARG A 1 107 ? 13.679  -3.093  10.980  1.00 26.51 ? 107 ARG A NE  1 
ATOM   815  C CZ  . ARG A 1 107 ? 13.380  -4.154  11.730  1.00 27.77 ? 107 ARG A CZ  1 
ATOM   816  N NH1 . ARG A 1 107 ? 12.134  -4.606  11.777  1.00 30.33 ? 107 ARG A NH1 1 
ATOM   817  N NH2 . ARG A 1 107 ? 14.316  -4.756  12.448  1.00 29.63 ? 107 ARG A NH2 1 
ATOM   818  N N   . ASP A 1 108 ? 8.041   -2.588  11.336  1.00 11.21 ? 108 ASP A N   1 
ATOM   819  C CA  . ASP A 1 108 ? 7.483   -3.474  12.379  1.00 13.51 ? 108 ASP A CA  1 
ATOM   820  C C   . ASP A 1 108 ? 6.672   -4.657  11.854  1.00 14.92 ? 108 ASP A C   1 
ATOM   821  O O   . ASP A 1 108 ? 6.514   -5.672  12.547  1.00 15.26 ? 108 ASP A O   1 
ATOM   822  C CB  . ASP A 1 108 ? 6.567   -2.704  13.321  1.00 13.45 ? 108 ASP A CB  1 
ATOM   823  C CG  . ASP A 1 108 ? 7.309   -1.784  14.240  1.00 15.33 ? 108 ASP A CG  1 
ATOM   824  O OD1 . ASP A 1 108 ? 8.509   -1.965  14.470  1.00 18.78 ? 108 ASP A OD1 1 
ATOM   825  O OD2 . ASP A 1 108 ? 6.659   -0.870  14.756  1.00 20.57 ? 108 ASP A OD2 1 
ATOM   826  N N   . LYS A 1 109 ? 6.100   -4.490  10.663  1.00 14.82 ? 109 LYS A N   1 
ATOM   827  C CA  . LYS A 1 109 ? 5.271   -5.524  10.053  1.00 15.86 ? 109 LYS A CA  1 
ATOM   828  C C   . LYS A 1 109 ? 6.043   -6.395  9.063   1.00 16.21 ? 109 LYS A C   1 
ATOM   829  O O   . LYS A 1 109 ? 5.441   -7.087  8.233   1.00 16.54 ? 109 LYS A O   1 
ATOM   830  C CB  . LYS A 1 109 ? 4.059   -4.887  9.369   1.00 18.10 ? 109 LYS A CB  1 
ATOM   831  C CG  . LYS A 1 109 ? 3.146   -4.115  10.296  1.00 21.46 ? 109 LYS A CG  1 
ATOM   832  C CD  . LYS A 1 109 ? 2.592   -5.018  11.380  1.00 26.23 ? 109 LYS A CD  1 
ATOM   833  C CE  . LYS A 1 109 ? 1.400   -4.375  12.067  1.00 29.74 ? 109 LYS A CE  1 
ATOM   834  N NZ  . LYS A 1 109 ? 1.748   -2.993  12.497  1.00 32.32 ? 109 LYS A NZ  1 
ATOM   835  N N   . ASP A 1 110 ? 7.369   -6.295  9.107   1.00 15.13 ? 110 ASP A N   1 
ATOM   836  C CA  . ASP A 1 110 ? 8.245   -7.104  8.267   1.00 16.45 ? 110 ASP A CA  1 
ATOM   837  C C   . ASP A 1 110 ? 8.251   -6.837  6.755   1.00 14.60 ? 110 ASP A C   1 
ATOM   838  O O   . ASP A 1 110 ? 8.526   -7.744  5.960   1.00 14.86 ? 110 ASP A O   1 
ATOM   839  C CB  . ASP A 1 110 ? 7.984   -8.589  8.540   1.00 20.12 ? 110 ASP A CB  1 
ATOM   840  C CG  . ASP A 1 110 ? 9.138   -9.469  8.117   1.00 24.10 ? 110 ASP A CG  1 
ATOM   841  O OD1 . ASP A 1 110 ? 10.299  -9.102  8.400   1.00 26.10 ? 110 ASP A OD1 1 
ATOM   842  O OD2 . ASP A 1 110 ? 8.882   -10.534 7.513   1.00 27.80 ? 110 ASP A OD2 1 
ATOM   843  N N   . PHE A 1 111 ? 7.973   -5.601  6.356   1.00 11.97 ? 111 PHE A N   1 
ATOM   844  C CA  . PHE A 1 111 ? 8.017   -5.258  4.940   1.00 11.45 ? 111 PHE A CA  1 
ATOM   845  C C   . PHE A 1 111 ? 9.414   -4.710  4.670   1.00 11.45 ? 111 PHE A C   1 
ATOM   846  O O   . PHE A 1 111 ? 9.599   -3.579  4.229   1.00 9.99  ? 111 PHE A O   1 
ATOM   847  C CB  . PHE A 1 111 ? 6.903   -4.274  4.595   1.00 11.04 ? 111 PHE A CB  1 
ATOM   848  C CG  . PHE A 1 111 ? 5.526   -4.886  4.674   1.00 11.45 ? 111 PHE A CG  1 
ATOM   849  C CD1 . PHE A 1 111 ? 5.029   -5.649  3.622   1.00 10.45 ? 111 PHE A CD1 1 
ATOM   850  C CD2 . PHE A 1 111 ? 4.732   -4.721  5.815   1.00 10.98 ? 111 PHE A CD2 1 
ATOM   851  C CE1 . PHE A 1 111 ? 3.766   -6.237  3.704   1.00 11.46 ? 111 PHE A CE1 1 
ATOM   852  C CE2 . PHE A 1 111 ? 3.465   -5.308  5.898   1.00 10.73 ? 111 PHE A CE2 1 
ATOM   853  C CZ  . PHE A 1 111 ? 2.990   -6.059  4.847   1.00 10.99 ? 111 PHE A CZ  1 
ATOM   854  N N   . MET A 1 112 ? 10.404  -5.563  4.910   1.00 12.71 ? 112 MET A N   1 
ATOM   855  C CA  . MET A 1 112 ? 11.808  -5.189  4.758   1.00 13.84 ? 112 MET A CA  1 
ATOM   856  C C   . MET A 1 112 ? 12.277  -4.797  3.358   1.00 12.93 ? 112 MET A C   1 
ATOM   857  O O   . MET A 1 112 ? 13.059  -3.865  3.210   1.00 12.27 ? 112 MET A O   1 
ATOM   858  C CB  . MET A 1 112 ? 12.721  -6.281  5.335   1.00 15.80 ? 112 MET A CB  1 
ATOM   859  C CG  . MET A 1 112 ? 12.401  -6.663  6.775   1.00 19.37 ? 112 MET A CG  1 
ATOM   860  S SD  . MET A 1 112 ? 12.343  -5.258  7.936   1.00 20.61 ? 112 MET A SD  1 
ATOM   861  C CE  . MET A 1 112 ? 13.994  -4.496  7.589   1.00 19.86 ? 112 MET A CE  1 
ATOM   862  N N   . LYS A 1 113 ? 11.796  -5.493  2.334   1.00 13.45 ? 113 LYS A N   1 
ATOM   863  C CA  . LYS A 1 113 ? 12.210  -5.176  0.960   1.00 13.96 ? 113 LYS A CA  1 
ATOM   864  C C   . LYS A 1 113 ? 11.717  -3.787  0.545   1.00 12.88 ? 113 LYS A C   1 
ATOM   865  O O   . LYS A 1 113 ? 12.459  -2.998  -0.041  1.00 13.05 ? 113 LYS A O   1 
ATOM   866  C CB  . LYS A 1 113 ? 11.715  -6.251  -0.022  1.00 15.92 ? 113 LYS A CB  1 
ATOM   867  C CG  . LYS A 1 113 ? 12.281  -6.125  -1.444  1.00 18.59 ? 113 LYS A CG  1 
ATOM   868  C CD  . LYS A 1 113 ? 13.809  -6.169  -1.438  1.00 20.75 ? 113 LYS A CD  1 
ATOM   869  C CE  . LYS A 1 113 ? 14.393  -6.298  -2.831  1.00 21.62 ? 113 LYS A CE  1 
ATOM   870  N NZ  . LYS A 1 113 ? 15.874  -6.564  -2.766  1.00 22.29 ? 113 LYS A NZ  1 
ATOM   871  N N   . ILE A 1 114 ? 10.473  -3.476  0.897   1.00 12.80 ? 114 ILE A N   1 
ATOM   872  C CA  . ILE A 1 114 ? 9.907   -2.172  0.575   1.00 12.15 ? 114 ILE A CA  1 
ATOM   873  C C   . ILE A 1 114 ? 10.692  -1.070  1.271   1.00 12.00 ? 114 ILE A C   1 
ATOM   874  O O   . ILE A 1 114 ? 11.007  -0.064  0.649   1.00 13.10 ? 114 ILE A O   1 
ATOM   875  C CB  . ILE A 1 114 ? 8.414   -2.094  0.940   1.00 12.34 ? 114 ILE A CB  1 
ATOM   876  C CG1 . ILE A 1 114 ? 7.620   -3.010  0.000   1.00 12.67 ? 114 ILE A CG1 1 
ATOM   877  C CG2 . ILE A 1 114 ? 7.907   -0.656  0.849   1.00 13.45 ? 114 ILE A CG2 1 
ATOM   878  C CD1 . ILE A 1 114 ? 6.142   -3.016  0.260   1.00 15.18 ? 114 ILE A CD1 1 
ATOM   879  N N   . ILE A 1 115 ? 11.006  -1.266  2.554   1.00 12.13 ? 115 ILE A N   1 
ATOM   880  C CA  . ILE A 1 115 ? 11.781  -0.298  3.325   1.00 13.31 ? 115 ILE A CA  1 
ATOM   881  C C   . ILE A 1 115 ? 13.163  -0.086  2.665   1.00 14.85 ? 115 ILE A C   1 
ATOM   882  O O   . ILE A 1 115 ? 13.672  1.042   2.609   1.00 15.35 ? 115 ILE A O   1 
ATOM   883  C CB  . ILE A 1 115 ? 11.988  -0.786  4.789   1.00 14.25 ? 115 ILE A CB  1 
ATOM   884  C CG1 . ILE A 1 115 ? 10.676  -0.717  5.569   1.00 14.53 ? 115 ILE A CG1 1 
ATOM   885  C CG2 . ILE A 1 115 ? 13.075  0.026   5.477   1.00 14.05 ? 115 ILE A CG2 1 
ATOM   886  C CD1 . ILE A 1 115 ? 10.198  0.691   5.827   1.00 16.24 ? 115 ILE A CD1 1 
ATOM   887  N N   . SER A 1 116 ? 13.773  -1.163  2.174   1.00 14.38 ? 116 SER A N   1 
ATOM   888  C CA  . SER A 1 116 ? 15.080  -1.020  1.539   1.00 16.32 ? 116 SER A CA  1 
ATOM   889  C C   . SER A 1 116 ? 14.999  -0.294  0.185   1.00 15.83 ? 116 SER A C   1 
ATOM   890  O O   . SER A 1 116 ? 15.880  0.494   -0.145  1.00 17.17 ? 116 SER A O   1 
ATOM   891  C CB  . SER A 1 116 ? 15.796  -2.371  1.421   1.00 16.01 ? 116 SER A CB  1 
ATOM   892  O OG  . SER A 1 116 ? 15.243  -3.170  0.403   1.00 21.87 ? 116 SER A OG  1 
ATOM   893  N N   . LEU A 1 117 ? 13.929  -0.528  -0.571  1.00 14.78 ? 117 LEU A N   1 
ATOM   894  C CA  . LEU A 1 117 ? 13.753  0.118   -1.871  1.00 15.59 ? 117 LEU A CA  1 
ATOM   895  C C   . LEU A 1 117 ? 13.246  1.556   -1.821  1.00 16.08 ? 117 LEU A C   1 
ATOM   896  O O   . LEU A 1 117 ? 13.375  2.291   -2.808  1.00 16.59 ? 117 LEU A O   1 
ATOM   897  C CB  . LEU A 1 117 ? 12.785  -0.679  -2.733  1.00 15.88 ? 117 LEU A CB  1 
ATOM   898  C CG  . LEU A 1 117 ? 13.169  -2.079  -3.174  1.00 18.29 ? 117 LEU A CG  1 
ATOM   899  C CD1 . LEU A 1 117 ? 11.962  -2.685  -3.888  1.00 18.35 ? 117 LEU A CD1 1 
ATOM   900  C CD2 . LEU A 1 117 ? 14.390  -2.024  -4.096  1.00 19.30 ? 117 LEU A CD2 1 
ATOM   901  N N   . ALA A 1 118 ? 12.594  1.933   -0.722  1.00 15.92 ? 118 ALA A N   1 
ATOM   902  C CA  . ALA A 1 118 ? 12.048  3.280   -0.576  1.00 15.79 ? 118 ALA A CA  1 
ATOM   903  C C   . ALA A 1 118 ? 13.084  4.402   -0.695  1.00 15.72 ? 118 ALA A C   1 
ATOM   904  O O   . ALA A 1 118 ? 14.185  4.325   -0.151  1.00 14.82 ? 118 ALA A O   1 
ATOM   905  C CB  . ALA A 1 118 ? 11.304  3.395   0.736   1.00 17.13 ? 118 ALA A CB  1 
ATOM   906  N N   . PRO A 1 119 ? 12.727  5.475   -1.423  1.00 17.16 ? 119 PRO A N   1 
ATOM   907  C CA  . PRO A 1 119 ? 13.595  6.641   -1.628  1.00 17.51 ? 119 PRO A CA  1 
ATOM   908  C C   . PRO A 1 119 ? 13.959  7.267   -0.274  1.00 17.74 ? 119 PRO A C   1 
ATOM   909  O O   . PRO A 1 119 ? 15.077  7.776   -0.068  1.00 17.93 ? 119 PRO A O   1 
ATOM   910  C CB  . PRO A 1 119 ? 12.710  7.573   -2.460  1.00 18.87 ? 119 PRO A CB  1 
ATOM   911  C CG  . PRO A 1 119 ? 11.829  6.605   -3.238  1.00 20.47 ? 119 PRO A CG  1 
ATOM   912  C CD  . PRO A 1 119 ? 11.459  5.611   -2.167  1.00 17.61 ? 119 PRO A CD  1 
ATOM   913  N N   . GLU A 1 120 ? 12.974  7.288   0.623   1.00 16.48 ? 120 GLU A N   1 
ATOM   914  C CA  . GLU A 1 120 ? 13.167  7.788   1.965   1.00 16.77 ? 120 GLU A CA  1 
ATOM   915  C C   . GLU A 1 120 ? 12.110  7.186   2.873   1.00 15.77 ? 120 GLU A C   1 
ATOM   916  O O   . GLU A 1 120 ? 11.005  6.863   2.423   1.00 15.08 ? 120 GLU A O   1 
ATOM   917  C CB  . GLU A 1 120 ? 13.123  9.321   2.037   1.00 18.22 ? 120 GLU A CB  1 
ATOM   918  C CG  . GLU A 1 120 ? 13.580  9.822   3.431   1.00 20.80 ? 120 GLU A CG  1 
ATOM   919  C CD  . GLU A 1 120 ? 13.779  11.335  3.545   1.00 23.90 ? 120 GLU A CD  1 
ATOM   920  O OE1 . GLU A 1 120 ? 13.410  12.061  2.599   1.00 24.93 ? 120 GLU A OE1 1 
ATOM   921  O OE2 . GLU A 1 120 ? 14.329  11.790  4.587   1.00 24.24 ? 120 GLU A OE2 1 
ATOM   922  N N   . VAL A 1 121 ? 12.494  6.988   4.131   1.00 15.13 ? 121 VAL A N   1 
ATOM   923  C CA  . VAL A 1 121 ? 11.629  6.447   5.158   1.00 13.63 ? 121 VAL A CA  1 
ATOM   924  C C   . VAL A 1 121 ? 11.503  7.561   6.188   1.00 13.27 ? 121 VAL A C   1 
ATOM   925  O O   . VAL A 1 121 ? 12.507  8.148   6.585   1.00 14.50 ? 121 VAL A O   1 
ATOM   926  C CB  . VAL A 1 121 ? 12.285  5.201   5.794   1.00 14.54 ? 121 VAL A CB  1 
ATOM   927  C CG1 . VAL A 1 121 ? 11.401  4.615   6.880   1.00 13.01 ? 121 VAL A CG1 1 
ATOM   928  C CG2 . VAL A 1 121 ? 12.546  4.158   4.722   1.00 13.69 ? 121 VAL A CG2 1 
ATOM   929  N N   . ILE A 1 122 ? 10.278  7.891   6.576   1.00 13.73 ? 122 ILE A N   1 
ATOM   930  C CA  . ILE A 1 122 ? 10.028  8.962   7.557   1.00 15.33 ? 122 ILE A CA  1 
ATOM   931  C C   . ILE A 1 122 ? 9.499   8.375   8.858   1.00 14.49 ? 122 ILE A C   1 
ATOM   932  O O   . ILE A 1 122 ? 9.784   8.974   9.903   1.00 14.52 ? 122 ILE A O   1 
ATOM   933  C CB  . ILE A 1 122 ? 8.998   10.004  7.015   1.00 17.34 ? 122 ILE A CB  1 
ATOM   934  C CG1 . ILE A 1 122 ? 9.550   10.660  5.747   1.00 19.65 ? 122 ILE A CG1 1 
ATOM   935  C CG2 . ILE A 1 122 ? 8.683   11.079  8.078   1.00 19.00 ? 122 ILE A CG2 1 
ATOM   936  C CD1 . ILE A 1 122 ? 8.539   11.486  5.014   1.00 20.25 ? 122 ILE A CD1 1 
ATOM   937  O OXT . ILE A 1 122 ? 8.832   7.323   8.821   1.00 12.32 ? 122 ILE A OXT 1 
HETATM 938  O O   . HOH B 2 .   ? 2.943   1.051   -11.639 1.00 13.47 ? 200 HOH A O   1 
HETATM 939  O O   . HOH B 2 .   ? 3.624   -3.949  -15.930 1.00 25.54 ? 201 HOH A O   1 
HETATM 940  O O   . HOH B 2 .   ? 5.131   -3.675  -6.172  1.00 15.79 ? 202 HOH A O   1 
HETATM 941  O O   . HOH B 2 .   ? -8.211  6.840   -0.889  1.00 27.17 ? 203 HOH A O   1 
HETATM 942  O O   . HOH B 2 .   ? -6.095  7.670   -4.123  1.00 26.04 ? 204 HOH A O   1 
HETATM 943  O O   . HOH B 2 .   ? -5.193  9.562   -2.249  1.00 17.30 ? 205 HOH A O   1 
HETATM 944  O O   . HOH B 2 .   ? 8.590   -6.049  1.668   1.00 12.68 ? 206 HOH A O   1 
HETATM 945  O O   . HOH B 2 .   ? 10.162  -7.954  2.637   1.00 22.27 ? 207 HOH A O   1 
HETATM 946  O O   . HOH B 2 .   ? 9.211   -9.699  4.285   1.00 49.65 ? 208 HOH A O   1 
HETATM 947  O O   . HOH B 2 .   ? -7.161  5.093   6.487   1.00 19.09 ? 209 HOH A O   1 
HETATM 948  O O   . HOH B 2 .   ? -6.357  7.649   5.088   1.00 9.95  ? 210 HOH A O   1 
HETATM 949  O O   . HOH B 2 .   ? -8.884  8.941   3.403   1.00 28.70 ? 211 HOH A O   1 
HETATM 950  O O   . HOH B 2 .   ? -14.287 -2.657  -4.524  1.00 37.80 ? 212 HOH A O   1 
HETATM 951  O O   . HOH B 2 .   ? -18.513 -0.660  -6.812  1.00 59.22 ? 213 HOH A O   1 
HETATM 952  O O   . HOH B 2 .   ? -15.024 3.951   -5.509  1.00 39.88 ? 214 HOH A O   1 
HETATM 953  O O   . HOH B 2 .   ? -10.816 6.401   1.055   1.00 26.37 ? 215 HOH A O   1 
HETATM 954  O O   . HOH B 2 .   ? -16.863 -1.223  5.135   1.00 38.48 ? 216 HOH A O   1 
HETATM 955  O O   . HOH B 2 .   ? -11.492 6.670   -2.392  1.00 26.14 ? 217 HOH A O   1 
HETATM 956  O O   . HOH B 2 .   ? -4.862  12.400  -3.413  1.00 53.89 ? 218 HOH A O   1 
HETATM 957  O O   . HOH B 2 .   ? 1.631   5.351   -10.004 1.00 45.63 ? 219 HOH A O   1 
HETATM 958  O O   . HOH B 2 .   ? 10.549  0.954   -14.234 1.00 38.60 ? 220 HOH A O   1 
HETATM 959  O O   . HOH B 2 .   ? 1.562   4.802   -18.526 1.00 65.41 ? 221 HOH A O   1 
HETATM 960  O O   . HOH B 2 .   ? -1.458  6.791   -10.085 1.00 58.46 ? 222 HOH A O   1 
HETATM 961  O O   . HOH B 2 .   ? 3.485   2.421   -14.085 1.00 39.91 ? 223 HOH A O   1 
HETATM 962  O O   . HOH B 2 .   ? -15.491 -5.154  2.520   1.00 33.96 ? 224 HOH A O   1 
HETATM 963  O O   . HOH B 2 .   ? -16.291 -5.502  -0.775  1.00 38.56 ? 225 HOH A O   1 
HETATM 964  O O   . HOH B 2 .   ? -14.404 -11.425 4.041   1.00 45.29 ? 226 HOH A O   1 
HETATM 965  O O   . HOH B 2 .   ? -10.603 -9.451  7.154   1.00 20.41 ? 227 HOH A O   1 
HETATM 966  O O   . HOH B 2 .   ? -12.856 -4.991  4.939   1.00 26.08 ? 228 HOH A O   1 
HETATM 967  O O   . HOH B 2 .   ? -3.974  -6.075  7.215   1.00 17.42 ? 229 HOH A O   1 
HETATM 968  O O   . HOH B 2 .   ? -7.046  -12.172 6.849   1.00 30.42 ? 230 HOH A O   1 
HETATM 969  O O   . HOH B 2 .   ? -15.588 -8.946  8.444   1.00 31.59 ? 231 HOH A O   1 
HETATM 970  O O   . HOH B 2 .   ? -13.943 -2.096  4.678   1.00 19.74 ? 232 HOH A O   1 
HETATM 971  O O   . HOH B 2 .   ? -16.385 2.776   13.575  1.00 40.95 ? 233 HOH A O   1 
HETATM 972  O O   . HOH B 2 .   ? -15.459 -8.784  3.396   1.00 31.75 ? 234 HOH A O   1 
HETATM 973  O O   . HOH B 2 .   ? 0.119   -6.102  8.022   1.00 23.69 ? 235 HOH A O   1 
HETATM 974  O O   . HOH B 2 .   ? -0.469  -2.005  10.347  1.00 45.14 ? 236 HOH A O   1 
HETATM 975  O O   . HOH B 2 .   ? -3.803  -0.188  11.238  1.00 28.35 ? 237 HOH A O   1 
HETATM 976  O O   . HOH B 2 .   ? -13.685 -4.081  -7.117  1.00 42.37 ? 238 HOH A O   1 
HETATM 977  O O   . HOH B 2 .   ? -8.947  -13.262 1.669   1.00 48.34 ? 239 HOH A O   1 
HETATM 978  O O   . HOH B 2 .   ? -9.950  1.950   -16.542 1.00 57.73 ? 240 HOH A O   1 
HETATM 979  O O   . HOH B 2 .   ? -4.282  -0.977  -19.257 1.00 23.82 ? 241 HOH A O   1 
HETATM 980  O O   . HOH B 2 .   ? -1.809  -3.921  -18.731 1.00 24.98 ? 242 HOH A O   1 
HETATM 981  O O   . HOH B 2 .   ? 2.747   -0.864  -19.982 1.00 35.30 ? 243 HOH A O   1 
HETATM 982  O O   . HOH B 2 .   ? -16.228 -0.668  12.977  1.00 50.65 ? 244 HOH A O   1 
HETATM 983  O O   . HOH B 2 .   ? -6.507  -7.638  -22.319 1.00 52.54 ? 245 HOH A O   1 
HETATM 984  O O   . HOH B 2 .   ? -4.787  -3.450  -18.471 1.00 24.42 ? 246 HOH A O   1 
HETATM 985  O O   . HOH B 2 .   ? -8.211  -6.652  -18.477 1.00 59.50 ? 247 HOH A O   1 
HETATM 986  O O   . HOH B 2 .   ? -2.399  -9.487  -11.038 1.00 35.08 ? 248 HOH A O   1 
HETATM 987  O O   . HOH B 2 .   ? -7.637  -11.705 -10.689 1.00 17.55 ? 249 HOH A O   1 
HETATM 988  O O   . HOH B 2 .   ? -13.614 3.125   -16.909 1.00 60.50 ? 250 HOH A O   1 
HETATM 989  O O   . HOH B 2 .   ? -9.463  10.252  7.533   1.00 64.39 ? 251 HOH A O   1 
HETATM 990  O O   . HOH B 2 .   ? 2.365   9.119   22.627  1.00 40.88 ? 252 HOH A O   1 
HETATM 991  O O   . HOH B 2 .   ? 1.865   5.067   19.158  1.00 35.76 ? 253 HOH A O   1 
HETATM 992  O O   . HOH B 2 .   ? 6.248   10.209  24.506  1.00 28.17 ? 254 HOH A O   1 
HETATM 993  O O   . HOH B 2 .   ? -4.341  13.091  20.620  1.00 55.56 ? 255 HOH A O   1 
HETATM 994  O O   . HOH B 2 .   ? 2.713   16.016  -3.101  1.00 22.39 ? 256 HOH A O   1 
HETATM 995  O O   . HOH B 2 .   ? 2.609   11.871  0.218   1.00 20.48 ? 257 HOH A O   1 
HETATM 996  O O   . HOH B 2 .   ? -3.453  14.663  4.927   1.00 32.00 ? 258 HOH A O   1 
HETATM 997  O O   . HOH B 2 .   ? 0.554   13.229  -3.834  1.00 20.94 ? 259 HOH A O   1 
HETATM 998  O O   . HOH B 2 .   ? -1.556  12.277  24.592  1.00 62.94 ? 260 HOH A O   1 
HETATM 999  O O   . HOH B 2 .   ? -0.888  -9.401  -5.409  1.00 16.07 ? 261 HOH A O   1 
HETATM 1000 O O   . HOH B 2 .   ? 10.005  -13.735 -3.672  1.00 48.68 ? 262 HOH A O   1 
HETATM 1001 O O   . HOH B 2 .   ? 2.661   -14.650 -4.426  1.00 24.77 ? 263 HOH A O   1 
HETATM 1002 O O   . HOH B 2 .   ? 2.013   -18.234 -3.932  1.00 63.27 ? 264 HOH A O   1 
HETATM 1003 O O   . HOH B 2 .   ? 10.156  -11.440 2.021   1.00 51.62 ? 265 HOH A O   1 
HETATM 1004 O O   . HOH B 2 .   ? 4.785   -15.367 -2.262  1.00 37.91 ? 266 HOH A O   1 
HETATM 1005 O O   . HOH B 2 .   ? 12.380  -9.628  -2.190  1.00 38.51 ? 267 HOH A O   1 
HETATM 1006 O O   . HOH B 2 .   ? 11.108  -8.253  -4.471  1.00 26.90 ? 268 HOH A O   1 
HETATM 1007 O O   . HOH B 2 .   ? -0.304  -10.796 -12.715 1.00 34.45 ? 269 HOH A O   1 
HETATM 1008 O O   . HOH B 2 .   ? 6.748   -10.315 -9.408  1.00 28.24 ? 270 HOH A O   1 
HETATM 1009 O O   . HOH B 2 .   ? 5.187   -8.294  -11.916 1.00 45.68 ? 271 HOH A O   1 
HETATM 1010 O O   . HOH B 2 .   ? 10.249  -4.280  -12.587 1.00 56.28 ? 272 HOH A O   1 
HETATM 1011 O O   . HOH B 2 .   ? 18.744  -1.422  -8.328  1.00 52.04 ? 273 HOH A O   1 
HETATM 1012 O O   . HOH B 2 .   ? 10.338  8.800   -5.680  1.00 25.70 ? 274 HOH A O   1 
HETATM 1013 O O   . HOH B 2 .   ? 6.003   -9.099  11.256  1.00 50.29 ? 275 HOH A O   1 
HETATM 1014 O O   . HOH B 2 .   ? 4.187   4.319   15.353  1.00 16.74 ? 276 HOH A O   1 
HETATM 1015 O O   . HOH B 2 .   ? 14.582  3.711   9.164   1.00 38.24 ? 277 HOH A O   1 
HETATM 1016 O O   . HOH B 2 .   ? 4.527   0.429   14.256  1.00 22.85 ? 278 HOH A O   1 
HETATM 1017 O O   . HOH B 2 .   ? 8.441   -6.340  14.878  1.00 28.99 ? 279 HOH A O   1 
HETATM 1018 O O   . HOH B 2 .   ? 7.895   -12.659 9.966   1.00 27.02 ? 280 HOH A O   1 
HETATM 1019 O O   . HOH B 2 .   ? -13.133 8.335   0.694   1.00 42.40 ? 281 HOH A O   1 
HETATM 1020 O O   . HOH B 2 .   ? 15.571  3.940   2.556   1.00 43.11 ? 282 HOH A O   1 
HETATM 1021 O O   . HOH B 2 .   ? 17.241  3.092   0.279   1.00 60.78 ? 283 HOH A O   1 
HETATM 1022 O O   . HOH B 2 .   ? 12.930  2.087   -5.583  1.00 21.77 ? 284 HOH A O   1 
HETATM 1023 O O   . HOH B 2 .   ? 11.614  13.171  1.085   1.00 33.84 ? 285 HOH A O   1 
HETATM 1024 O O   . HOH B 2 .   ? 13.669  10.515  7.098   1.00 52.50 ? 286 HOH A O   1 
HETATM 1025 O O   . HOH B 2 .   ? -16.631 5.964   -3.896  1.00 57.03 ? 287 HOH A O   1 
HETATM 1026 O O   . HOH B 2 .   ? 6.503   -1.922  -17.905 1.00 68.73 ? 288 HOH A O   1 
HETATM 1027 O O   . HOH B 2 .   ? -14.872 -3.367  -9.512  1.00 35.06 ? 289 HOH A O   1 
HETATM 1028 O O   . HOH B 2 .   ? -9.783  -18.394 2.126   1.00 59.68 ? 290 HOH A O   1 
HETATM 1029 O O   . HOH B 2 .   ? -11.751 -15.217 2.962   1.00 53.79 ? 291 HOH A O   1 
HETATM 1030 O O   . HOH B 2 .   ? -15.203 -14.225 4.997   1.00 56.56 ? 292 HOH A O   1 
HETATM 1031 O O   . HOH B 2 .   ? -1.681  -10.995 12.191  1.00 63.74 ? 293 HOH A O   1 
HETATM 1032 O O   . HOH B 2 .   ? -4.957  -7.414  11.687  1.00 50.99 ? 294 HOH A O   1 
HETATM 1033 O O   . HOH B 2 .   ? -3.528  6.386   18.058  1.00 49.94 ? 295 HOH A O   1 
HETATM 1034 O O   . HOH B 2 .   ? 1.860   -11.829 8.711   1.00 59.74 ? 296 HOH A O   1 
HETATM 1035 O O   . HOH B 2 .   ? 3.444   -14.345 8.252   1.00 45.23 ? 297 HOH A O   1 
HETATM 1036 O O   . HOH B 2 .   ? 1.536   -12.862 -6.279  1.00 45.15 ? 298 HOH A O   1 
HETATM 1037 O O   . HOH B 2 .   ? 10.613  -7.926  -7.957  1.00 42.26 ? 299 HOH A O   1 
HETATM 1038 O O   . HOH B 2 .   ? 14.091  0.902   9.253   1.00 46.45 ? 300 HOH A O   1 
HETATM 1039 O O   . HOH B 2 .   ? -14.258 5.671   -2.396  1.00 37.90 ? 301 HOH A O   1 
HETATM 1040 O O   . HOH B 2 .   ? -13.916 6.002   1.973   1.00 24.17 ? 302 HOH A O   1 
HETATM 1041 O O   . HOH B 2 .   ? 15.593  7.162   4.715   1.00 30.01 ? 303 HOH A O   1 
# 
